data_6I8C
# 
_entry.id   6I8C 
# 
_audit_conform.dict_name       mmcif_pdbx.dic 
_audit_conform.dict_version    5.398 
_audit_conform.dict_location   http://mmcif.pdb.org/dictionaries/ascii/mmcif_pdbx.dic 
# 
loop_
_database_2.database_id 
_database_2.database_code 
_database_2.pdbx_database_accession 
_database_2.pdbx_DOI 
PDB   6I8C         pdb_00006i8c 10.2210/pdb6i8c/pdb 
WWPDB D_1200012225 ?            ?                   
# 
loop_
_pdbx_audit_revision_history.ordinal 
_pdbx_audit_revision_history.data_content_type 
_pdbx_audit_revision_history.major_revision 
_pdbx_audit_revision_history.minor_revision 
_pdbx_audit_revision_history.revision_date 
1 'Structure model' 1 0 2019-10-02 
2 'Structure model' 1 1 2020-02-12 
3 'Structure model' 2 0 2022-04-20 
4 'Structure model' 2 1 2023-03-08 
5 'Structure model' 2 2 2024-02-07 
6 'Structure model' 2 3 2024-11-13 
# 
_pdbx_audit_revision_details.ordinal             1 
_pdbx_audit_revision_details.revision_ordinal    1 
_pdbx_audit_revision_details.data_content_type   'Structure model' 
_pdbx_audit_revision_details.provider            repository 
_pdbx_audit_revision_details.type                'Initial release' 
_pdbx_audit_revision_details.description         ? 
_pdbx_audit_revision_details.details             ? 
# 
loop_
_pdbx_audit_revision_group.ordinal 
_pdbx_audit_revision_group.revision_ordinal 
_pdbx_audit_revision_group.data_content_type 
_pdbx_audit_revision_group.group 
1  2 'Structure model' 'Database references'    
2  3 'Structure model' Advisory                 
3  3 'Structure model' 'Atomic model'           
4  3 'Structure model' 'Data collection'        
5  3 'Structure model' 'Database references'    
6  3 'Structure model' 'Derived calculations'   
7  3 'Structure model' 'Source and taxonomy'    
8  3 'Structure model' 'Structure summary'      
9  4 'Structure model' 'Structure summary'      
10 5 'Structure model' 'Data collection'        
11 5 'Structure model' 'Refinement description' 
12 6 'Structure model' 'Structure summary'      
# 
loop_
_pdbx_audit_revision_category.ordinal 
_pdbx_audit_revision_category.revision_ordinal 
_pdbx_audit_revision_category.data_content_type 
_pdbx_audit_revision_category.category 
1  2 'Structure model' citation                        
2  3 'Structure model' atom_site                       
3  3 'Structure model' database_2                      
4  3 'Structure model' entity                          
5  3 'Structure model' entity_src_gen                  
6  3 'Structure model' pdbx_entity_nonpoly             
7  3 'Structure model' pdbx_nonpoly_scheme             
8  3 'Structure model' pdbx_poly_seq_scheme            
9  3 'Structure model' pdbx_struct_assembly_gen        
10 3 'Structure model' pdbx_unobs_or_zero_occ_atoms    
11 3 'Structure model' pdbx_unobs_or_zero_occ_residues 
12 3 'Structure model' pdbx_validate_close_contact     
13 3 'Structure model' struct_asym                     
14 3 'Structure model' struct_ref_seq                  
15 3 'Structure model' struct_ref_seq_dif              
16 3 'Structure model' struct_site                     
17 3 'Structure model' struct_site_gen                 
18 4 'Structure model' struct                          
19 5 'Structure model' chem_comp_atom                  
20 5 'Structure model' chem_comp_bond                  
21 5 'Structure model' pdbx_initial_refinement_model   
22 6 'Structure model' pdbx_entry_details              
23 6 'Structure model' pdbx_modification_feature       
# 
loop_
_pdbx_audit_revision_item.ordinal 
_pdbx_audit_revision_item.revision_ordinal 
_pdbx_audit_revision_item.data_content_type 
_pdbx_audit_revision_item.item 
1  2 'Structure model' '_citation.journal_volume'                    
2  2 'Structure model' '_citation.page_first'                        
3  2 'Structure model' '_citation.page_last'                         
4  2 'Structure model' '_citation.year'                              
5  3 'Structure model' '_atom_site.auth_seq_id'                      
6  3 'Structure model' '_atom_site.group_PDB'                        
7  3 'Structure model' '_atom_site.label_asym_id'                    
8  3 'Structure model' '_atom_site.label_entity_id'                  
9  3 'Structure model' '_atom_site.label_seq_id'                     
10 3 'Structure model' '_database_2.pdbx_DOI'                        
11 3 'Structure model' '_database_2.pdbx_database_accession'         
12 3 'Structure model' '_entity_src_gen.gene_src_common_name'        
13 3 'Structure model' '_pdbx_poly_seq_scheme.auth_mon_id'           
14 3 'Structure model' '_pdbx_poly_seq_scheme.auth_seq_num'          
15 3 'Structure model' '_pdbx_poly_seq_scheme.pdb_mon_id'            
16 3 'Structure model' '_pdbx_poly_seq_scheme.pdb_seq_num'           
17 3 'Structure model' '_pdbx_struct_assembly_gen.asym_id_list'      
18 3 'Structure model' '_pdbx_unobs_or_zero_occ_atoms.auth_seq_id'   
19 3 'Structure model' '_pdbx_unobs_or_zero_occ_atoms.label_asym_id' 
20 3 'Structure model' '_struct_ref_seq.pdbx_auth_seq_align_end'     
21 3 'Structure model' '_struct_ref_seq_dif.details'                 
22 3 'Structure model' '_struct_site.details'                        
23 3 'Structure model' '_struct_site.pdbx_auth_seq_id'               
24 3 'Structure model' '_struct_site_gen.auth_seq_id'                
25 3 'Structure model' '_struct_site_gen.label_asym_id'              
26 3 'Structure model' '_struct_site_gen.label_seq_id'               
27 4 'Structure model' '_struct.title'                               
# 
_pdbx_database_status.status_code                     REL 
_pdbx_database_status.status_code_sf                  REL 
_pdbx_database_status.status_code_mr                  ? 
_pdbx_database_status.entry_id                        6I8C 
_pdbx_database_status.recvd_initial_deposition_date   2018-11-20 
_pdbx_database_status.SG_entry                        N 
_pdbx_database_status.deposit_site                    PDBE 
_pdbx_database_status.process_site                    PDBE 
_pdbx_database_status.status_code_cs                  ? 
_pdbx_database_status.methods_development_category    ? 
_pdbx_database_status.pdb_format_compatible           Y 
_pdbx_database_status.status_code_nmr_data            ? 
# 
loop_
_audit_author.name 
_audit_author.pdbx_ordinal 
_audit_author.identifier_ORCID 
'Achour, A.'    1 ? 
'Sandalova, T.' 2 ? 
'Ricagno, S.'   3 ? 
'Sun, R.'       4 ? 
# 
_citation.abstract                  ? 
_citation.abstract_id_CAS           ? 
_citation.book_id_ISBN              ? 
_citation.book_publisher            ? 
_citation.book_publisher_city       ? 
_citation.book_title                ? 
_citation.coordinate_linkage        ? 
_citation.country                   UK 
_citation.database_id_Medline       ? 
_citation.details                   ? 
_citation.id                        primary 
_citation.journal_abbrev            'Febs J.' 
_citation.journal_id_ASTM           ? 
_citation.journal_id_CSD            ? 
_citation.journal_id_ISSN           1742-464X 
_citation.journal_full              ? 
_citation.journal_issue             ? 
_citation.journal_volume            287 
_citation.language                  ? 
_citation.page_first                546 
_citation.page_last                 560 
_citation.title                     
;Biochemical and biophysical comparison of human and mouse beta-2 microglobulin reveals the molecular determinants of low amyloid propensity.
;
_citation.year                      2020 
_citation.database_id_CSD           ? 
_citation.pdbx_database_id_DOI      10.1111/febs.15046 
_citation.pdbx_database_id_PubMed   31420997 
_citation.unpublished_flag          ? 
# 
loop_
_citation_author.citation_id 
_citation_author.name 
_citation_author.ordinal 
_citation_author.identifier_ORCID 
primary 'Achour, A.'       1  ?                   
primary 'Broggini, L.'     2  ?                   
primary 'Han, X.'          3  ?                   
primary 'Sun, R.'          4  0000-0002-8203-4946 
primary 'Santambrogio, C.' 5  ?                   
primary 'Buratto, J.'      6  ?                   
primary 'Visentin, C.'     7  ?                   
primary 'Barbiroli, A.'    8  ?                   
primary 'De Luca, C.M.G.'  9  ?                   
primary 'Sormanni, P.'     10 ?                   
primary 'Moda, F.'         11 ?                   
primary 'De Simone, A.'    12 ?                   
primary 'Sandalova, T.'    13 ?                   
primary 'Grandori, R.'     14 ?                   
primary 'Camilloni, C.'    15 ?                   
primary 'Ricagno, S.'      16 0000-0001-6678-5873 
# 
loop_
_entity.id 
_entity.type 
_entity.src_method 
_entity.pdbx_description 
_entity.formula_weight 
_entity.pdbx_number_of_molecules 
_entity.pdbx_ec 
_entity.pdbx_mutation 
_entity.pdbx_fragment 
_entity.details 
1 polymer     man Beta-2-microglobulin 11704.359 1  ? '85D variant' ? ? 
2 non-polymer syn 'TRIETHYLENE GLYCOL' 150.173   1  ? ?             ? ? 
3 water       nat water                18.015    87 ? ?             ? ? 
# 
_entity_poly.entity_id                      1 
_entity_poly.type                           'polypeptide(L)' 
_entity_poly.nstd_linkage                   no 
_entity_poly.nstd_monomer                   no 
_entity_poly.pdbx_seq_one_letter_code       
;IQKTPQIQVYSRHPPENGKPNILNCYVTQFHPPHIEIQMLKNGKKIPKVEMSDMSFSKDWSFYILAHTEFTPTETDTYAC
RVKHDSMAEPKTVYWDRDM
;
_entity_poly.pdbx_seq_one_letter_code_can   
;IQKTPQIQVYSRHPPENGKPNILNCYVTQFHPPHIEIQMLKNGKKIPKVEMSDMSFSKDWSFYILAHTEFTPTETDTYAC
RVKHDSMAEPKTVYWDRDM
;
_entity_poly.pdbx_strand_id                 A 
_entity_poly.pdbx_target_identifier         ? 
# 
loop_
_pdbx_entity_nonpoly.entity_id 
_pdbx_entity_nonpoly.name 
_pdbx_entity_nonpoly.comp_id 
2 'TRIETHYLENE GLYCOL' PGE 
3 water                HOH 
# 
loop_
_entity_poly_seq.entity_id 
_entity_poly_seq.num 
_entity_poly_seq.mon_id 
_entity_poly_seq.hetero 
1 1  ILE n 
1 2  GLN n 
1 3  LYS n 
1 4  THR n 
1 5  PRO n 
1 6  GLN n 
1 7  ILE n 
1 8  GLN n 
1 9  VAL n 
1 10 TYR n 
1 11 SER n 
1 12 ARG n 
1 13 HIS n 
1 14 PRO n 
1 15 PRO n 
1 16 GLU n 
1 17 ASN n 
1 18 GLY n 
1 19 LYS n 
1 20 PRO n 
1 21 ASN n 
1 22 ILE n 
1 23 LEU n 
1 24 ASN n 
1 25 CYS n 
1 26 TYR n 
1 27 VAL n 
1 28 THR n 
1 29 GLN n 
1 30 PHE n 
1 31 HIS n 
1 32 PRO n 
1 33 PRO n 
1 34 HIS n 
1 35 ILE n 
1 36 GLU n 
1 37 ILE n 
1 38 GLN n 
1 39 MET n 
1 40 LEU n 
1 41 LYS n 
1 42 ASN n 
1 43 GLY n 
1 44 LYS n 
1 45 LYS n 
1 46 ILE n 
1 47 PRO n 
1 48 LYS n 
1 49 VAL n 
1 50 GLU n 
1 51 MET n 
1 52 SER n 
1 53 ASP n 
1 54 MET n 
1 55 SER n 
1 56 PHE n 
1 57 SER n 
1 58 LYS n 
1 59 ASP n 
1 60 TRP n 
1 61 SER n 
1 62 PHE n 
1 63 TYR n 
1 64 ILE n 
1 65 LEU n 
1 66 ALA n 
1 67 HIS n 
1 68 THR n 
1 69 GLU n 
1 70 PHE n 
1 71 THR n 
1 72 PRO n 
1 73 THR n 
1 74 GLU n 
1 75 THR n 
1 76 ASP n 
1 77 THR n 
1 78 TYR n 
1 79 ALA n 
1 80 CYS n 
1 81 ARG n 
1 82 VAL n 
1 83 LYS n 
1 84 HIS n 
1 85 ASP n 
1 86 SER n 
1 87 MET n 
1 88 ALA n 
1 89 GLU n 
1 90 PRO n 
1 91 LYS n 
1 92 THR n 
1 93 VAL n 
1 94 TYR n 
1 95 TRP n 
1 96 ASP n 
1 97 ARG n 
1 98 ASP n 
1 99 MET n 
# 
_entity_src_gen.entity_id                          1 
_entity_src_gen.pdbx_src_id                        1 
_entity_src_gen.pdbx_alt_source_flag               sample 
_entity_src_gen.pdbx_seq_type                      'Biological sequence' 
_entity_src_gen.pdbx_beg_seq_num                   1 
_entity_src_gen.pdbx_end_seq_num                   99 
_entity_src_gen.gene_src_common_name               'house mouse' 
_entity_src_gen.gene_src_genus                     ? 
_entity_src_gen.pdbx_gene_src_gene                 B2m 
_entity_src_gen.gene_src_species                   ? 
_entity_src_gen.gene_src_strain                    ? 
_entity_src_gen.gene_src_tissue                    ? 
_entity_src_gen.gene_src_tissue_fraction           ? 
_entity_src_gen.gene_src_details                   ? 
_entity_src_gen.pdbx_gene_src_fragment             ? 
_entity_src_gen.pdbx_gene_src_scientific_name      'Mus musculus' 
_entity_src_gen.pdbx_gene_src_ncbi_taxonomy_id     10090 
_entity_src_gen.pdbx_gene_src_variant              ? 
_entity_src_gen.pdbx_gene_src_cell_line            ? 
_entity_src_gen.pdbx_gene_src_atcc                 ? 
_entity_src_gen.pdbx_gene_src_organ                ? 
_entity_src_gen.pdbx_gene_src_organelle            ? 
_entity_src_gen.pdbx_gene_src_cell                 ? 
_entity_src_gen.pdbx_gene_src_cellular_location    ? 
_entity_src_gen.host_org_common_name               ? 
_entity_src_gen.pdbx_host_org_scientific_name      'Escherichia coli BL21(DE3)' 
_entity_src_gen.pdbx_host_org_ncbi_taxonomy_id     469008 
_entity_src_gen.host_org_genus                     ? 
_entity_src_gen.pdbx_host_org_gene                 ? 
_entity_src_gen.pdbx_host_org_organ                ? 
_entity_src_gen.host_org_species                   ? 
_entity_src_gen.pdbx_host_org_tissue               ? 
_entity_src_gen.pdbx_host_org_tissue_fraction      ? 
_entity_src_gen.pdbx_host_org_strain               ? 
_entity_src_gen.pdbx_host_org_variant              ? 
_entity_src_gen.pdbx_host_org_cell_line            ? 
_entity_src_gen.pdbx_host_org_atcc                 ? 
_entity_src_gen.pdbx_host_org_culture_collection   ? 
_entity_src_gen.pdbx_host_org_cell                 ? 
_entity_src_gen.pdbx_host_org_organelle            ? 
_entity_src_gen.pdbx_host_org_cellular_location    ? 
_entity_src_gen.pdbx_host_org_vector_type          ? 
_entity_src_gen.pdbx_host_org_vector               ? 
_entity_src_gen.host_org_details                   ? 
_entity_src_gen.expression_system_id               ? 
_entity_src_gen.plasmid_name                       ? 
_entity_src_gen.plasmid_details                    ? 
_entity_src_gen.pdbx_description                   ? 
# 
loop_
_chem_comp.id 
_chem_comp.type 
_chem_comp.mon_nstd_flag 
_chem_comp.name 
_chem_comp.pdbx_synonyms 
_chem_comp.formula 
_chem_comp.formula_weight 
ALA 'L-peptide linking' y ALANINE              ? 'C3 H7 N O2'     89.093  
ARG 'L-peptide linking' y ARGININE             ? 'C6 H15 N4 O2 1' 175.209 
ASN 'L-peptide linking' y ASPARAGINE           ? 'C4 H8 N2 O3'    132.118 
ASP 'L-peptide linking' y 'ASPARTIC ACID'      ? 'C4 H7 N O4'     133.103 
CYS 'L-peptide linking' y CYSTEINE             ? 'C3 H7 N O2 S'   121.158 
GLN 'L-peptide linking' y GLUTAMINE            ? 'C5 H10 N2 O3'   146.144 
GLU 'L-peptide linking' y 'GLUTAMIC ACID'      ? 'C5 H9 N O4'     147.129 
GLY 'peptide linking'   y GLYCINE              ? 'C2 H5 N O2'     75.067  
HIS 'L-peptide linking' y HISTIDINE            ? 'C6 H10 N3 O2 1' 156.162 
HOH non-polymer         . WATER                ? 'H2 O'           18.015  
ILE 'L-peptide linking' y ISOLEUCINE           ? 'C6 H13 N O2'    131.173 
LEU 'L-peptide linking' y LEUCINE              ? 'C6 H13 N O2'    131.173 
LYS 'L-peptide linking' y LYSINE               ? 'C6 H15 N2 O2 1' 147.195 
MET 'L-peptide linking' y METHIONINE           ? 'C5 H11 N O2 S'  149.211 
PGE non-polymer         . 'TRIETHYLENE GLYCOL' ? 'C6 H14 O4'      150.173 
PHE 'L-peptide linking' y PHENYLALANINE        ? 'C9 H11 N O2'    165.189 
PRO 'L-peptide linking' y PROLINE              ? 'C5 H9 N O2'     115.130 
SER 'L-peptide linking' y SERINE               ? 'C3 H7 N O3'     105.093 
THR 'L-peptide linking' y THREONINE            ? 'C4 H9 N O3'     119.119 
TRP 'L-peptide linking' y TRYPTOPHAN           ? 'C11 H12 N2 O2'  204.225 
TYR 'L-peptide linking' y TYROSINE             ? 'C9 H11 N O3'    181.189 
VAL 'L-peptide linking' y VALINE               ? 'C5 H11 N O2'    117.146 
# 
loop_
_pdbx_poly_seq_scheme.asym_id 
_pdbx_poly_seq_scheme.entity_id 
_pdbx_poly_seq_scheme.seq_id 
_pdbx_poly_seq_scheme.mon_id 
_pdbx_poly_seq_scheme.ndb_seq_num 
_pdbx_poly_seq_scheme.pdb_seq_num 
_pdbx_poly_seq_scheme.auth_seq_num 
_pdbx_poly_seq_scheme.pdb_mon_id 
_pdbx_poly_seq_scheme.auth_mon_id 
_pdbx_poly_seq_scheme.pdb_strand_id 
_pdbx_poly_seq_scheme.pdb_ins_code 
_pdbx_poly_seq_scheme.hetero 
A 1 1  ILE 1  1   1  ILE ILE A . n 
A 1 2  GLN 2  2   2  GLN GLN A . n 
A 1 3  LYS 3  3   3  LYS LYS A . n 
A 1 4  THR 4  4   4  THR THR A . n 
A 1 5  PRO 5  5   5  PRO PRO A . n 
A 1 6  GLN 6  6   6  GLN GLN A . n 
A 1 7  ILE 7  7   7  ILE ILE A . n 
A 1 8  GLN 8  8   8  GLN GLN A . n 
A 1 9  VAL 9  9   9  VAL VAL A . n 
A 1 10 TYR 10 10  10 TYR TYR A . n 
A 1 11 SER 11 11  11 SER SER A . n 
A 1 12 ARG 12 12  12 ARG ARG A . n 
A 1 13 HIS 13 13  13 HIS HIS A . n 
A 1 14 PRO 14 14  14 PRO PRO A . n 
A 1 15 PRO 15 15  15 PRO PRO A . n 
A 1 16 GLU 16 16  16 GLU GLU A . n 
A 1 17 ASN 17 17  17 ASN ASN A . n 
A 1 18 GLY 18 18  18 GLY GLY A . n 
A 1 19 LYS 19 19  19 LYS LYS A . n 
A 1 20 PRO 20 20  20 PRO PRO A . n 
A 1 21 ASN 21 21  21 ASN ASN A . n 
A 1 22 ILE 22 22  22 ILE ILE A . n 
A 1 23 LEU 23 23  23 LEU LEU A . n 
A 1 24 ASN 24 24  24 ASN ASN A . n 
A 1 25 CYS 25 25  25 CYS CYS A . n 
A 1 26 TYR 26 26  26 TYR TYR A . n 
A 1 27 VAL 27 27  27 VAL VAL A . n 
A 1 28 THR 28 28  28 THR THR A . n 
A 1 29 GLN 29 29  29 GLN GLN A . n 
A 1 30 PHE 30 30  30 PHE PHE A . n 
A 1 31 HIS 31 31  31 HIS HIS A . n 
A 1 32 PRO 32 32  32 PRO PRO A . n 
A 1 33 PRO 33 33  33 PRO PRO A . n 
A 1 34 HIS 34 34  34 HIS HIS A . n 
A 1 35 ILE 35 35  35 ILE ILE A . n 
A 1 36 GLU 36 36  36 GLU GLU A . n 
A 1 37 ILE 37 37  37 ILE ILE A . n 
A 1 38 GLN 38 38  38 GLN GLN A . n 
A 1 39 MET 39 39  39 MET MET A . n 
A 1 40 LEU 40 40  40 LEU LEU A . n 
A 1 41 LYS 41 41  41 LYS LYS A . n 
A 1 42 ASN 42 42  42 ASN ASN A . n 
A 1 43 GLY 43 43  43 GLY GLY A . n 
A 1 44 LYS 44 44  44 LYS LYS A . n 
A 1 45 LYS 45 45  45 LYS LYS A . n 
A 1 46 ILE 46 46  46 ILE ILE A . n 
A 1 47 PRO 47 47  47 PRO PRO A . n 
A 1 48 LYS 48 48  48 LYS LYS A . n 
A 1 49 VAL 49 49  49 VAL VAL A . n 
A 1 50 GLU 50 50  50 GLU GLU A . n 
A 1 51 MET 51 51  51 MET MET A . n 
A 1 52 SER 52 52  52 SER SER A . n 
A 1 53 ASP 53 53  53 ASP ASP A . n 
A 1 54 MET 54 54  54 MET MET A . n 
A 1 55 SER 55 55  55 SER SER A . n 
A 1 56 PHE 56 56  56 PHE PHE A . n 
A 1 57 SER 57 57  57 SER SER A . n 
A 1 58 LYS 58 58  58 LYS LYS A . n 
A 1 59 ASP 59 59  59 ASP ASP A . n 
A 1 60 TRP 60 60  60 TRP TRP A . n 
A 1 61 SER 61 61  61 SER SER A . n 
A 1 62 PHE 62 62  62 PHE PHE A . n 
A 1 63 TYR 63 63  63 TYR TYR A . n 
A 1 64 ILE 64 64  64 ILE ILE A . n 
A 1 65 LEU 65 65  65 LEU LEU A . n 
A 1 66 ALA 66 66  66 ALA ALA A . n 
A 1 67 HIS 67 67  67 HIS HIS A . n 
A 1 68 THR 68 68  68 THR THR A . n 
A 1 69 GLU 69 69  69 GLU GLU A . n 
A 1 70 PHE 70 70  70 PHE PHE A . n 
A 1 71 THR 71 71  71 THR THR A . n 
A 1 72 PRO 72 72  72 PRO PRO A . n 
A 1 73 THR 73 73  73 THR THR A . n 
A 1 74 GLU 74 74  74 GLU GLU A . n 
A 1 75 THR 75 75  75 THR THR A . n 
A 1 76 ASP 76 76  76 ASP ASP A . n 
A 1 77 THR 77 77  77 THR THR A . n 
A 1 78 TYR 78 78  78 TYR TYR A . n 
A 1 79 ALA 79 79  79 ALA ALA A . n 
A 1 80 CYS 80 80  80 CYS CYS A . n 
A 1 81 ARG 81 81  81 ARG ARG A . n 
A 1 82 VAL 82 82  82 VAL VAL A . n 
A 1 83 LYS 83 83  83 LYS LYS A . n 
A 1 84 HIS 84 84  84 HIS HIS A . n 
A 1 85 ASP 85 85  85 ASP ASP A . n 
A 1 86 SER 86 86  86 SER SER A . n 
A 1 87 MET 87 87  87 MET MET A . n 
A 1 88 ALA 88 88  88 ALA ALA A . n 
A 1 89 GLU 89 89  89 GLU GLU A . n 
A 1 90 PRO 90 90  90 PRO PRO A . n 
A 1 91 LYS 91 91  91 LYS LYS A . n 
A 1 92 THR 92 92  92 THR THR A . n 
A 1 93 VAL 93 93  93 VAL VAL A . n 
A 1 94 TYR 94 94  94 TYR TYR A . n 
A 1 95 TRP 95 95  95 TRP TRP A . n 
A 1 96 ASP 96 96  96 ASP ASP A . n 
A 1 97 ARG 97 97  97 ARG ARG A . n 
A 1 98 ASP 98 98  98 ASP ASP A . n 
A 1 99 MET 99 101 99 MET MET A . n 
# 
loop_
_pdbx_nonpoly_scheme.asym_id 
_pdbx_nonpoly_scheme.entity_id 
_pdbx_nonpoly_scheme.mon_id 
_pdbx_nonpoly_scheme.ndb_seq_num 
_pdbx_nonpoly_scheme.pdb_seq_num 
_pdbx_nonpoly_scheme.auth_seq_num 
_pdbx_nonpoly_scheme.pdb_mon_id 
_pdbx_nonpoly_scheme.auth_mon_id 
_pdbx_nonpoly_scheme.pdb_strand_id 
_pdbx_nonpoly_scheme.pdb_ins_code 
B 2 PGE 1  201 1   PGE PGE A . 
C 3 HOH 1  301 128 HOH HOH A . 
C 3 HOH 2  302 127 HOH HOH A . 
C 3 HOH 3  303 84  HOH HOH A . 
C 3 HOH 4  304 20  HOH HOH A . 
C 3 HOH 5  305 55  HOH HOH A . 
C 3 HOH 6  306 111 HOH HOH A . 
C 3 HOH 7  307 78  HOH HOH A . 
C 3 HOH 8  308 101 HOH HOH A . 
C 3 HOH 9  309 88  HOH HOH A . 
C 3 HOH 10 310 58  HOH HOH A . 
C 3 HOH 11 311 49  HOH HOH A . 
C 3 HOH 12 312 35  HOH HOH A . 
C 3 HOH 13 313 16  HOH HOH A . 
C 3 HOH 14 314 52  HOH HOH A . 
C 3 HOH 15 315 27  HOH HOH A . 
C 3 HOH 16 316 59  HOH HOH A . 
C 3 HOH 17 317 39  HOH HOH A . 
C 3 HOH 18 318 51  HOH HOH A . 
C 3 HOH 19 319 53  HOH HOH A . 
C 3 HOH 20 320 65  HOH HOH A . 
C 3 HOH 21 321 33  HOH HOH A . 
C 3 HOH 22 322 54  HOH HOH A . 
C 3 HOH 23 323 28  HOH HOH A . 
C 3 HOH 24 324 46  HOH HOH A . 
C 3 HOH 25 325 34  HOH HOH A . 
C 3 HOH 26 326 6   HOH HOH A . 
C 3 HOH 27 327 80  HOH HOH A . 
C 3 HOH 28 328 45  HOH HOH A . 
C 3 HOH 29 329 71  HOH HOH A . 
C 3 HOH 30 330 60  HOH HOH A . 
C 3 HOH 31 331 24  HOH HOH A . 
C 3 HOH 32 332 3   HOH HOH A . 
C 3 HOH 33 333 29  HOH HOH A . 
C 3 HOH 34 334 66  HOH HOH A . 
C 3 HOH 35 335 11  HOH HOH A . 
C 3 HOH 36 336 116 HOH HOH A . 
C 3 HOH 37 337 5   HOH HOH A . 
C 3 HOH 38 338 76  HOH HOH A . 
C 3 HOH 39 339 25  HOH HOH A . 
C 3 HOH 40 340 44  HOH HOH A . 
C 3 HOH 41 341 47  HOH HOH A . 
C 3 HOH 42 342 43  HOH HOH A . 
C 3 HOH 43 343 22  HOH HOH A . 
C 3 HOH 44 344 18  HOH HOH A . 
C 3 HOH 45 345 82  HOH HOH A . 
C 3 HOH 46 346 30  HOH HOH A . 
C 3 HOH 47 347 50  HOH HOH A . 
C 3 HOH 48 348 2   HOH HOH A . 
C 3 HOH 49 349 31  HOH HOH A . 
C 3 HOH 50 350 23  HOH HOH A . 
C 3 HOH 51 351 1   HOH HOH A . 
C 3 HOH 52 352 125 HOH HOH A . 
C 3 HOH 53 353 9   HOH HOH A . 
C 3 HOH 54 354 21  HOH HOH A . 
C 3 HOH 55 355 48  HOH HOH A . 
C 3 HOH 56 356 7   HOH HOH A . 
C 3 HOH 57 357 122 HOH HOH A . 
C 3 HOH 58 358 14  HOH HOH A . 
C 3 HOH 59 359 15  HOH HOH A . 
C 3 HOH 60 360 13  HOH HOH A . 
C 3 HOH 61 361 74  HOH HOH A . 
C 3 HOH 62 362 61  HOH HOH A . 
C 3 HOH 63 363 106 HOH HOH A . 
C 3 HOH 64 364 99  HOH HOH A . 
C 3 HOH 65 365 12  HOH HOH A . 
C 3 HOH 66 366 8   HOH HOH A . 
C 3 HOH 67 367 42  HOH HOH A . 
C 3 HOH 68 368 40  HOH HOH A . 
C 3 HOH 69 369 10  HOH HOH A . 
C 3 HOH 70 370 4   HOH HOH A . 
C 3 HOH 71 371 26  HOH HOH A . 
C 3 HOH 72 372 87  HOH HOH A . 
C 3 HOH 73 373 95  HOH HOH A . 
C 3 HOH 74 374 83  HOH HOH A . 
C 3 HOH 75 375 123 HOH HOH A . 
C 3 HOH 76 376 62  HOH HOH A . 
C 3 HOH 77 377 56  HOH HOH A . 
C 3 HOH 78 378 19  HOH HOH A . 
C 3 HOH 79 379 115 HOH HOH A . 
C 3 HOH 80 380 57  HOH HOH A . 
C 3 HOH 81 381 36  HOH HOH A . 
C 3 HOH 82 382 119 HOH HOH A . 
C 3 HOH 83 383 126 HOH HOH A . 
C 3 HOH 84 384 69  HOH HOH A . 
C 3 HOH 85 385 117 HOH HOH A . 
C 3 HOH 86 386 37  HOH HOH A . 
C 3 HOH 87 387 118 HOH HOH A . 
# 
loop_
_pdbx_unobs_or_zero_occ_atoms.id 
_pdbx_unobs_or_zero_occ_atoms.PDB_model_num 
_pdbx_unobs_or_zero_occ_atoms.polymer_flag 
_pdbx_unobs_or_zero_occ_atoms.occupancy_flag 
_pdbx_unobs_or_zero_occ_atoms.auth_asym_id 
_pdbx_unobs_or_zero_occ_atoms.auth_comp_id 
_pdbx_unobs_or_zero_occ_atoms.auth_seq_id 
_pdbx_unobs_or_zero_occ_atoms.PDB_ins_code 
_pdbx_unobs_or_zero_occ_atoms.auth_atom_id 
_pdbx_unobs_or_zero_occ_atoms.label_alt_id 
_pdbx_unobs_or_zero_occ_atoms.label_asym_id 
_pdbx_unobs_or_zero_occ_atoms.label_comp_id 
_pdbx_unobs_or_zero_occ_atoms.label_seq_id 
_pdbx_unobs_or_zero_occ_atoms.label_atom_id 
1 1 N 1 A PGE 201 ? C1 ? B PGE 1 C1 
2 1 N 1 A PGE 201 ? O1 ? B PGE 1 O1 
3 1 N 1 A PGE 201 ? C2 ? B PGE 1 C2 
4 1 N 1 A PGE 201 ? O4 ? B PGE 1 O4 
5 1 N 1 A PGE 201 ? C6 ? B PGE 1 C6 
# 
loop_
_software.citation_id 
_software.classification 
_software.compiler_name 
_software.compiler_version 
_software.contact_author 
_software.contact_author_email 
_software.date 
_software.description 
_software.dependencies 
_software.hardware 
_software.language 
_software.location 
_software.mods 
_software.name 
_software.os 
_software.os_version 
_software.type 
_software.version 
_software.pdbx_ordinal 
? refinement       ? ? ? ? ? ? ? ? ? ? ? REFMAC    ? ? ? 5.8.0230 1 
? 'data reduction' ? ? ? ? ? ? ? ? ? ? ? DENZO     ? ? ? .        2 
? 'data scaling'   ? ? ? ? ? ? ? ? ? ? ? SCALEPACK ? ? ? .        3 
? phasing          ? ? ? ? ? ? ? ? ? ? ? AMoRE     ? ? ? .        4 
# 
_cell.angle_alpha                  90.00 
_cell.angle_alpha_esd              ? 
_cell.angle_beta                   90.00 
_cell.angle_beta_esd               ? 
_cell.angle_gamma                  90.00 
_cell.angle_gamma_esd              ? 
_cell.entry_id                     6I8C 
_cell.details                      ? 
_cell.formula_units_Z              ? 
_cell.length_a                     36.242 
_cell.length_a_esd                 ? 
_cell.length_b                     47.603 
_cell.length_b_esd                 ? 
_cell.length_c                     64.937 
_cell.length_c_esd                 ? 
_cell.volume                       ? 
_cell.volume_esd                   ? 
_cell.Z_PDB                        4 
_cell.reciprocal_angle_alpha       ? 
_cell.reciprocal_angle_beta        ? 
_cell.reciprocal_angle_gamma       ? 
_cell.reciprocal_angle_alpha_esd   ? 
_cell.reciprocal_angle_beta_esd    ? 
_cell.reciprocal_angle_gamma_esd   ? 
_cell.reciprocal_length_a          ? 
_cell.reciprocal_length_b          ? 
_cell.reciprocal_length_c          ? 
_cell.reciprocal_length_a_esd      ? 
_cell.reciprocal_length_b_esd      ? 
_cell.reciprocal_length_c_esd      ? 
_cell.pdbx_unique_axis             ? 
# 
_symmetry.entry_id                         6I8C 
_symmetry.cell_setting                     ? 
_symmetry.Int_Tables_number                19 
_symmetry.space_group_name_Hall            ? 
_symmetry.space_group_name_H-M             'P 21 21 21' 
_symmetry.pdbx_full_space_group_name_H-M   ? 
# 
_exptl.absorpt_coefficient_mu     ? 
_exptl.absorpt_correction_T_max   ? 
_exptl.absorpt_correction_T_min   ? 
_exptl.absorpt_correction_type    ? 
_exptl.absorpt_process_details    ? 
_exptl.entry_id                   6I8C 
_exptl.crystals_number            1 
_exptl.details                    ? 
_exptl.method                     'X-RAY DIFFRACTION' 
_exptl.method_details             ? 
# 
_exptl_crystal.colour                      ? 
_exptl_crystal.density_diffrn              ? 
_exptl_crystal.density_Matthews            2.39 
_exptl_crystal.density_method              ? 
_exptl_crystal.density_percent_sol         48.60 
_exptl_crystal.description                 ? 
_exptl_crystal.F_000                       ? 
_exptl_crystal.id                          1 
_exptl_crystal.preparation                 ? 
_exptl_crystal.size_max                    ? 
_exptl_crystal.size_mid                    ? 
_exptl_crystal.size_min                    ? 
_exptl_crystal.size_rad                    ? 
_exptl_crystal.colour_lustre               ? 
_exptl_crystal.colour_modifier             ? 
_exptl_crystal.colour_primary              ? 
_exptl_crystal.density_meas                ? 
_exptl_crystal.density_meas_esd            ? 
_exptl_crystal.density_meas_gt             ? 
_exptl_crystal.density_meas_lt             ? 
_exptl_crystal.density_meas_temp           ? 
_exptl_crystal.density_meas_temp_esd       ? 
_exptl_crystal.density_meas_temp_gt        ? 
_exptl_crystal.density_meas_temp_lt        ? 
_exptl_crystal.pdbx_crystal_image_url      ? 
_exptl_crystal.pdbx_crystal_image_format   ? 
_exptl_crystal.pdbx_mosaicity              ? 
_exptl_crystal.pdbx_mosaicity_esd          ? 
# 
_exptl_crystal_grow.apparatus       ? 
_exptl_crystal_grow.atmosphere      ? 
_exptl_crystal_grow.crystal_id      1 
_exptl_crystal_grow.details         ? 
_exptl_crystal_grow.method          'VAPOR DIFFUSION, HANGING DROP' 
_exptl_crystal_grow.method_ref      ? 
_exptl_crystal_grow.pH              8.0 
_exptl_crystal_grow.pressure        ? 
_exptl_crystal_grow.pressure_esd    ? 
_exptl_crystal_grow.seeding         ? 
_exptl_crystal_grow.seeding_ref     ? 
_exptl_crystal_grow.temp            293 
_exptl_crystal_grow.temp_details    ? 
_exptl_crystal_grow.temp_esd        ? 
_exptl_crystal_grow.time            ? 
_exptl_crystal_grow.pdbx_details    '40% PEG 6000, 100mM Tris' 
_exptl_crystal_grow.pdbx_pH_range   ? 
# 
_diffrn.ambient_environment              ? 
_diffrn.ambient_temp                     100 
_diffrn.ambient_temp_details             ? 
_diffrn.ambient_temp_esd                 ? 
_diffrn.crystal_id                       1 
_diffrn.crystal_support                  ? 
_diffrn.crystal_treatment                ? 
_diffrn.details                          ? 
_diffrn.id                               1 
_diffrn.ambient_pressure                 ? 
_diffrn.ambient_pressure_esd             ? 
_diffrn.ambient_pressure_gt              ? 
_diffrn.ambient_pressure_lt              ? 
_diffrn.ambient_temp_gt                  ? 
_diffrn.ambient_temp_lt                  ? 
_diffrn.pdbx_serial_crystal_experiment   N 
# 
_diffrn_detector.details                      ? 
_diffrn_detector.detector                     'IMAGE PLATE' 
_diffrn_detector.diffrn_id                    1 
_diffrn_detector.type                         'MAR scanner 180 mm plate' 
_diffrn_detector.area_resol_mean              ? 
_diffrn_detector.dtime                        ? 
_diffrn_detector.pdbx_frames_total            ? 
_diffrn_detector.pdbx_collection_time_total   ? 
_diffrn_detector.pdbx_collection_date         2000-03-10 
_diffrn_detector.pdbx_frequency               ? 
# 
_diffrn_radiation.collimation                      ? 
_diffrn_radiation.diffrn_id                        1 
_diffrn_radiation.filter_edge                      ? 
_diffrn_radiation.inhomogeneity                    ? 
_diffrn_radiation.monochromator                    ? 
_diffrn_radiation.polarisn_norm                    ? 
_diffrn_radiation.polarisn_ratio                   ? 
_diffrn_radiation.probe                            ? 
_diffrn_radiation.type                             ? 
_diffrn_radiation.xray_symbol                      ? 
_diffrn_radiation.wavelength_id                    1 
_diffrn_radiation.pdbx_monochromatic_or_laue_m_l   M 
_diffrn_radiation.pdbx_wavelength_list             ? 
_diffrn_radiation.pdbx_wavelength                  ? 
_diffrn_radiation.pdbx_diffrn_protocol             'SINGLE WAVELENGTH' 
_diffrn_radiation.pdbx_analyzer                    ? 
_diffrn_radiation.pdbx_scattering_type             x-ray 
# 
_diffrn_radiation_wavelength.id           1 
_diffrn_radiation_wavelength.wavelength   1.0 
_diffrn_radiation_wavelength.wt           1.0 
# 
_diffrn_source.current                     ? 
_diffrn_source.details                     ? 
_diffrn_source.diffrn_id                   1 
_diffrn_source.power                       ? 
_diffrn_source.size                        ? 
_diffrn_source.source                      SYNCHROTRON 
_diffrn_source.target                      ? 
_diffrn_source.type                        'MAX II BEAMLINE I711' 
_diffrn_source.voltage                     ? 
_diffrn_source.take-off_angle              ? 
_diffrn_source.pdbx_wavelength_list        1.0 
_diffrn_source.pdbx_wavelength             ? 
_diffrn_source.pdbx_synchrotron_beamline   I711 
_diffrn_source.pdbx_synchrotron_site       'MAX II' 
# 
_reflns.B_iso_Wilson_estimate            ? 
_reflns.entry_id                         6I8C 
_reflns.data_reduction_details           ? 
_reflns.data_reduction_method            ? 
_reflns.d_resolution_high                1.92 
_reflns.d_resolution_low                 38.0 
_reflns.details                          ? 
_reflns.limit_h_max                      ? 
_reflns.limit_h_min                      ? 
_reflns.limit_k_max                      ? 
_reflns.limit_k_min                      ? 
_reflns.limit_l_max                      ? 
_reflns.limit_l_min                      ? 
_reflns.number_all                       ? 
_reflns.number_obs                       8882 
_reflns.observed_criterion               ? 
_reflns.observed_criterion_F_max         ? 
_reflns.observed_criterion_F_min         ? 
_reflns.observed_criterion_I_max         ? 
_reflns.observed_criterion_I_min         ? 
_reflns.observed_criterion_sigma_F       ? 
_reflns.observed_criterion_sigma_I       ? 
_reflns.percent_possible_obs             98.6 
_reflns.R_free_details                   ? 
_reflns.Rmerge_F_all                     ? 
_reflns.Rmerge_F_obs                     ? 
_reflns.Friedel_coverage                 ? 
_reflns.number_gt                        ? 
_reflns.threshold_expression             ? 
_reflns.pdbx_redundancy                  4.4 
_reflns.pdbx_Rmerge_I_obs                ? 
_reflns.pdbx_Rmerge_I_all                ? 
_reflns.pdbx_Rsym_value                  0.044 
_reflns.pdbx_netI_over_av_sigmaI         ? 
_reflns.pdbx_netI_over_sigmaI            20.1 
_reflns.pdbx_res_netI_over_av_sigmaI_2   ? 
_reflns.pdbx_res_netI_over_sigmaI_2      ? 
_reflns.pdbx_chi_squared                 ? 
_reflns.pdbx_scaling_rejects             ? 
_reflns.pdbx_d_res_high_opt              ? 
_reflns.pdbx_d_res_low_opt               ? 
_reflns.pdbx_d_res_opt_method            ? 
_reflns.phase_calculation_details        ? 
_reflns.pdbx_Rrim_I_all                  ? 
_reflns.pdbx_Rpim_I_all                  ? 
_reflns.pdbx_d_opt                       ? 
_reflns.pdbx_number_measured_all         ? 
_reflns.pdbx_diffrn_id                   1 
_reflns.pdbx_ordinal                     1 
_reflns.pdbx_CC_half                     ? 
_reflns.pdbx_R_split                     ? 
# 
_reflns_shell.d_res_high                  1.92 
_reflns_shell.d_res_low                   1.95 
_reflns_shell.meanI_over_sigI_all         ? 
_reflns_shell.meanI_over_sigI_obs         ? 
_reflns_shell.number_measured_all         ? 
_reflns_shell.number_measured_obs         ? 
_reflns_shell.number_possible             ? 
_reflns_shell.number_unique_all           ? 
_reflns_shell.number_unique_obs           572 
_reflns_shell.percent_possible_all        96.8 
_reflns_shell.percent_possible_obs        ? 
_reflns_shell.Rmerge_F_all                ? 
_reflns_shell.Rmerge_F_obs                ? 
_reflns_shell.Rmerge_I_all                ? 
_reflns_shell.Rmerge_I_obs                ? 
_reflns_shell.meanI_over_sigI_gt          ? 
_reflns_shell.meanI_over_uI_all           ? 
_reflns_shell.meanI_over_uI_gt            ? 
_reflns_shell.number_measured_gt          ? 
_reflns_shell.number_unique_gt            ? 
_reflns_shell.percent_possible_gt         ? 
_reflns_shell.Rmerge_F_gt                 ? 
_reflns_shell.Rmerge_I_gt                 ? 
_reflns_shell.pdbx_redundancy             4.3 
_reflns_shell.pdbx_Rsym_value             0.132 
_reflns_shell.pdbx_chi_squared            ? 
_reflns_shell.pdbx_netI_over_sigmaI_all   ? 
_reflns_shell.pdbx_netI_over_sigmaI_obs   ? 
_reflns_shell.pdbx_Rrim_I_all             ? 
_reflns_shell.pdbx_Rpim_I_all             ? 
_reflns_shell.pdbx_rejects                ? 
_reflns_shell.pdbx_ordinal                1 
_reflns_shell.pdbx_diffrn_id              1 
_reflns_shell.pdbx_CC_half                ? 
_reflns_shell.pdbx_R_split                ? 
# 
_refine.aniso_B[1][1]                            -0.24 
_refine.aniso_B[1][2]                            -0.00 
_refine.aniso_B[1][3]                            -0.00 
_refine.aniso_B[2][2]                            -1.42 
_refine.aniso_B[2][3]                            0.00 
_refine.aniso_B[3][3]                            1.66 
_refine.B_iso_max                                ? 
_refine.B_iso_mean                               22.423 
_refine.B_iso_min                                ? 
_refine.correlation_coeff_Fo_to_Fc               0.951 
_refine.correlation_coeff_Fo_to_Fc_free          0.936 
_refine.details                                  'HYDROGENS HAVE BEEN ADDED IN THE RIDING POSITIONS' 
_refine.diff_density_max                         ? 
_refine.diff_density_max_esd                     ? 
_refine.diff_density_min                         ? 
_refine.diff_density_min_esd                     ? 
_refine.diff_density_rms                         ? 
_refine.diff_density_rms_esd                     ? 
_refine.entry_id                                 6I8C 
_refine.pdbx_refine_id                           'X-RAY DIFFRACTION' 
_refine.ls_abs_structure_details                 ? 
_refine.ls_abs_structure_Flack                   ? 
_refine.ls_abs_structure_Flack_esd               ? 
_refine.ls_abs_structure_Rogers                  ? 
_refine.ls_abs_structure_Rogers_esd              ? 
_refine.ls_d_res_high                            1.92 
_refine.ls_d_res_low                             28.85 
_refine.ls_extinction_coef                       ? 
_refine.ls_extinction_coef_esd                   ? 
_refine.ls_extinction_expression                 ? 
_refine.ls_extinction_method                     ? 
_refine.ls_goodness_of_fit_all                   ? 
_refine.ls_goodness_of_fit_all_esd               ? 
_refine.ls_goodness_of_fit_obs                   ? 
_refine.ls_goodness_of_fit_obs_esd               ? 
_refine.ls_hydrogen_treatment                    ? 
_refine.ls_matrix_type                           ? 
_refine.ls_number_constraints                    ? 
_refine.ls_number_parameters                     ? 
_refine.ls_number_reflns_all                     ? 
_refine.ls_number_reflns_obs                     8432 
_refine.ls_number_reflns_R_free                  450 
_refine.ls_number_reflns_R_work                  ? 
_refine.ls_number_restraints                     ? 
_refine.ls_percent_reflns_obs                    97.80 
_refine.ls_percent_reflns_R_free                 5.1 
_refine.ls_R_factor_all                          ? 
_refine.ls_R_factor_obs                          0.18528 
_refine.ls_R_factor_R_free                       0.22186 
_refine.ls_R_factor_R_free_error                 ? 
_refine.ls_R_factor_R_free_error_details         ? 
_refine.ls_R_factor_R_work                       0.18318 
_refine.ls_R_Fsqd_factor_obs                     ? 
_refine.ls_R_I_factor_obs                        ? 
_refine.ls_redundancy_reflns_all                 ? 
_refine.ls_redundancy_reflns_obs                 ? 
_refine.ls_restrained_S_all                      ? 
_refine.ls_restrained_S_obs                      ? 
_refine.ls_shift_over_esd_max                    ? 
_refine.ls_shift_over_esd_mean                   ? 
_refine.ls_structure_factor_coef                 ? 
_refine.ls_weighting_details                     ? 
_refine.ls_weighting_scheme                      ? 
_refine.ls_wR_factor_all                         ? 
_refine.ls_wR_factor_obs                         ? 
_refine.ls_wR_factor_R_free                      ? 
_refine.ls_wR_factor_R_work                      ? 
_refine.occupancy_max                            ? 
_refine.occupancy_min                            ? 
_refine.solvent_model_details                    ? 
_refine.solvent_model_param_bsol                 ? 
_refine.solvent_model_param_ksol                 ? 
_refine.ls_R_factor_gt                           ? 
_refine.ls_goodness_of_fit_gt                    ? 
_refine.ls_goodness_of_fit_ref                   ? 
_refine.ls_shift_over_su_max                     ? 
_refine.ls_shift_over_su_max_lt                  ? 
_refine.ls_shift_over_su_mean                    ? 
_refine.ls_shift_over_su_mean_lt                 ? 
_refine.pdbx_ls_sigma_I                          ? 
_refine.pdbx_ls_sigma_F                          ? 
_refine.pdbx_ls_sigma_Fsqd                       ? 
_refine.pdbx_data_cutoff_high_absF               ? 
_refine.pdbx_data_cutoff_high_rms_absF           ? 
_refine.pdbx_data_cutoff_low_absF                ? 
_refine.pdbx_isotropic_thermal_model             ? 
_refine.pdbx_ls_cross_valid_method               THROUGHOUT 
_refine.pdbx_method_to_determine_struct          'MOLECULAR REPLACEMENT' 
_refine.pdbx_starting_model                      1BII 
_refine.pdbx_stereochemistry_target_values       ? 
_refine.pdbx_R_Free_selection_details            RANDOM 
_refine.pdbx_stereochem_target_val_spec_case     ? 
_refine.pdbx_overall_ESU_R                       0.160 
_refine.pdbx_overall_ESU_R_Free                  0.145 
_refine.pdbx_solvent_vdw_probe_radii             1.20 
_refine.pdbx_solvent_ion_probe_radii             0.80 
_refine.pdbx_solvent_shrinkage_radii             0.80 
_refine.pdbx_real_space_R                        ? 
_refine.pdbx_density_correlation                 ? 
_refine.pdbx_pd_number_of_powder_patterns        ? 
_refine.pdbx_pd_number_of_points                 ? 
_refine.pdbx_pd_meas_number_of_points            ? 
_refine.pdbx_pd_proc_ls_prof_R_factor            ? 
_refine.pdbx_pd_proc_ls_prof_wR_factor           ? 
_refine.pdbx_pd_Marquardt_correlation_coeff      ? 
_refine.pdbx_pd_Fsqrd_R_factor                   ? 
_refine.pdbx_pd_ls_matrix_band_width             ? 
_refine.pdbx_overall_phase_error                 ? 
_refine.pdbx_overall_SU_R_free_Cruickshank_DPI   ? 
_refine.pdbx_overall_SU_R_free_Blow_DPI          ? 
_refine.pdbx_overall_SU_R_Blow_DPI               ? 
_refine.pdbx_TLS_residual_ADP_flag               ? 
_refine.pdbx_diffrn_id                           1 
_refine.overall_SU_B                             3.017 
_refine.overall_SU_ML                            0.090 
_refine.overall_SU_R_Cruickshank_DPI             ? 
_refine.overall_SU_R_free                        ? 
_refine.overall_FOM_free_R_set                   ? 
_refine.overall_FOM_work_R_set                   ? 
_refine.pdbx_average_fsc_overall                 ? 
_refine.pdbx_average_fsc_work                    ? 
_refine.pdbx_average_fsc_free                    ? 
# 
_refine_hist.pdbx_refine_id                   'X-RAY DIFFRACTION' 
_refine_hist.cycle_id                         1 
_refine_hist.pdbx_number_atoms_protein        812 
_refine_hist.pdbx_number_atoms_nucleic_acid   0 
_refine_hist.pdbx_number_atoms_ligand         14 
_refine_hist.number_atoms_solvent             87 
_refine_hist.number_atoms_total               913 
_refine_hist.d_res_high                       1.92 
_refine_hist.d_res_low                        28.85 
# 
loop_
_refine_ls_restr.pdbx_refine_id 
_refine_ls_restr.criterion 
_refine_ls_restr.dev_ideal 
_refine_ls_restr.dev_ideal_target 
_refine_ls_restr.number 
_refine_ls_restr.rejects 
_refine_ls_restr.type 
_refine_ls_restr.weight 
_refine_ls_restr.pdbx_restraint_function 
'X-RAY DIFFRACTION' ? 0.007  0.014  874  ? r_bond_refined_d             ? ? 
'X-RAY DIFFRACTION' ? 0.001  0.017  782  ? r_bond_other_d               ? ? 
'X-RAY DIFFRACTION' ? 1.152  1.685  1183 ? r_angle_refined_deg          ? ? 
'X-RAY DIFFRACTION' ? 0.803  1.650  1850 ? r_angle_other_deg            ? ? 
'X-RAY DIFFRACTION' ? 7.529  5.000  102  ? r_dihedral_angle_1_deg       ? ? 
'X-RAY DIFFRACTION' ? 34.651 23.488 43   ? r_dihedral_angle_2_deg       ? ? 
'X-RAY DIFFRACTION' ? 14.427 15.000 160  ? r_dihedral_angle_3_deg       ? ? 
'X-RAY DIFFRACTION' ? 3.970  15.000 3    ? r_dihedral_angle_4_deg       ? ? 
'X-RAY DIFFRACTION' ? 0.056  0.200  115  ? r_chiral_restr               ? ? 
'X-RAY DIFFRACTION' ? 0.006  0.020  936  ? r_gen_planes_refined         ? ? 
'X-RAY DIFFRACTION' ? 0.001  0.020  156  ? r_gen_planes_other           ? ? 
'X-RAY DIFFRACTION' ? ?      ?      ?    ? r_nbd_refined                ? ? 
'X-RAY DIFFRACTION' ? ?      ?      ?    ? r_nbd_other                  ? ? 
'X-RAY DIFFRACTION' ? ?      ?      ?    ? r_nbtor_refined              ? ? 
'X-RAY DIFFRACTION' ? ?      ?      ?    ? r_nbtor_other                ? ? 
'X-RAY DIFFRACTION' ? ?      ?      ?    ? r_xyhbond_nbd_refined        ? ? 
'X-RAY DIFFRACTION' ? ?      ?      ?    ? r_xyhbond_nbd_other          ? ? 
'X-RAY DIFFRACTION' ? ?      ?      ?    ? r_metal_ion_refined          ? ? 
'X-RAY DIFFRACTION' ? ?      ?      ?    ? r_metal_ion_other            ? ? 
'X-RAY DIFFRACTION' ? ?      ?      ?    ? r_symmetry_vdw_refined       ? ? 
'X-RAY DIFFRACTION' ? ?      ?      ?    ? r_symmetry_vdw_other         ? ? 
'X-RAY DIFFRACTION' ? ?      ?      ?    ? r_symmetry_hbond_refined     ? ? 
'X-RAY DIFFRACTION' ? ?      ?      ?    ? r_symmetry_hbond_other       ? ? 
'X-RAY DIFFRACTION' ? ?      ?      ?    ? r_symmetry_metal_ion_refined ? ? 
'X-RAY DIFFRACTION' ? ?      ?      ?    ? r_symmetry_metal_ion_other   ? ? 
'X-RAY DIFFRACTION' ? 1.544  2.038  402  ? r_mcbond_it                  ? ? 
'X-RAY DIFFRACTION' ? 1.542  2.035  401  ? r_mcbond_other               ? ? 
'X-RAY DIFFRACTION' ? 2.454  3.025  500  ? r_mcangle_it                 ? ? 
'X-RAY DIFFRACTION' ? 2.452  3.030  501  ? r_mcangle_other              ? ? 
'X-RAY DIFFRACTION' ? 2.038  2.365  472  ? r_scbond_it                  ? ? 
'X-RAY DIFFRACTION' ? 2.038  2.365  472  ? r_scbond_other               ? ? 
'X-RAY DIFFRACTION' ? ?      ?      ?    ? r_scangle_it                 ? ? 
'X-RAY DIFFRACTION' ? 3.256  3.435  682  ? r_scangle_other              ? ? 
'X-RAY DIFFRACTION' ? 5.511  24.336 931  ? r_long_range_B_refined       ? ? 
'X-RAY DIFFRACTION' ? 5.508  24.364 932  ? r_long_range_B_other         ? ? 
'X-RAY DIFFRACTION' ? ?      ?      ?    ? r_rigid_bond_restr           ? ? 
'X-RAY DIFFRACTION' ? ?      ?      ?    ? r_sphericity_free            ? ? 
'X-RAY DIFFRACTION' ? ?      ?      ?    ? r_sphericity_bonded          ? ? 
# 
_refine_ls_shell.pdbx_refine_id                   'X-RAY DIFFRACTION' 
_refine_ls_shell.d_res_high                       1.916 
_refine_ls_shell.d_res_low                        1.966 
_refine_ls_shell.number_reflns_all                ? 
_refine_ls_shell.number_reflns_obs                ? 
_refine_ls_shell.number_reflns_R_free             35 
_refine_ls_shell.number_reflns_R_work             589 
_refine_ls_shell.percent_reflns_obs               96.45 
_refine_ls_shell.percent_reflns_R_free            ? 
_refine_ls_shell.R_factor_all                     ? 
_refine_ls_shell.R_factor_obs                     ? 
_refine_ls_shell.R_factor_R_free                  0.247 
_refine_ls_shell.R_factor_R_free_error            ? 
_refine_ls_shell.R_factor_R_work                  0.176 
_refine_ls_shell.redundancy_reflns_all            ? 
_refine_ls_shell.redundancy_reflns_obs            ? 
_refine_ls_shell.wR_factor_all                    ? 
_refine_ls_shell.wR_factor_obs                    ? 
_refine_ls_shell.wR_factor_R_free                 ? 
_refine_ls_shell.wR_factor_R_work                 ? 
_refine_ls_shell.pdbx_total_number_of_bins_used   20 
_refine_ls_shell.pdbx_phase_error                 ? 
_refine_ls_shell.pdbx_fsc_work                    ? 
_refine_ls_shell.pdbx_fsc_free                    ? 
# 
_struct.entry_id                     6I8C 
_struct.title                        'Crystal structure of the murine beta-2-microglobulin.' 
_struct.pdbx_model_details           ? 
_struct.pdbx_formula_weight          ? 
_struct.pdbx_formula_weight_method   ? 
_struct.pdbx_model_type_details      ? 
_struct.pdbx_CASP_flag               N 
# 
_struct_keywords.entry_id        6I8C 
_struct_keywords.text            'MHC class I, beta-2-microglobulin, protein aggregation, immune system' 
_struct_keywords.pdbx_keywords   'IMMUNE SYSTEM' 
# 
loop_
_struct_asym.id 
_struct_asym.pdbx_blank_PDB_chainid_flag 
_struct_asym.pdbx_modified 
_struct_asym.entity_id 
_struct_asym.details 
A N N 1 ? 
B N N 2 ? 
C N N 3 ? 
# 
_struct_ref.id                         1 
_struct_ref.db_name                    UNP 
_struct_ref.db_code                    B2MG_MOUSE 
_struct_ref.pdbx_db_accession          P01887 
_struct_ref.pdbx_db_isoform            ? 
_struct_ref.entity_id                  1 
_struct_ref.pdbx_seq_one_letter_code   
;IQKTPQIQVYSRHPPENGKPNILNCYVTQFHPPHIEIQMLKNGKKIPKVEMSDMSFSKDWSFYILAHTEFTPTETDTYAC
RVKHASMAEPKTVYWDRDM
;
_struct_ref.pdbx_align_begin           21 
# 
_struct_ref_seq.align_id                      1 
_struct_ref_seq.ref_id                        1 
_struct_ref_seq.pdbx_PDB_id_code              6I8C 
_struct_ref_seq.pdbx_strand_id                A 
_struct_ref_seq.seq_align_beg                 1 
_struct_ref_seq.pdbx_seq_align_beg_ins_code   ? 
_struct_ref_seq.seq_align_end                 99 
_struct_ref_seq.pdbx_seq_align_end_ins_code   ? 
_struct_ref_seq.pdbx_db_accession             P01887 
_struct_ref_seq.db_align_beg                  21 
_struct_ref_seq.pdbx_db_align_beg_ins_code    ? 
_struct_ref_seq.db_align_end                  119 
_struct_ref_seq.pdbx_db_align_end_ins_code    ? 
_struct_ref_seq.pdbx_auth_seq_align_beg       1 
_struct_ref_seq.pdbx_auth_seq_align_end       101 
# 
_struct_ref_seq_dif.align_id                     1 
_struct_ref_seq_dif.pdbx_pdb_id_code             6I8C 
_struct_ref_seq_dif.mon_id                       ASP 
_struct_ref_seq_dif.pdbx_pdb_strand_id           A 
_struct_ref_seq_dif.seq_num                      85 
_struct_ref_seq_dif.pdbx_pdb_ins_code            ? 
_struct_ref_seq_dif.pdbx_seq_db_name             UNP 
_struct_ref_seq_dif.pdbx_seq_db_accession_code   P01887 
_struct_ref_seq_dif.db_mon_id                    ALA 
_struct_ref_seq_dif.pdbx_seq_db_seq_num          105 
_struct_ref_seq_dif.details                      'engineered mutation' 
_struct_ref_seq_dif.pdbx_auth_seq_num            85 
_struct_ref_seq_dif.pdbx_ordinal                 1 
# 
_pdbx_struct_assembly.id                   1 
_pdbx_struct_assembly.details              author_and_software_defined_assembly 
_pdbx_struct_assembly.method_details       PISA 
_pdbx_struct_assembly.oligomeric_details   monomeric 
_pdbx_struct_assembly.oligomeric_count     1 
# 
loop_
_pdbx_struct_assembly_prop.biol_id 
_pdbx_struct_assembly_prop.type 
_pdbx_struct_assembly_prop.value 
_pdbx_struct_assembly_prop.details 
1 'ABSA (A^2)' 170  ? 
1 MORE         3    ? 
1 'SSA (A^2)'  6460 ? 
# 
_pdbx_struct_assembly_gen.assembly_id       1 
_pdbx_struct_assembly_gen.oper_expression   1 
_pdbx_struct_assembly_gen.asym_id_list      A,B,C 
# 
_pdbx_struct_assembly_auth_evidence.id                     1 
_pdbx_struct_assembly_auth_evidence.assembly_id            1 
_pdbx_struct_assembly_auth_evidence.experimental_support   'gel filtration' 
_pdbx_struct_assembly_auth_evidence.details                ? 
# 
_pdbx_struct_oper_list.id                   1 
_pdbx_struct_oper_list.type                 'identity operation' 
_pdbx_struct_oper_list.name                 1_555 
_pdbx_struct_oper_list.symmetry_operation   x,y,z 
_pdbx_struct_oper_list.matrix[1][1]         1.0000000000 
_pdbx_struct_oper_list.matrix[1][2]         0.0000000000 
_pdbx_struct_oper_list.matrix[1][3]         0.0000000000 
_pdbx_struct_oper_list.vector[1]            0.0000000000 
_pdbx_struct_oper_list.matrix[2][1]         0.0000000000 
_pdbx_struct_oper_list.matrix[2][2]         1.0000000000 
_pdbx_struct_oper_list.matrix[2][3]         0.0000000000 
_pdbx_struct_oper_list.vector[2]            0.0000000000 
_pdbx_struct_oper_list.matrix[3][1]         0.0000000000 
_pdbx_struct_oper_list.matrix[3][2]         0.0000000000 
_pdbx_struct_oper_list.matrix[3][3]         1.0000000000 
_pdbx_struct_oper_list.vector[3]            0.0000000000 
# 
_struct_conn.id                            disulf1 
_struct_conn.conn_type_id                  disulf 
_struct_conn.pdbx_leaving_atom_flag        ? 
_struct_conn.pdbx_PDB_id                   ? 
_struct_conn.ptnr1_label_asym_id           A 
_struct_conn.ptnr1_label_comp_id           CYS 
_struct_conn.ptnr1_label_seq_id            25 
_struct_conn.ptnr1_label_atom_id           SG 
_struct_conn.pdbx_ptnr1_label_alt_id       ? 
_struct_conn.pdbx_ptnr1_PDB_ins_code       ? 
_struct_conn.pdbx_ptnr1_standard_comp_id   ? 
_struct_conn.ptnr1_symmetry                1_555 
_struct_conn.ptnr2_label_asym_id           A 
_struct_conn.ptnr2_label_comp_id           CYS 
_struct_conn.ptnr2_label_seq_id            80 
_struct_conn.ptnr2_label_atom_id           SG 
_struct_conn.pdbx_ptnr2_label_alt_id       ? 
_struct_conn.pdbx_ptnr2_PDB_ins_code       ? 
_struct_conn.ptnr1_auth_asym_id            A 
_struct_conn.ptnr1_auth_comp_id            CYS 
_struct_conn.ptnr1_auth_seq_id             25 
_struct_conn.ptnr2_auth_asym_id            A 
_struct_conn.ptnr2_auth_comp_id            CYS 
_struct_conn.ptnr2_auth_seq_id             80 
_struct_conn.ptnr2_symmetry                1_555 
_struct_conn.pdbx_ptnr3_label_atom_id      ? 
_struct_conn.pdbx_ptnr3_label_seq_id       ? 
_struct_conn.pdbx_ptnr3_label_comp_id      ? 
_struct_conn.pdbx_ptnr3_label_asym_id      ? 
_struct_conn.pdbx_ptnr3_label_alt_id       ? 
_struct_conn.pdbx_ptnr3_PDB_ins_code       ? 
_struct_conn.details                       ? 
_struct_conn.pdbx_dist_value               2.022 
_struct_conn.pdbx_value_order              ? 
_struct_conn.pdbx_role                     ? 
# 
_struct_conn_type.id          disulf 
_struct_conn_type.criteria    ? 
_struct_conn_type.reference   ? 
# 
_pdbx_modification_feature.ordinal                            1 
_pdbx_modification_feature.label_comp_id                      CYS 
_pdbx_modification_feature.label_asym_id                      A 
_pdbx_modification_feature.label_seq_id                       25 
_pdbx_modification_feature.label_alt_id                       ? 
_pdbx_modification_feature.modified_residue_label_comp_id     CYS 
_pdbx_modification_feature.modified_residue_label_asym_id     A 
_pdbx_modification_feature.modified_residue_label_seq_id      80 
_pdbx_modification_feature.modified_residue_label_alt_id      ? 
_pdbx_modification_feature.auth_comp_id                       CYS 
_pdbx_modification_feature.auth_asym_id                       A 
_pdbx_modification_feature.auth_seq_id                        25 
_pdbx_modification_feature.PDB_ins_code                       ? 
_pdbx_modification_feature.symmetry                           1_555 
_pdbx_modification_feature.modified_residue_auth_comp_id      CYS 
_pdbx_modification_feature.modified_residue_auth_asym_id      A 
_pdbx_modification_feature.modified_residue_auth_seq_id       80 
_pdbx_modification_feature.modified_residue_PDB_ins_code      ? 
_pdbx_modification_feature.modified_residue_symmetry          1_555 
_pdbx_modification_feature.comp_id_linking_atom               SG 
_pdbx_modification_feature.modified_residue_id_linking_atom   SG 
_pdbx_modification_feature.modified_residue_id                . 
_pdbx_modification_feature.ref_pcm_id                         . 
_pdbx_modification_feature.ref_comp_id                        . 
_pdbx_modification_feature.type                               None 
_pdbx_modification_feature.category                           'Disulfide bridge' 
# 
_struct_mon_prot_cis.pdbx_id                1 
_struct_mon_prot_cis.label_comp_id          HIS 
_struct_mon_prot_cis.label_seq_id           31 
_struct_mon_prot_cis.label_asym_id          A 
_struct_mon_prot_cis.label_alt_id           . 
_struct_mon_prot_cis.pdbx_PDB_ins_code      ? 
_struct_mon_prot_cis.auth_comp_id           HIS 
_struct_mon_prot_cis.auth_seq_id            31 
_struct_mon_prot_cis.auth_asym_id           A 
_struct_mon_prot_cis.pdbx_label_comp_id_2   PRO 
_struct_mon_prot_cis.pdbx_label_seq_id_2    32 
_struct_mon_prot_cis.pdbx_label_asym_id_2   A 
_struct_mon_prot_cis.pdbx_PDB_ins_code_2    ? 
_struct_mon_prot_cis.pdbx_auth_comp_id_2    PRO 
_struct_mon_prot_cis.pdbx_auth_seq_id_2     32 
_struct_mon_prot_cis.pdbx_auth_asym_id_2    A 
_struct_mon_prot_cis.pdbx_PDB_model_num     1 
_struct_mon_prot_cis.pdbx_omega_angle       10.88 
# 
loop_
_struct_sheet.id 
_struct_sheet.type 
_struct_sheet.number_strands 
_struct_sheet.details 
AA1 ? 4 ? 
AA2 ? 4 ? 
AA3 ? 4 ? 
# 
loop_
_struct_sheet_order.sheet_id 
_struct_sheet_order.range_id_1 
_struct_sheet_order.range_id_2 
_struct_sheet_order.offset 
_struct_sheet_order.sense 
AA1 1 2 ? anti-parallel 
AA1 2 3 ? anti-parallel 
AA1 3 4 ? anti-parallel 
AA2 1 2 ? anti-parallel 
AA2 2 3 ? anti-parallel 
AA2 3 4 ? anti-parallel 
AA3 1 2 ? anti-parallel 
AA3 2 3 ? anti-parallel 
AA3 3 4 ? anti-parallel 
# 
loop_
_struct_sheet_range.sheet_id 
_struct_sheet_range.id 
_struct_sheet_range.beg_label_comp_id 
_struct_sheet_range.beg_label_asym_id 
_struct_sheet_range.beg_label_seq_id 
_struct_sheet_range.pdbx_beg_PDB_ins_code 
_struct_sheet_range.end_label_comp_id 
_struct_sheet_range.end_label_asym_id 
_struct_sheet_range.end_label_seq_id 
_struct_sheet_range.pdbx_end_PDB_ins_code 
_struct_sheet_range.beg_auth_comp_id 
_struct_sheet_range.beg_auth_asym_id 
_struct_sheet_range.beg_auth_seq_id 
_struct_sheet_range.end_auth_comp_id 
_struct_sheet_range.end_auth_asym_id 
_struct_sheet_range.end_auth_seq_id 
AA1 1 GLN A 6  ? SER A 11 ? GLN A 6  SER A 11 
AA1 2 ASN A 21 ? PHE A 30 ? ASN A 21 PHE A 30 
AA1 3 SER A 61 ? PHE A 70 ? SER A 61 PHE A 70 
AA1 4 GLU A 50 ? MET A 51 ? GLU A 50 MET A 51 
AA2 1 GLN A 6  ? SER A 11 ? GLN A 6  SER A 11 
AA2 2 ASN A 21 ? PHE A 30 ? ASN A 21 PHE A 30 
AA2 3 SER A 61 ? PHE A 70 ? SER A 61 PHE A 70 
AA2 4 SER A 55 ? SER A 57 ? SER A 55 SER A 57 
AA3 1 LYS A 44 ? LYS A 45 ? LYS A 44 LYS A 45 
AA3 2 GLU A 36 ? LYS A 41 ? GLU A 36 LYS A 41 
AA3 3 TYR A 78 ? LYS A 83 ? TYR A 78 LYS A 83 
AA3 4 LYS A 91 ? TYR A 94 ? LYS A 91 TYR A 94 
# 
loop_
_pdbx_struct_sheet_hbond.sheet_id 
_pdbx_struct_sheet_hbond.range_id_1 
_pdbx_struct_sheet_hbond.range_id_2 
_pdbx_struct_sheet_hbond.range_1_label_atom_id 
_pdbx_struct_sheet_hbond.range_1_label_comp_id 
_pdbx_struct_sheet_hbond.range_1_label_asym_id 
_pdbx_struct_sheet_hbond.range_1_label_seq_id 
_pdbx_struct_sheet_hbond.range_1_PDB_ins_code 
_pdbx_struct_sheet_hbond.range_1_auth_atom_id 
_pdbx_struct_sheet_hbond.range_1_auth_comp_id 
_pdbx_struct_sheet_hbond.range_1_auth_asym_id 
_pdbx_struct_sheet_hbond.range_1_auth_seq_id 
_pdbx_struct_sheet_hbond.range_2_label_atom_id 
_pdbx_struct_sheet_hbond.range_2_label_comp_id 
_pdbx_struct_sheet_hbond.range_2_label_asym_id 
_pdbx_struct_sheet_hbond.range_2_label_seq_id 
_pdbx_struct_sheet_hbond.range_2_PDB_ins_code 
_pdbx_struct_sheet_hbond.range_2_auth_atom_id 
_pdbx_struct_sheet_hbond.range_2_auth_comp_id 
_pdbx_struct_sheet_hbond.range_2_auth_asym_id 
_pdbx_struct_sheet_hbond.range_2_auth_seq_id 
AA1 1 2 N GLN A 8  ? N GLN A 8  O TYR A 26 ? O TYR A 26 
AA1 2 3 N LEU A 23 ? N LEU A 23 O THR A 68 ? O THR A 68 
AA1 3 4 O HIS A 67 ? O HIS A 67 N GLU A 50 ? N GLU A 50 
AA2 1 2 N GLN A 8  ? N GLN A 8  O TYR A 26 ? O TYR A 26 
AA2 2 3 N LEU A 23 ? N LEU A 23 O THR A 68 ? O THR A 68 
AA2 3 4 O SER A 61 ? O SER A 61 N SER A 57 ? N SER A 57 
AA3 1 2 O LYS A 44 ? O LYS A 44 N LYS A 41 ? N LYS A 41 
AA3 2 3 N GLN A 38 ? N GLN A 38 O ARG A 81 ? O ARG A 81 
AA3 3 4 N CYS A 80 ? N CYS A 80 O VAL A 93 ? O VAL A 93 
# 
loop_
_struct_site.id 
_struct_site.pdbx_evidence_code 
_struct_site.pdbx_auth_asym_id 
_struct_site.pdbx_auth_comp_id 
_struct_site.pdbx_auth_seq_id 
_struct_site.pdbx_auth_ins_code 
_struct_site.pdbx_num_residues 
_struct_site.details 
AC1 Software A MET 101 ? 8 'binding site for residue MET A 101' 
AC2 Software A PGE 201 ? 6 'binding site for residue PGE A 201' 
# 
loop_
_struct_site_gen.id 
_struct_site_gen.site_id 
_struct_site_gen.pdbx_num_res 
_struct_site_gen.label_comp_id 
_struct_site_gen.label_asym_id 
_struct_site_gen.label_seq_id 
_struct_site_gen.pdbx_auth_ins_code 
_struct_site_gen.auth_comp_id 
_struct_site_gen.auth_asym_id 
_struct_site_gen.auth_seq_id 
_struct_site_gen.label_atom_id 
_struct_site_gen.label_alt_id 
_struct_site_gen.symmetry 
_struct_site_gen.details 
1  AC1 8 TYR A 10 ? TYR A 10  . ? 1_555 ? 
2  AC1 8 PHE A 56 ? PHE A 56  . ? 4_455 ? 
3  AC1 8 LYS A 58 ? LYS A 58  . ? 4_455 ? 
4  AC1 8 ASP A 96 ? ASP A 96  . ? 1_555 ? 
5  AC1 8 ARG A 97 ? ARG A 97  . ? 1_555 ? 
6  AC1 8 ASP A 98 ? ASP A 98  . ? 1_555 ? 
7  AC1 8 PGE B .  ? PGE A 201 . ? 4_465 ? 
8  AC1 8 HOH C .  ? HOH A 338 . ? 1_555 ? 
9  AC2 6 ASN A 42 ? ASN A 42  . ? 1_555 ? 
10 AC2 6 LYS A 58 ? LYS A 58  . ? 1_565 ? 
11 AC2 6 THR A 75 ? THR A 75  . ? 1_555 ? 
12 AC2 6 ASP A 76 ? ASP A 76  . ? 1_555 ? 
13 AC2 6 ASP A 98 ? ASP A 98  . ? 4_565 ? 
14 AC2 6 MET A 99 ? MET A 101 . ? 4_565 ? 
# 
_pdbx_entry_details.entry_id                   6I8C 
_pdbx_entry_details.compound_details           ? 
_pdbx_entry_details.source_details             ? 
_pdbx_entry_details.nonpolymer_details         ? 
_pdbx_entry_details.sequence_details           ? 
_pdbx_entry_details.has_ligand_of_interest     ? 
_pdbx_entry_details.has_protein_modification   Y 
# 
_pdbx_validate_torsion.id              1 
_pdbx_validate_torsion.PDB_model_num   1 
_pdbx_validate_torsion.auth_comp_id    TRP 
_pdbx_validate_torsion.auth_asym_id    A 
_pdbx_validate_torsion.auth_seq_id     60 
_pdbx_validate_torsion.PDB_ins_code    ? 
_pdbx_validate_torsion.label_alt_id    ? 
_pdbx_validate_torsion.phi             72.34 
_pdbx_validate_torsion.psi             62.90 
# 
loop_
_chem_comp_atom.comp_id 
_chem_comp_atom.atom_id 
_chem_comp_atom.type_symbol 
_chem_comp_atom.pdbx_aromatic_flag 
_chem_comp_atom.pdbx_stereo_config 
_chem_comp_atom.pdbx_ordinal 
ALA N    N N N 1   
ALA CA   C N S 2   
ALA C    C N N 3   
ALA O    O N N 4   
ALA CB   C N N 5   
ALA OXT  O N N 6   
ALA H    H N N 7   
ALA H2   H N N 8   
ALA HA   H N N 9   
ALA HB1  H N N 10  
ALA HB2  H N N 11  
ALA HB3  H N N 12  
ALA HXT  H N N 13  
ARG N    N N N 14  
ARG CA   C N S 15  
ARG C    C N N 16  
ARG O    O N N 17  
ARG CB   C N N 18  
ARG CG   C N N 19  
ARG CD   C N N 20  
ARG NE   N N N 21  
ARG CZ   C N N 22  
ARG NH1  N N N 23  
ARG NH2  N N N 24  
ARG OXT  O N N 25  
ARG H    H N N 26  
ARG H2   H N N 27  
ARG HA   H N N 28  
ARG HB2  H N N 29  
ARG HB3  H N N 30  
ARG HG2  H N N 31  
ARG HG3  H N N 32  
ARG HD2  H N N 33  
ARG HD3  H N N 34  
ARG HE   H N N 35  
ARG HH11 H N N 36  
ARG HH12 H N N 37  
ARG HH21 H N N 38  
ARG HH22 H N N 39  
ARG HXT  H N N 40  
ASN N    N N N 41  
ASN CA   C N S 42  
ASN C    C N N 43  
ASN O    O N N 44  
ASN CB   C N N 45  
ASN CG   C N N 46  
ASN OD1  O N N 47  
ASN ND2  N N N 48  
ASN OXT  O N N 49  
ASN H    H N N 50  
ASN H2   H N N 51  
ASN HA   H N N 52  
ASN HB2  H N N 53  
ASN HB3  H N N 54  
ASN HD21 H N N 55  
ASN HD22 H N N 56  
ASN HXT  H N N 57  
ASP N    N N N 58  
ASP CA   C N S 59  
ASP C    C N N 60  
ASP O    O N N 61  
ASP CB   C N N 62  
ASP CG   C N N 63  
ASP OD1  O N N 64  
ASP OD2  O N N 65  
ASP OXT  O N N 66  
ASP H    H N N 67  
ASP H2   H N N 68  
ASP HA   H N N 69  
ASP HB2  H N N 70  
ASP HB3  H N N 71  
ASP HD2  H N N 72  
ASP HXT  H N N 73  
CYS N    N N N 74  
CYS CA   C N R 75  
CYS C    C N N 76  
CYS O    O N N 77  
CYS CB   C N N 78  
CYS SG   S N N 79  
CYS OXT  O N N 80  
CYS H    H N N 81  
CYS H2   H N N 82  
CYS HA   H N N 83  
CYS HB2  H N N 84  
CYS HB3  H N N 85  
CYS HG   H N N 86  
CYS HXT  H N N 87  
GLN N    N N N 88  
GLN CA   C N S 89  
GLN C    C N N 90  
GLN O    O N N 91  
GLN CB   C N N 92  
GLN CG   C N N 93  
GLN CD   C N N 94  
GLN OE1  O N N 95  
GLN NE2  N N N 96  
GLN OXT  O N N 97  
GLN H    H N N 98  
GLN H2   H N N 99  
GLN HA   H N N 100 
GLN HB2  H N N 101 
GLN HB3  H N N 102 
GLN HG2  H N N 103 
GLN HG3  H N N 104 
GLN HE21 H N N 105 
GLN HE22 H N N 106 
GLN HXT  H N N 107 
GLU N    N N N 108 
GLU CA   C N S 109 
GLU C    C N N 110 
GLU O    O N N 111 
GLU CB   C N N 112 
GLU CG   C N N 113 
GLU CD   C N N 114 
GLU OE1  O N N 115 
GLU OE2  O N N 116 
GLU OXT  O N N 117 
GLU H    H N N 118 
GLU H2   H N N 119 
GLU HA   H N N 120 
GLU HB2  H N N 121 
GLU HB3  H N N 122 
GLU HG2  H N N 123 
GLU HG3  H N N 124 
GLU HE2  H N N 125 
GLU HXT  H N N 126 
GLY N    N N N 127 
GLY CA   C N N 128 
GLY C    C N N 129 
GLY O    O N N 130 
GLY OXT  O N N 131 
GLY H    H N N 132 
GLY H2   H N N 133 
GLY HA2  H N N 134 
GLY HA3  H N N 135 
GLY HXT  H N N 136 
HIS N    N N N 137 
HIS CA   C N S 138 
HIS C    C N N 139 
HIS O    O N N 140 
HIS CB   C N N 141 
HIS CG   C Y N 142 
HIS ND1  N Y N 143 
HIS CD2  C Y N 144 
HIS CE1  C Y N 145 
HIS NE2  N Y N 146 
HIS OXT  O N N 147 
HIS H    H N N 148 
HIS H2   H N N 149 
HIS HA   H N N 150 
HIS HB2  H N N 151 
HIS HB3  H N N 152 
HIS HD1  H N N 153 
HIS HD2  H N N 154 
HIS HE1  H N N 155 
HIS HE2  H N N 156 
HIS HXT  H N N 157 
HOH O    O N N 158 
HOH H1   H N N 159 
HOH H2   H N N 160 
ILE N    N N N 161 
ILE CA   C N S 162 
ILE C    C N N 163 
ILE O    O N N 164 
ILE CB   C N S 165 
ILE CG1  C N N 166 
ILE CG2  C N N 167 
ILE CD1  C N N 168 
ILE OXT  O N N 169 
ILE H    H N N 170 
ILE H2   H N N 171 
ILE HA   H N N 172 
ILE HB   H N N 173 
ILE HG12 H N N 174 
ILE HG13 H N N 175 
ILE HG21 H N N 176 
ILE HG22 H N N 177 
ILE HG23 H N N 178 
ILE HD11 H N N 179 
ILE HD12 H N N 180 
ILE HD13 H N N 181 
ILE HXT  H N N 182 
LEU N    N N N 183 
LEU CA   C N S 184 
LEU C    C N N 185 
LEU O    O N N 186 
LEU CB   C N N 187 
LEU CG   C N N 188 
LEU CD1  C N N 189 
LEU CD2  C N N 190 
LEU OXT  O N N 191 
LEU H    H N N 192 
LEU H2   H N N 193 
LEU HA   H N N 194 
LEU HB2  H N N 195 
LEU HB3  H N N 196 
LEU HG   H N N 197 
LEU HD11 H N N 198 
LEU HD12 H N N 199 
LEU HD13 H N N 200 
LEU HD21 H N N 201 
LEU HD22 H N N 202 
LEU HD23 H N N 203 
LEU HXT  H N N 204 
LYS N    N N N 205 
LYS CA   C N S 206 
LYS C    C N N 207 
LYS O    O N N 208 
LYS CB   C N N 209 
LYS CG   C N N 210 
LYS CD   C N N 211 
LYS CE   C N N 212 
LYS NZ   N N N 213 
LYS OXT  O N N 214 
LYS H    H N N 215 
LYS H2   H N N 216 
LYS HA   H N N 217 
LYS HB2  H N N 218 
LYS HB3  H N N 219 
LYS HG2  H N N 220 
LYS HG3  H N N 221 
LYS HD2  H N N 222 
LYS HD3  H N N 223 
LYS HE2  H N N 224 
LYS HE3  H N N 225 
LYS HZ1  H N N 226 
LYS HZ2  H N N 227 
LYS HZ3  H N N 228 
LYS HXT  H N N 229 
MET N    N N N 230 
MET CA   C N S 231 
MET C    C N N 232 
MET O    O N N 233 
MET CB   C N N 234 
MET CG   C N N 235 
MET SD   S N N 236 
MET CE   C N N 237 
MET OXT  O N N 238 
MET H    H N N 239 
MET H2   H N N 240 
MET HA   H N N 241 
MET HB2  H N N 242 
MET HB3  H N N 243 
MET HG2  H N N 244 
MET HG3  H N N 245 
MET HE1  H N N 246 
MET HE2  H N N 247 
MET HE3  H N N 248 
MET HXT  H N N 249 
PGE C1   C N N 250 
PGE O1   O N N 251 
PGE C2   C N N 252 
PGE O2   O N N 253 
PGE C3   C N N 254 
PGE C4   C N N 255 
PGE O4   O N N 256 
PGE C6   C N N 257 
PGE C5   C N N 258 
PGE O3   O N N 259 
PGE H1   H N N 260 
PGE H12  H N N 261 
PGE HO1  H N N 262 
PGE H2   H N N 263 
PGE H22  H N N 264 
PGE H3   H N N 265 
PGE H32  H N N 266 
PGE H4   H N N 267 
PGE H42  H N N 268 
PGE HO4  H N N 269 
PGE H6   H N N 270 
PGE H62  H N N 271 
PGE H5   H N N 272 
PGE H52  H N N 273 
PHE N    N N N 274 
PHE CA   C N S 275 
PHE C    C N N 276 
PHE O    O N N 277 
PHE CB   C N N 278 
PHE CG   C Y N 279 
PHE CD1  C Y N 280 
PHE CD2  C Y N 281 
PHE CE1  C Y N 282 
PHE CE2  C Y N 283 
PHE CZ   C Y N 284 
PHE OXT  O N N 285 
PHE H    H N N 286 
PHE H2   H N N 287 
PHE HA   H N N 288 
PHE HB2  H N N 289 
PHE HB3  H N N 290 
PHE HD1  H N N 291 
PHE HD2  H N N 292 
PHE HE1  H N N 293 
PHE HE2  H N N 294 
PHE HZ   H N N 295 
PHE HXT  H N N 296 
PRO N    N N N 297 
PRO CA   C N S 298 
PRO C    C N N 299 
PRO O    O N N 300 
PRO CB   C N N 301 
PRO CG   C N N 302 
PRO CD   C N N 303 
PRO OXT  O N N 304 
PRO H    H N N 305 
PRO HA   H N N 306 
PRO HB2  H N N 307 
PRO HB3  H N N 308 
PRO HG2  H N N 309 
PRO HG3  H N N 310 
PRO HD2  H N N 311 
PRO HD3  H N N 312 
PRO HXT  H N N 313 
SER N    N N N 314 
SER CA   C N S 315 
SER C    C N N 316 
SER O    O N N 317 
SER CB   C N N 318 
SER OG   O N N 319 
SER OXT  O N N 320 
SER H    H N N 321 
SER H2   H N N 322 
SER HA   H N N 323 
SER HB2  H N N 324 
SER HB3  H N N 325 
SER HG   H N N 326 
SER HXT  H N N 327 
THR N    N N N 328 
THR CA   C N S 329 
THR C    C N N 330 
THR O    O N N 331 
THR CB   C N R 332 
THR OG1  O N N 333 
THR CG2  C N N 334 
THR OXT  O N N 335 
THR H    H N N 336 
THR H2   H N N 337 
THR HA   H N N 338 
THR HB   H N N 339 
THR HG1  H N N 340 
THR HG21 H N N 341 
THR HG22 H N N 342 
THR HG23 H N N 343 
THR HXT  H N N 344 
TRP N    N N N 345 
TRP CA   C N S 346 
TRP C    C N N 347 
TRP O    O N N 348 
TRP CB   C N N 349 
TRP CG   C Y N 350 
TRP CD1  C Y N 351 
TRP CD2  C Y N 352 
TRP NE1  N Y N 353 
TRP CE2  C Y N 354 
TRP CE3  C Y N 355 
TRP CZ2  C Y N 356 
TRP CZ3  C Y N 357 
TRP CH2  C Y N 358 
TRP OXT  O N N 359 
TRP H    H N N 360 
TRP H2   H N N 361 
TRP HA   H N N 362 
TRP HB2  H N N 363 
TRP HB3  H N N 364 
TRP HD1  H N N 365 
TRP HE1  H N N 366 
TRP HE3  H N N 367 
TRP HZ2  H N N 368 
TRP HZ3  H N N 369 
TRP HH2  H N N 370 
TRP HXT  H N N 371 
TYR N    N N N 372 
TYR CA   C N S 373 
TYR C    C N N 374 
TYR O    O N N 375 
TYR CB   C N N 376 
TYR CG   C Y N 377 
TYR CD1  C Y N 378 
TYR CD2  C Y N 379 
TYR CE1  C Y N 380 
TYR CE2  C Y N 381 
TYR CZ   C Y N 382 
TYR OH   O N N 383 
TYR OXT  O N N 384 
TYR H    H N N 385 
TYR H2   H N N 386 
TYR HA   H N N 387 
TYR HB2  H N N 388 
TYR HB3  H N N 389 
TYR HD1  H N N 390 
TYR HD2  H N N 391 
TYR HE1  H N N 392 
TYR HE2  H N N 393 
TYR HH   H N N 394 
TYR HXT  H N N 395 
VAL N    N N N 396 
VAL CA   C N S 397 
VAL C    C N N 398 
VAL O    O N N 399 
VAL CB   C N N 400 
VAL CG1  C N N 401 
VAL CG2  C N N 402 
VAL OXT  O N N 403 
VAL H    H N N 404 
VAL H2   H N N 405 
VAL HA   H N N 406 
VAL HB   H N N 407 
VAL HG11 H N N 408 
VAL HG12 H N N 409 
VAL HG13 H N N 410 
VAL HG21 H N N 411 
VAL HG22 H N N 412 
VAL HG23 H N N 413 
VAL HXT  H N N 414 
# 
loop_
_chem_comp_bond.comp_id 
_chem_comp_bond.atom_id_1 
_chem_comp_bond.atom_id_2 
_chem_comp_bond.value_order 
_chem_comp_bond.pdbx_aromatic_flag 
_chem_comp_bond.pdbx_stereo_config 
_chem_comp_bond.pdbx_ordinal 
ALA N   CA   sing N N 1   
ALA N   H    sing N N 2   
ALA N   H2   sing N N 3   
ALA CA  C    sing N N 4   
ALA CA  CB   sing N N 5   
ALA CA  HA   sing N N 6   
ALA C   O    doub N N 7   
ALA C   OXT  sing N N 8   
ALA CB  HB1  sing N N 9   
ALA CB  HB2  sing N N 10  
ALA CB  HB3  sing N N 11  
ALA OXT HXT  sing N N 12  
ARG N   CA   sing N N 13  
ARG N   H    sing N N 14  
ARG N   H2   sing N N 15  
ARG CA  C    sing N N 16  
ARG CA  CB   sing N N 17  
ARG CA  HA   sing N N 18  
ARG C   O    doub N N 19  
ARG C   OXT  sing N N 20  
ARG CB  CG   sing N N 21  
ARG CB  HB2  sing N N 22  
ARG CB  HB3  sing N N 23  
ARG CG  CD   sing N N 24  
ARG CG  HG2  sing N N 25  
ARG CG  HG3  sing N N 26  
ARG CD  NE   sing N N 27  
ARG CD  HD2  sing N N 28  
ARG CD  HD3  sing N N 29  
ARG NE  CZ   sing N N 30  
ARG NE  HE   sing N N 31  
ARG CZ  NH1  sing N N 32  
ARG CZ  NH2  doub N N 33  
ARG NH1 HH11 sing N N 34  
ARG NH1 HH12 sing N N 35  
ARG NH2 HH21 sing N N 36  
ARG NH2 HH22 sing N N 37  
ARG OXT HXT  sing N N 38  
ASN N   CA   sing N N 39  
ASN N   H    sing N N 40  
ASN N   H2   sing N N 41  
ASN CA  C    sing N N 42  
ASN CA  CB   sing N N 43  
ASN CA  HA   sing N N 44  
ASN C   O    doub N N 45  
ASN C   OXT  sing N N 46  
ASN CB  CG   sing N N 47  
ASN CB  HB2  sing N N 48  
ASN CB  HB3  sing N N 49  
ASN CG  OD1  doub N N 50  
ASN CG  ND2  sing N N 51  
ASN ND2 HD21 sing N N 52  
ASN ND2 HD22 sing N N 53  
ASN OXT HXT  sing N N 54  
ASP N   CA   sing N N 55  
ASP N   H    sing N N 56  
ASP N   H2   sing N N 57  
ASP CA  C    sing N N 58  
ASP CA  CB   sing N N 59  
ASP CA  HA   sing N N 60  
ASP C   O    doub N N 61  
ASP C   OXT  sing N N 62  
ASP CB  CG   sing N N 63  
ASP CB  HB2  sing N N 64  
ASP CB  HB3  sing N N 65  
ASP CG  OD1  doub N N 66  
ASP CG  OD2  sing N N 67  
ASP OD2 HD2  sing N N 68  
ASP OXT HXT  sing N N 69  
CYS N   CA   sing N N 70  
CYS N   H    sing N N 71  
CYS N   H2   sing N N 72  
CYS CA  C    sing N N 73  
CYS CA  CB   sing N N 74  
CYS CA  HA   sing N N 75  
CYS C   O    doub N N 76  
CYS C   OXT  sing N N 77  
CYS CB  SG   sing N N 78  
CYS CB  HB2  sing N N 79  
CYS CB  HB3  sing N N 80  
CYS SG  HG   sing N N 81  
CYS OXT HXT  sing N N 82  
GLN N   CA   sing N N 83  
GLN N   H    sing N N 84  
GLN N   H2   sing N N 85  
GLN CA  C    sing N N 86  
GLN CA  CB   sing N N 87  
GLN CA  HA   sing N N 88  
GLN C   O    doub N N 89  
GLN C   OXT  sing N N 90  
GLN CB  CG   sing N N 91  
GLN CB  HB2  sing N N 92  
GLN CB  HB3  sing N N 93  
GLN CG  CD   sing N N 94  
GLN CG  HG2  sing N N 95  
GLN CG  HG3  sing N N 96  
GLN CD  OE1  doub N N 97  
GLN CD  NE2  sing N N 98  
GLN NE2 HE21 sing N N 99  
GLN NE2 HE22 sing N N 100 
GLN OXT HXT  sing N N 101 
GLU N   CA   sing N N 102 
GLU N   H    sing N N 103 
GLU N   H2   sing N N 104 
GLU CA  C    sing N N 105 
GLU CA  CB   sing N N 106 
GLU CA  HA   sing N N 107 
GLU C   O    doub N N 108 
GLU C   OXT  sing N N 109 
GLU CB  CG   sing N N 110 
GLU CB  HB2  sing N N 111 
GLU CB  HB3  sing N N 112 
GLU CG  CD   sing N N 113 
GLU CG  HG2  sing N N 114 
GLU CG  HG3  sing N N 115 
GLU CD  OE1  doub N N 116 
GLU CD  OE2  sing N N 117 
GLU OE2 HE2  sing N N 118 
GLU OXT HXT  sing N N 119 
GLY N   CA   sing N N 120 
GLY N   H    sing N N 121 
GLY N   H2   sing N N 122 
GLY CA  C    sing N N 123 
GLY CA  HA2  sing N N 124 
GLY CA  HA3  sing N N 125 
GLY C   O    doub N N 126 
GLY C   OXT  sing N N 127 
GLY OXT HXT  sing N N 128 
HIS N   CA   sing N N 129 
HIS N   H    sing N N 130 
HIS N   H2   sing N N 131 
HIS CA  C    sing N N 132 
HIS CA  CB   sing N N 133 
HIS CA  HA   sing N N 134 
HIS C   O    doub N N 135 
HIS C   OXT  sing N N 136 
HIS CB  CG   sing N N 137 
HIS CB  HB2  sing N N 138 
HIS CB  HB3  sing N N 139 
HIS CG  ND1  sing Y N 140 
HIS CG  CD2  doub Y N 141 
HIS ND1 CE1  doub Y N 142 
HIS ND1 HD1  sing N N 143 
HIS CD2 NE2  sing Y N 144 
HIS CD2 HD2  sing N N 145 
HIS CE1 NE2  sing Y N 146 
HIS CE1 HE1  sing N N 147 
HIS NE2 HE2  sing N N 148 
HIS OXT HXT  sing N N 149 
HOH O   H1   sing N N 150 
HOH O   H2   sing N N 151 
ILE N   CA   sing N N 152 
ILE N   H    sing N N 153 
ILE N   H2   sing N N 154 
ILE CA  C    sing N N 155 
ILE CA  CB   sing N N 156 
ILE CA  HA   sing N N 157 
ILE C   O    doub N N 158 
ILE C   OXT  sing N N 159 
ILE CB  CG1  sing N N 160 
ILE CB  CG2  sing N N 161 
ILE CB  HB   sing N N 162 
ILE CG1 CD1  sing N N 163 
ILE CG1 HG12 sing N N 164 
ILE CG1 HG13 sing N N 165 
ILE CG2 HG21 sing N N 166 
ILE CG2 HG22 sing N N 167 
ILE CG2 HG23 sing N N 168 
ILE CD1 HD11 sing N N 169 
ILE CD1 HD12 sing N N 170 
ILE CD1 HD13 sing N N 171 
ILE OXT HXT  sing N N 172 
LEU N   CA   sing N N 173 
LEU N   H    sing N N 174 
LEU N   H2   sing N N 175 
LEU CA  C    sing N N 176 
LEU CA  CB   sing N N 177 
LEU CA  HA   sing N N 178 
LEU C   O    doub N N 179 
LEU C   OXT  sing N N 180 
LEU CB  CG   sing N N 181 
LEU CB  HB2  sing N N 182 
LEU CB  HB3  sing N N 183 
LEU CG  CD1  sing N N 184 
LEU CG  CD2  sing N N 185 
LEU CG  HG   sing N N 186 
LEU CD1 HD11 sing N N 187 
LEU CD1 HD12 sing N N 188 
LEU CD1 HD13 sing N N 189 
LEU CD2 HD21 sing N N 190 
LEU CD2 HD22 sing N N 191 
LEU CD2 HD23 sing N N 192 
LEU OXT HXT  sing N N 193 
LYS N   CA   sing N N 194 
LYS N   H    sing N N 195 
LYS N   H2   sing N N 196 
LYS CA  C    sing N N 197 
LYS CA  CB   sing N N 198 
LYS CA  HA   sing N N 199 
LYS C   O    doub N N 200 
LYS C   OXT  sing N N 201 
LYS CB  CG   sing N N 202 
LYS CB  HB2  sing N N 203 
LYS CB  HB3  sing N N 204 
LYS CG  CD   sing N N 205 
LYS CG  HG2  sing N N 206 
LYS CG  HG3  sing N N 207 
LYS CD  CE   sing N N 208 
LYS CD  HD2  sing N N 209 
LYS CD  HD3  sing N N 210 
LYS CE  NZ   sing N N 211 
LYS CE  HE2  sing N N 212 
LYS CE  HE3  sing N N 213 
LYS NZ  HZ1  sing N N 214 
LYS NZ  HZ2  sing N N 215 
LYS NZ  HZ3  sing N N 216 
LYS OXT HXT  sing N N 217 
MET N   CA   sing N N 218 
MET N   H    sing N N 219 
MET N   H2   sing N N 220 
MET CA  C    sing N N 221 
MET CA  CB   sing N N 222 
MET CA  HA   sing N N 223 
MET C   O    doub N N 224 
MET C   OXT  sing N N 225 
MET CB  CG   sing N N 226 
MET CB  HB2  sing N N 227 
MET CB  HB3  sing N N 228 
MET CG  SD   sing N N 229 
MET CG  HG2  sing N N 230 
MET CG  HG3  sing N N 231 
MET SD  CE   sing N N 232 
MET CE  HE1  sing N N 233 
MET CE  HE2  sing N N 234 
MET CE  HE3  sing N N 235 
MET OXT HXT  sing N N 236 
PGE C1  O1   sing N N 237 
PGE C1  C2   sing N N 238 
PGE C1  H1   sing N N 239 
PGE C1  H12  sing N N 240 
PGE O1  HO1  sing N N 241 
PGE C2  O2   sing N N 242 
PGE C2  H2   sing N N 243 
PGE C2  H22  sing N N 244 
PGE O2  C3   sing N N 245 
PGE C3  C4   sing N N 246 
PGE C3  H3   sing N N 247 
PGE C3  H32  sing N N 248 
PGE C4  O3   sing N N 249 
PGE C4  H4   sing N N 250 
PGE C4  H42  sing N N 251 
PGE O4  C6   sing N N 252 
PGE O4  HO4  sing N N 253 
PGE C6  C5   sing N N 254 
PGE C6  H6   sing N N 255 
PGE C6  H62  sing N N 256 
PGE C5  O3   sing N N 257 
PGE C5  H5   sing N N 258 
PGE C5  H52  sing N N 259 
PHE N   CA   sing N N 260 
PHE N   H    sing N N 261 
PHE N   H2   sing N N 262 
PHE CA  C    sing N N 263 
PHE CA  CB   sing N N 264 
PHE CA  HA   sing N N 265 
PHE C   O    doub N N 266 
PHE C   OXT  sing N N 267 
PHE CB  CG   sing N N 268 
PHE CB  HB2  sing N N 269 
PHE CB  HB3  sing N N 270 
PHE CG  CD1  doub Y N 271 
PHE CG  CD2  sing Y N 272 
PHE CD1 CE1  sing Y N 273 
PHE CD1 HD1  sing N N 274 
PHE CD2 CE2  doub Y N 275 
PHE CD2 HD2  sing N N 276 
PHE CE1 CZ   doub Y N 277 
PHE CE1 HE1  sing N N 278 
PHE CE2 CZ   sing Y N 279 
PHE CE2 HE2  sing N N 280 
PHE CZ  HZ   sing N N 281 
PHE OXT HXT  sing N N 282 
PRO N   CA   sing N N 283 
PRO N   CD   sing N N 284 
PRO N   H    sing N N 285 
PRO CA  C    sing N N 286 
PRO CA  CB   sing N N 287 
PRO CA  HA   sing N N 288 
PRO C   O    doub N N 289 
PRO C   OXT  sing N N 290 
PRO CB  CG   sing N N 291 
PRO CB  HB2  sing N N 292 
PRO CB  HB3  sing N N 293 
PRO CG  CD   sing N N 294 
PRO CG  HG2  sing N N 295 
PRO CG  HG3  sing N N 296 
PRO CD  HD2  sing N N 297 
PRO CD  HD3  sing N N 298 
PRO OXT HXT  sing N N 299 
SER N   CA   sing N N 300 
SER N   H    sing N N 301 
SER N   H2   sing N N 302 
SER CA  C    sing N N 303 
SER CA  CB   sing N N 304 
SER CA  HA   sing N N 305 
SER C   O    doub N N 306 
SER C   OXT  sing N N 307 
SER CB  OG   sing N N 308 
SER CB  HB2  sing N N 309 
SER CB  HB3  sing N N 310 
SER OG  HG   sing N N 311 
SER OXT HXT  sing N N 312 
THR N   CA   sing N N 313 
THR N   H    sing N N 314 
THR N   H2   sing N N 315 
THR CA  C    sing N N 316 
THR CA  CB   sing N N 317 
THR CA  HA   sing N N 318 
THR C   O    doub N N 319 
THR C   OXT  sing N N 320 
THR CB  OG1  sing N N 321 
THR CB  CG2  sing N N 322 
THR CB  HB   sing N N 323 
THR OG1 HG1  sing N N 324 
THR CG2 HG21 sing N N 325 
THR CG2 HG22 sing N N 326 
THR CG2 HG23 sing N N 327 
THR OXT HXT  sing N N 328 
TRP N   CA   sing N N 329 
TRP N   H    sing N N 330 
TRP N   H2   sing N N 331 
TRP CA  C    sing N N 332 
TRP CA  CB   sing N N 333 
TRP CA  HA   sing N N 334 
TRP C   O    doub N N 335 
TRP C   OXT  sing N N 336 
TRP CB  CG   sing N N 337 
TRP CB  HB2  sing N N 338 
TRP CB  HB3  sing N N 339 
TRP CG  CD1  doub Y N 340 
TRP CG  CD2  sing Y N 341 
TRP CD1 NE1  sing Y N 342 
TRP CD1 HD1  sing N N 343 
TRP CD2 CE2  doub Y N 344 
TRP CD2 CE3  sing Y N 345 
TRP NE1 CE2  sing Y N 346 
TRP NE1 HE1  sing N N 347 
TRP CE2 CZ2  sing Y N 348 
TRP CE3 CZ3  doub Y N 349 
TRP CE3 HE3  sing N N 350 
TRP CZ2 CH2  doub Y N 351 
TRP CZ2 HZ2  sing N N 352 
TRP CZ3 CH2  sing Y N 353 
TRP CZ3 HZ3  sing N N 354 
TRP CH2 HH2  sing N N 355 
TRP OXT HXT  sing N N 356 
TYR N   CA   sing N N 357 
TYR N   H    sing N N 358 
TYR N   H2   sing N N 359 
TYR CA  C    sing N N 360 
TYR CA  CB   sing N N 361 
TYR CA  HA   sing N N 362 
TYR C   O    doub N N 363 
TYR C   OXT  sing N N 364 
TYR CB  CG   sing N N 365 
TYR CB  HB2  sing N N 366 
TYR CB  HB3  sing N N 367 
TYR CG  CD1  doub Y N 368 
TYR CG  CD2  sing Y N 369 
TYR CD1 CE1  sing Y N 370 
TYR CD1 HD1  sing N N 371 
TYR CD2 CE2  doub Y N 372 
TYR CD2 HD2  sing N N 373 
TYR CE1 CZ   doub Y N 374 
TYR CE1 HE1  sing N N 375 
TYR CE2 CZ   sing Y N 376 
TYR CE2 HE2  sing N N 377 
TYR CZ  OH   sing N N 378 
TYR OH  HH   sing N N 379 
TYR OXT HXT  sing N N 380 
VAL N   CA   sing N N 381 
VAL N   H    sing N N 382 
VAL N   H2   sing N N 383 
VAL CA  C    sing N N 384 
VAL CA  CB   sing N N 385 
VAL CA  HA   sing N N 386 
VAL C   O    doub N N 387 
VAL C   OXT  sing N N 388 
VAL CB  CG1  sing N N 389 
VAL CB  CG2  sing N N 390 
VAL CB  HB   sing N N 391 
VAL CG1 HG11 sing N N 392 
VAL CG1 HG12 sing N N 393 
VAL CG1 HG13 sing N N 394 
VAL CG2 HG21 sing N N 395 
VAL CG2 HG22 sing N N 396 
VAL CG2 HG23 sing N N 397 
VAL OXT HXT  sing N N 398 
# 
_pdbx_initial_refinement_model.id               1 
_pdbx_initial_refinement_model.entity_id_list   ? 
_pdbx_initial_refinement_model.type             'experimental model' 
_pdbx_initial_refinement_model.source_name      PDB 
_pdbx_initial_refinement_model.accession_code   1BII 
_pdbx_initial_refinement_model.details          ? 
# 
_atom_sites.entry_id                    6I8C 
_atom_sites.fract_transf_matrix[1][1]   0.00335948 
_atom_sites.fract_transf_matrix[1][2]   0.02160256 
_atom_sites.fract_transf_matrix[1][3]   -0.01683335 
_atom_sites.fract_transf_matrix[2][1]   0.01575704 
_atom_sites.fract_transf_matrix[2][2]   -0.00998086 
_atom_sites.fract_transf_matrix[2][3]   -0.00966396 
_atom_sites.fract_transf_matrix[3][1]   -0.01001056 
_atom_sites.fract_transf_matrix[3][2]   -0.00618465 
_atom_sites.fract_transf_matrix[3][3]   -0.00993472 
_atom_sites.fract_transf_vector[1]      0.223453 
_atom_sites.fract_transf_vector[2]      0.458424 
_atom_sites.fract_transf_vector[3]      0.000898 
# 
loop_
_atom_type.symbol 
C 
N 
O 
S 
# 
loop_
_atom_site.group_PDB 
_atom_site.id 
_atom_site.type_symbol 
_atom_site.label_atom_id 
_atom_site.label_alt_id 
_atom_site.label_comp_id 
_atom_site.label_asym_id 
_atom_site.label_entity_id 
_atom_site.label_seq_id 
_atom_site.pdbx_PDB_ins_code 
_atom_site.Cartn_x 
_atom_site.Cartn_y 
_atom_site.Cartn_z 
_atom_site.occupancy 
_atom_site.B_iso_or_equiv 
_atom_site.pdbx_formal_charge 
_atom_site.auth_seq_id 
_atom_site.auth_comp_id 
_atom_site.auth_asym_id 
_atom_site.auth_atom_id 
_atom_site.pdbx_PDB_model_num 
ATOM   1   N N   . ILE A 1 1  ? -3.158  17.661  15.742  1.00 66.04 ? 1   ILE A N   1 
ATOM   2   C CA  . ILE A 1 1  ? -2.254  17.977  14.588  1.00 64.29 ? 1   ILE A CA  1 
ATOM   3   C C   . ILE A 1 1  ? -2.435  16.887  13.520  1.00 59.66 ? 1   ILE A C   1 
ATOM   4   O O   . ILE A 1 1  ? -3.327  16.039  13.641  1.00 62.12 ? 1   ILE A O   1 
ATOM   5   C CB  . ILE A 1 1  ? -0.787  18.125  15.056  1.00 66.01 ? 1   ILE A CB  1 
ATOM   6   C CG1 . ILE A 1 1  ? -0.099  16.774  15.292  1.00 64.98 ? 1   ILE A CG1 1 
ATOM   7   C CG2 . ILE A 1 1  ? -0.701  19.020  16.287  1.00 69.06 ? 1   ILE A CG2 1 
ATOM   8   C CD1 . ILE A 1 1  ? 1.331   16.884  15.769  1.00 64.11 ? 1   ILE A CD1 1 
ATOM   9   N N   . GLN A 1 2  ? -1.581  16.921  12.487  1.00 50.88 ? 2   GLN A N   1 
ATOM   10  C CA  . GLN A 1 2  ? -1.557  15.924  11.402  1.00 45.57 ? 2   GLN A CA  1 
ATOM   11  C C   . GLN A 1 2  ? -1.485  14.506  11.995  1.00 40.84 ? 2   GLN A C   1 
ATOM   12  O O   . GLN A 1 2  ? -0.828  14.290  13.012  1.00 39.00 ? 2   GLN A O   1 
ATOM   13  C CB  . GLN A 1 2  ? -0.371  16.192  10.466  1.00 45.50 ? 2   GLN A CB  1 
ATOM   14  C CG  . GLN A 1 2  ? -0.437  17.558  9.791   1.00 46.39 ? 2   GLN A CG  1 
ATOM   15  C CD  . GLN A 1 2  ? 0.626   17.765  8.742   1.00 46.23 ? 2   GLN A CD  1 
ATOM   16  O OE1 . GLN A 1 2  ? 1.804   17.477  8.956   1.00 46.95 ? 2   GLN A OE1 1 
ATOM   17  N NE2 . GLN A 1 2  ? 0.211   18.296  7.598   1.00 43.75 ? 2   GLN A NE2 1 
ATOM   18  N N   . LYS A 1 3  ? -2.170  13.550  11.351  1.00 34.41 ? 3   LYS A N   1 
ATOM   19  C CA  . LYS A 1 3  ? -2.172  12.149  11.780  1.00 30.71 ? 3   LYS A CA  1 
ATOM   20  C C   . LYS A 1 3  ? -1.392  11.298  10.767  1.00 27.08 ? 3   LYS A C   1 
ATOM   21  O O   . LYS A 1 3  ? -1.588  11.428  9.553   1.00 21.77 ? 3   LYS A O   1 
ATOM   22  C CB  . LYS A 1 3  ? -3.606  11.636  11.934  1.00 33.34 ? 3   LYS A CB  1 
ATOM   23  C CG  . LYS A 1 3  ? -4.415  12.294  13.043  1.00 34.58 ? 3   LYS A CG  1 
ATOM   24  C CD  . LYS A 1 3  ? -5.734  11.595  13.304  1.00 36.42 ? 3   LYS A CD  1 
ATOM   25  C CE  . LYS A 1 3  ? -6.670  12.426  14.161  1.00 38.95 ? 3   LYS A CE  1 
ATOM   26  N NZ  . LYS A 1 3  ? -7.884  11.668  14.544  1.00 41.77 ? 3   LYS A NZ  1 
ATOM   27  N N   . THR A 1 4  ? -0.536  10.409  11.288  1.00 23.17 ? 4   THR A N   1 
ATOM   28  C CA  . THR A 1 4  ? 0.351   9.574   10.473  1.00 24.26 ? 4   THR A CA  1 
ATOM   29  C C   . THR A 1 4  ? -0.391  8.351   9.946   1.00 21.61 ? 4   THR A C   1 
ATOM   30  O O   . THR A 1 4  ? -1.074  7.671   10.704  1.00 23.29 ? 4   THR A O   1 
ATOM   31  C CB  . THR A 1 4  ? 1.584   9.129   11.270  1.00 23.84 ? 4   THR A CB  1 
ATOM   32  O OG1 . THR A 1 4  ? 2.245   10.323  11.671  1.00 26.84 ? 4   THR A OG1 1 
ATOM   33  C CG2 . THR A 1 4  ? 2.551   8.278   10.481  1.00 24.53 ? 4   THR A CG2 1 
ATOM   34  N N   . PRO A 1 5  ? -0.224  8.000   8.650   1.00 20.88 ? 5   PRO A N   1 
ATOM   35  C CA  . PRO A 1 5  ? -0.912  6.849   8.082   1.00 19.26 ? 5   PRO A CA  1 
ATOM   36  C C   . PRO A 1 5  ? -0.407  5.530   8.681   1.00 20.01 ? 5   PRO A C   1 
ATOM   37  O O   . PRO A 1 5  ? 0.781   5.368   8.963   1.00 19.00 ? 5   PRO A O   1 
ATOM   38  C CB  . PRO A 1 5  ? -0.645  6.916   6.574   1.00 19.07 ? 5   PRO A CB  1 
ATOM   39  C CG  . PRO A 1 5  ? 0.572   7.809   6.428   1.00 20.81 ? 5   PRO A CG  1 
ATOM   40  C CD  . PRO A 1 5  ? 0.624   8.690   7.662   1.00 20.36 ? 5   PRO A CD  1 
ATOM   41  N N   . GLN A 1 6  ? -1.352  4.633   8.927   1.00 19.50 ? 6   GLN A N   1 
ATOM   42  C CA  . GLN A 1 6  ? -1.082  3.232   9.155   1.00 19.82 ? 6   GLN A CA  1 
ATOM   43  C C   . GLN A 1 6  ? -1.188  2.527   7.799   1.00 17.98 ? 6   GLN A C   1 
ATOM   44  O O   . GLN A 1 6  ? -2.073  2.830   6.995   1.00 16.13 ? 6   GLN A O   1 
ATOM   45  C CB  . GLN A 1 6  ? -2.072  2.687   10.180  1.00 22.79 ? 6   GLN A CB  1 
ATOM   46  C CG  . GLN A 1 6  ? -1.910  3.325   11.552  1.00 27.67 ? 6   GLN A CG  1 
ATOM   47  C CD  . GLN A 1 6  ? -0.608  2.881   12.169  1.00 31.29 ? 6   GLN A CD  1 
ATOM   48  O OE1 . GLN A 1 6  ? 0.290   3.685   12.415  1.00 37.18 ? 6   GLN A OE1 1 
ATOM   49  N NE2 . GLN A 1 6  ? -0.477  1.577   12.359  1.00 37.31 ? 6   GLN A NE2 1 
ATOM   50  N N   . ILE A 1 7  ? -0.241  1.632   7.532   1.00 16.15 ? 7   ILE A N   1 
ATOM   51  C CA  . ILE A 1 7  ? -0.115  0.995   6.217   1.00 16.20 ? 7   ILE A CA  1 
ATOM   52  C C   . ILE A 1 7  ? -0.136  -0.520  6.389   1.00 16.27 ? 7   ILE A C   1 
ATOM   53  O O   . ILE A 1 7  ? 0.709   -1.071  7.096   1.00 16.63 ? 7   ILE A O   1 
ATOM   54  C CB  . ILE A 1 7  ? 1.177   1.450   5.524   1.00 15.74 ? 7   ILE A CB  1 
ATOM   55  C CG1 . ILE A 1 7  ? 1.232   2.975   5.420   1.00 15.47 ? 7   ILE A CG1 1 
ATOM   56  C CG2 . ILE A 1 7  ? 1.348   0.776   4.173   1.00 16.01 ? 7   ILE A CG2 1 
ATOM   57  C CD1 . ILE A 1 7  ? 2.621   3.517   5.275   1.00 16.18 ? 7   ILE A CD1 1 
ATOM   58  N N   . GLN A 1 8  ? -1.087  -1.176  5.715   1.00 15.79 ? 8   GLN A N   1 
ATOM   59  C CA  . GLN A 1 8  ? -1.211  -2.628  5.756   1.00 16.11 ? 8   GLN A CA  1 
ATOM   60  C C   . GLN A 1 8  ? -1.085  -3.155  4.321   1.00 15.06 ? 8   GLN A C   1 
ATOM   61  O O   . GLN A 1 8  ? -1.855  -2.764  3.446   1.00 13.75 ? 8   GLN A O   1 
ATOM   62  C CB  . GLN A 1 8  ? -2.539  -3.015  6.397   1.00 16.62 ? 8   GLN A CB  1 
ATOM   63  C CG  . GLN A 1 8  ? -2.623  -2.626  7.870   1.00 18.01 ? 8   GLN A CG  1 
ATOM   64  C CD  . GLN A 1 8  ? -3.992  -2.898  8.445   1.00 18.09 ? 8   GLN A CD  1 
ATOM   65  O OE1 . GLN A 1 8  ? -4.229  -3.920  9.095   1.00 21.49 ? 8   GLN A OE1 1 
ATOM   66  N NE2 . GLN A 1 8  ? -4.915  -1.990  8.194   1.00 17.76 ? 8   GLN A NE2 1 
ATOM   67  N N   . VAL A 1 9  ? -0.094  -4.022  4.095   1.00 14.56 ? 9   VAL A N   1 
ATOM   68  C CA  . VAL A 1 9  ? 0.173   -4.600  2.772   1.00 14.83 ? 9   VAL A CA  1 
ATOM   69  C C   . VAL A 1 9  ? -0.088  -6.097  2.887   1.00 15.94 ? 9   VAL A C   1 
ATOM   70  O O   . VAL A 1 9  ? 0.504   -6.726  3.757   1.00 16.83 ? 9   VAL A O   1 
ATOM   71  C CB  . VAL A 1 9  ? 1.616   -4.315  2.315   1.00 14.89 ? 9   VAL A CB  1 
ATOM   72  C CG1 . VAL A 1 9  ? 1.909   -4.922  0.952   1.00 14.85 ? 9   VAL A CG1 1 
ATOM   73  C CG2 . VAL A 1 9  ? 1.901   -2.826  2.297   1.00 14.26 ? 9   VAL A CG2 1 
ATOM   74  N N   . TYR A 1 10 ? -0.976  -6.636  2.039   1.00 15.47 ? 10  TYR A N   1 
ATOM   75  C CA  . TYR A 1 10 ? -1.435  -8.017  2.182   1.00 15.71 ? 10  TYR A CA  1 
ATOM   76  C C   . TYR A 1 10 ? -1.965  -8.509  0.831   1.00 16.31 ? 10  TYR A C   1 
ATOM   77  O O   . TYR A 1 10 ? -2.466  -7.728  0.021   1.00 14.60 ? 10  TYR A O   1 
ATOM   78  C CB  . TYR A 1 10 ? -2.493  -8.104  3.296   1.00 15.36 ? 10  TYR A CB  1 
ATOM   79  C CG  . TYR A 1 10 ? -3.709  -7.264  3.032   1.00 14.76 ? 10  TYR A CG  1 
ATOM   80  C CD1 . TYR A 1 10 ? -3.729  -5.912  3.354   1.00 15.25 ? 10  TYR A CD1 1 
ATOM   81  C CD2 . TYR A 1 10 ? -4.817  -7.798  2.402   1.00 15.52 ? 10  TYR A CD2 1 
ATOM   82  C CE1 . TYR A 1 10 ? -4.821  -5.118  3.060   1.00 15.97 ? 10  TYR A CE1 1 
ATOM   83  C CE2 . TYR A 1 10 ? -5.912  -7.013  2.089   1.00 15.68 ? 10  TYR A CE2 1 
ATOM   84  C CZ  . TYR A 1 10 ? -5.925  -5.673  2.437   1.00 15.84 ? 10  TYR A CZ  1 
ATOM   85  O OH  . TYR A 1 10 ? -7.024  -4.916  2.141   1.00 17.00 ? 10  TYR A OH  1 
ATOM   86  N N   . SER A 1 11 ? -1.837  -9.818  0.590   1.00 15.40 ? 11  SER A N   1 
ATOM   87  C CA  . SER A 1 11 ? -2.412  -10.428 -0.604  1.00 16.35 ? 11  SER A CA  1 
ATOM   88  C C   . SER A 1 11 ? -3.838  -10.887 -0.295  1.00 17.29 ? 11  SER A C   1 
ATOM   89  O O   . SER A 1 11 ? -4.158  -11.187 0.851   1.00 16.93 ? 11  SER A O   1 
ATOM   90  C CB  . SER A 1 11 ? -1.568  -11.585 -1.086  1.00 16.62 ? 11  SER A CB  1 
ATOM   91  O OG  . SER A 1 11 ? -1.343  -12.504 -0.030  1.00 15.56 ? 11  SER A OG  1 
ATOM   92  N N   . ARG A 1 12 ? -4.667  -10.979 -1.336  1.00 17.88 ? 12  ARG A N   1 
ATOM   93  C CA  . ARG A 1 12 ? -6.028  -11.507 -1.191  1.00 19.58 ? 12  ARG A CA  1 
ATOM   94  C C   . ARG A 1 12 ? -5.983  -12.924 -0.604  1.00 21.17 ? 12  ARG A C   1 
ATOM   95  O O   . ARG A 1 12 ? -6.711  -13.216 0.362   1.00 19.99 ? 12  ARG A O   1 
ATOM   96  C CB  . ARG A 1 12 ? -6.753  -11.504 -2.539  1.00 20.24 ? 12  ARG A CB  1 
ATOM   97  C CG  . ARG A 1 12 ? -8.186  -12.016 -2.475  1.00 21.17 ? 12  ARG A CG  1 
ATOM   98  C CD  . ARG A 1 12 ? -8.851  -11.907 -3.820  1.00 22.42 ? 12  ARG A CD  1 
ATOM   99  N NE  . ARG A 1 12 ? -9.131  -10.523 -4.154  1.00 22.83 ? 12  ARG A NE  1 
ATOM   100 C CZ  . ARG A 1 12 ? -9.791  -10.141 -5.233  1.00 25.18 ? 12  ARG A CZ  1 
ATOM   101 N NH1 . ARG A 1 12 ? -10.165 -11.037 -6.135  1.00 26.40 ? 12  ARG A NH1 1 
ATOM   102 N NH2 . ARG A 1 12 ? -10.052 -8.863  -5.421  1.00 25.60 ? 12  ARG A NH2 1 
ATOM   103 N N   . HIS A 1 13 ? -5.182  -13.799 -1.230  1.00 19.78 ? 13  HIS A N   1 
ATOM   104 C CA  . HIS A 1 13 ? -5.094  -15.223 -0.906  1.00 21.11 ? 13  HIS A CA  1 
ATOM   105 C C   . HIS A 1 13 ? -3.694  -15.544 -0.409  1.00 21.02 ? 13  HIS A C   1 
ATOM   106 O O   . HIS A 1 13 ? -2.740  -14.825 -0.730  1.00 19.64 ? 13  HIS A O   1 
ATOM   107 C CB  . HIS A 1 13 ? -5.412  -16.099 -2.135  1.00 22.09 ? 13  HIS A CB  1 
ATOM   108 C CG  . HIS A 1 13 ? -6.731  -15.792 -2.754  1.00 23.98 ? 13  HIS A CG  1 
ATOM   109 N ND1 . HIS A 1 13 ? -7.913  -16.106 -2.129  1.00 26.85 ? 13  HIS A ND1 1 
ATOM   110 C CD2 . HIS A 1 13 ? -7.063  -15.178 -3.909  1.00 26.45 ? 13  HIS A CD2 1 
ATOM   111 C CE1 . HIS A 1 13 ? -8.926  -15.705 -2.871  1.00 26.37 ? 13  HIS A CE1 1 
ATOM   112 N NE2 . HIS A 1 13 ? -8.434  -15.130 -3.972  1.00 27.06 ? 13  HIS A NE2 1 
ATOM   113 N N   . PRO A 1 14 ? -3.527  -16.650 0.353   1.00 22.19 ? 14  PRO A N   1 
ATOM   114 C CA  . PRO A 1 14 ? -2.205  -17.141 0.704   1.00 21.84 ? 14  PRO A CA  1 
ATOM   115 C C   . PRO A 1 14 ? -1.398  -17.224 -0.582  1.00 21.13 ? 14  PRO A C   1 
ATOM   116 O O   . PRO A 1 14 ? -1.895  -17.717 -1.598  1.00 19.08 ? 14  PRO A O   1 
ATOM   117 C CB  . PRO A 1 14 ? -2.474  -18.510 1.348   1.00 22.73 ? 14  PRO A CB  1 
ATOM   118 C CG  . PRO A 1 14 ? -3.866  -18.346 1.936   1.00 23.51 ? 14  PRO A CG  1 
ATOM   119 C CD  . PRO A 1 14 ? -4.604  -17.467 0.949   1.00 23.72 ? 14  PRO A CD  1 
ATOM   120 N N   . PRO A 1 15 ? -0.178  -16.655 -0.602  1.00 20.23 ? 15  PRO A N   1 
ATOM   121 C CA  . PRO A 1 15 ? 0.601   -16.602 -1.835  1.00 20.84 ? 15  PRO A CA  1 
ATOM   122 C C   . PRO A 1 15 ? 1.145   -17.982 -2.226  1.00 20.48 ? 15  PRO A C   1 
ATOM   123 O O   . PRO A 1 15 ? 1.512   -18.761 -1.373  1.00 19.69 ? 15  PRO A O   1 
ATOM   124 C CB  . PRO A 1 15 ? 1.717   -15.604 -1.512  1.00 20.46 ? 15  PRO A CB  1 
ATOM   125 C CG  . PRO A 1 15 ? 1.854   -15.642 -0.007  1.00 21.60 ? 15  PRO A CG  1 
ATOM   126 C CD  . PRO A 1 15 ? 0.464   -15.934 0.513   1.00 22.22 ? 15  PRO A CD  1 
ATOM   127 N N   . GLU A 1 16 ? 1.124   -18.263 -3.522  1.00 20.48 ? 16  GLU A N   1 
ATOM   128 C CA  . GLU A 1 16 ? 1.780   -19.414 -4.111  1.00 22.03 ? 16  GLU A CA  1 
ATOM   129 C C   . GLU A 1 16 ? 2.547   -18.906 -5.328  1.00 19.89 ? 16  GLU A C   1 
ATOM   130 O O   . GLU A 1 16 ? 1.969   -18.207 -6.189  1.00 19.33 ? 16  GLU A O   1 
ATOM   131 C CB  . GLU A 1 16 ? 0.779   -20.488 -4.533  1.00 24.52 ? 16  GLU A CB  1 
ATOM   132 C CG  . GLU A 1 16 ? -0.142  -20.939 -3.423  1.00 28.78 ? 16  GLU A CG  1 
ATOM   133 C CD  . GLU A 1 16 ? -1.149  -21.986 -3.874  1.00 32.79 ? 16  GLU A CD  1 
ATOM   134 O OE1 . GLU A 1 16 ? -0.786  -22.818 -4.732  1.00 34.24 ? 16  GLU A OE1 1 
ATOM   135 O OE2 . GLU A 1 16 ? -2.301  -21.942 -3.392  1.00 37.24 ? 16  GLU A OE2 1 
ATOM   136 N N   . ASN A 1 17 ? 3.846   -19.218 -5.378  1.00 18.58 ? 17  ASN A N   1 
ATOM   137 C CA  . ASN A 1 17 ? 4.674   -18.757 -6.455  1.00 18.31 ? 17  ASN A CA  1 
ATOM   138 C C   . ASN A 1 17 ? 4.056   -19.211 -7.780  1.00 18.94 ? 17  ASN A C   1 
ATOM   139 O O   . ASN A 1 17 ? 3.622   -20.347 -7.914  1.00 17.47 ? 17  ASN A O   1 
ATOM   140 C CB  . ASN A 1 17 ? 6.126   -19.213 -6.308  1.00 18.70 ? 17  ASN A CB  1 
ATOM   141 C CG  . ASN A 1 17 ? 6.826   -18.500 -5.168  1.00 19.34 ? 17  ASN A CG  1 
ATOM   142 O OD1 . ASN A 1 17 ? 6.477   -17.368 -4.836  1.00 18.53 ? 17  ASN A OD1 1 
ATOM   143 N ND2 . ASN A 1 17 ? 7.807   -19.149 -4.569  1.00 17.15 ? 17  ASN A ND2 1 
ATOM   144 N N   . GLY A 1 18 ? 3.984   -18.274 -8.727  1.00 20.29 ? 18  GLY A N   1 
ATOM   145 C CA  . GLY A 1 18 ? 3.498   -18.527 -10.071 1.00 20.75 ? 18  GLY A CA  1 
ATOM   146 C C   . GLY A 1 18 ? 1.985   -18.545 -10.181 1.00 21.77 ? 18  GLY A C   1 
ATOM   147 O O   . GLY A 1 18 ? 1.472   -18.727 -11.274 1.00 21.36 ? 18  GLY A O   1 
ATOM   148 N N   . LYS A 1 19 ? 1.264   -18.329 -9.072  1.00 22.57 ? 19  LYS A N   1 
ATOM   149 C CA  . LYS A 1 19 ? -0.196  -18.249 -9.104  1.00 24.65 ? 19  LYS A CA  1 
ATOM   150 C C   . LYS A 1 19 ? -0.631  -16.790 -8.979  1.00 22.91 ? 19  LYS A C   1 
ATOM   151 O O   . LYS A 1 19 ? -0.344  -16.136 -7.966  1.00 19.85 ? 19  LYS A O   1 
ATOM   152 C CB  . LYS A 1 19 ? -0.849  -19.064 -7.984  1.00 28.60 ? 19  LYS A CB  1 
ATOM   153 C CG  . LYS A 1 19 ? -0.914  -20.574 -8.205  1.00 34.29 ? 19  LYS A CG  1 
ATOM   154 C CD  . LYS A 1 19 ? -2.266  -21.215 -7.849  1.00 36.49 ? 19  LYS A CD  1 
ATOM   155 C CE  . LYS A 1 19 ? -2.906  -20.693 -6.572  1.00 37.99 ? 19  LYS A CE  1 
ATOM   156 N NZ  . LYS A 1 19 ? -4.108  -19.857 -6.824  1.00 35.67 ? 19  LYS A NZ  1 
ATOM   157 N N   . PRO A 1 20 ? -1.378  -16.261 -9.976  1.00 21.02 ? 20  PRO A N   1 
ATOM   158 C CA  . PRO A 1 20 ? -1.935  -14.909 -9.906  1.00 20.18 ? 20  PRO A CA  1 
ATOM   159 C C   . PRO A 1 20 ? -2.732  -14.653 -8.619  1.00 17.97 ? 20  PRO A C   1 
ATOM   160 O O   . PRO A 1 20 ? -3.434  -15.532 -8.108  1.00 17.65 ? 20  PRO A O   1 
ATOM   161 C CB  . PRO A 1 20 ? -2.865  -14.831 -11.130 1.00 21.70 ? 20  PRO A CB  1 
ATOM   162 C CG  . PRO A 1 20 ? -2.264  -15.813 -12.105 1.00 22.27 ? 20  PRO A CG  1 
ATOM   163 C CD  . PRO A 1 20 ? -1.703  -16.930 -11.249 1.00 22.84 ? 20  PRO A CD  1 
ATOM   164 N N   . ASN A 1 21 ? -2.632  -13.423 -8.122  1.00 16.21 ? 21  ASN A N   1 
ATOM   165 C CA  . ASN A 1 21 ? -3.142  -13.044 -6.797  1.00 15.12 ? 21  ASN A CA  1 
ATOM   166 C C   . ASN A 1 21 ? -3.438  -11.544 -6.879  1.00 14.44 ? 21  ASN A C   1 
ATOM   167 O O   . ASN A 1 21 ? -3.205  -10.936 -7.944  1.00 14.39 ? 21  ASN A O   1 
ATOM   168 C CB  . ASN A 1 21 ? -2.136  -13.459 -5.714  1.00 14.67 ? 21  ASN A CB  1 
ATOM   169 C CG  . ASN A 1 21 ? -2.689  -13.627 -4.310  1.00 14.57 ? 21  ASN A CG  1 
ATOM   170 O OD1 . ASN A 1 21 ? -3.632  -12.947 -3.892  1.00 14.24 ? 21  ASN A OD1 1 
ATOM   171 N ND2 . ASN A 1 21 ? -2.114  -14.570 -3.575  1.00 14.58 ? 21  ASN A ND2 1 
ATOM   172 N N   . ILE A 1 22 ? -3.966  -10.966 -5.792  1.00 14.75 ? 22  ILE A N   1 
ATOM   173 C CA  . ILE A 1 22 ? -4.155  -9.513  -5.670  1.00 15.03 ? 22  ILE A CA  1 
ATOM   174 C C   . ILE A 1 22 ? -3.324  -8.999  -4.490  1.00 14.20 ? 22  ILE A C   1 
ATOM   175 O O   . ILE A 1 22 ? -3.408  -9.537  -3.397  1.00 13.26 ? 22  ILE A O   1 
ATOM   176 C CB  . ILE A 1 22 ? -5.645  -9.142  -5.500  1.00 15.70 ? 22  ILE A CB  1 
ATOM   177 C CG1 . ILE A 1 22 ? -6.481  -9.624  -6.685  1.00 15.83 ? 22  ILE A CG1 1 
ATOM   178 C CG2 . ILE A 1 22 ? -5.815  -7.641  -5.266  1.00 15.94 ? 22  ILE A CG2 1 
ATOM   179 C CD1 . ILE A 1 22 ? -6.022  -9.084  -8.014  1.00 16.17 ? 22  ILE A CD1 1 
ATOM   180 N N   . LEU A 1 23 ? -2.520  -7.957  -4.736  1.00 13.83 ? 23  LEU A N   1 
ATOM   181 C CA  . LEU A 1 23 ? -1.795  -7.298  -3.665  1.00 14.17 ? 23  LEU A CA  1 
ATOM   182 C C   . LEU A 1 23 ? -2.546  -6.027  -3.266  1.00 14.09 ? 23  LEU A C   1 
ATOM   183 O O   . LEU A 1 23 ? -3.034  -5.304  -4.130  1.00 14.01 ? 23  LEU A O   1 
ATOM   184 C CB  . LEU A 1 23 ? -0.370  -6.964  -4.114  1.00 15.04 ? 23  LEU A CB  1 
ATOM   185 C CG  . LEU A 1 23 ? 0.540   -6.516  -2.969  1.00 14.81 ? 23  LEU A CG  1 
ATOM   186 C CD1 . LEU A 1 23 ? 0.709   -7.617  -1.942  1.00 15.22 ? 23  LEU A CD1 1 
ATOM   187 C CD2 . LEU A 1 23 ? 1.893   -6.071  -3.491  1.00 16.60 ? 23  LEU A CD2 1 
ATOM   188 N N   . ASN A 1 24 ? -2.631  -5.778  -1.955  1.00 14.01 ? 24  ASN A N   1 
ATOM   189 C CA  . ASN A 1 24 ? -3.393  -4.671  -1.406  1.00 14.11 ? 24  ASN A CA  1 
ATOM   190 C C   . ASN A 1 24 ? -2.470  -3.800  -0.553  1.00 14.17 ? 24  ASN A C   1 
ATOM   191 O O   . ASN A 1 24 ? -1.594  -4.328  0.156   1.00 12.94 ? 24  ASN A O   1 
ATOM   192 C CB  . ASN A 1 24 ? -4.557  -5.148  -0.531  1.00 14.51 ? 24  ASN A CB  1 
ATOM   193 C CG  . ASN A 1 24 ? -5.579  -5.938  -1.308  1.00 15.35 ? 24  ASN A CG  1 
ATOM   194 O OD1 . ASN A 1 24 ? -6.531  -5.361  -1.813  1.00 16.11 ? 24  ASN A OD1 1 
ATOM   195 N ND2 . ASN A 1 24 ? -5.375  -7.244  -1.436  1.00 16.67 ? 24  ASN A ND2 1 
ATOM   196 N N   . CYS A 1 25 ? -2.679  -2.480  -0.640  1.00 13.94 ? 25  CYS A N   1 
ATOM   197 C CA  . CYS A 1 25 ? -2.107  -1.519  0.280   1.00 14.38 ? 25  CYS A CA  1 
ATOM   198 C C   . CYS A 1 25 ? -3.232  -0.662  0.870   1.00 13.75 ? 25  CYS A C   1 
ATOM   199 O O   . CYS A 1 25 ? -3.833  0.189   0.184   1.00 13.57 ? 25  CYS A O   1 
ATOM   200 C CB  . CYS A 1 25 ? -1.073  -0.651  -0.423  1.00 15.16 ? 25  CYS A CB  1 
ATOM   201 S SG  . CYS A 1 25 ? -0.305  0.568   0.669   1.00 16.16 ? 25  CYS A SG  1 
ATOM   202 N N   . TYR A 1 26 ? -3.538  -0.927  2.137   1.00 14.07 ? 26  TYR A N   1 
ATOM   203 C CA  . TYR A 1 26 ? -4.644  -0.304  2.846   1.00 14.15 ? 26  TYR A CA  1 
ATOM   204 C C   . TYR A 1 26 ? -4.071  0.719   3.820   1.00 14.13 ? 26  TYR A C   1 
ATOM   205 O O   . TYR A 1 26 ? -3.357  0.355   4.740   1.00 14.05 ? 26  TYR A O   1 
ATOM   206 C CB  . TYR A 1 26 ? -5.484  -1.368  3.557   1.00 15.44 ? 26  TYR A CB  1 
ATOM   207 C CG  . TYR A 1 26 ? -6.626  -0.860  4.399   1.00 16.64 ? 26  TYR A CG  1 
ATOM   208 C CD1 . TYR A 1 26 ? -7.595  -0.012  3.888   1.00 19.06 ? 26  TYR A CD1 1 
ATOM   209 C CD2 . TYR A 1 26 ? -6.760  -1.273  5.712   1.00 18.79 ? 26  TYR A CD2 1 
ATOM   210 C CE1 . TYR A 1 26 ? -8.663  0.416   4.669   1.00 20.46 ? 26  TYR A CE1 1 
ATOM   211 C CE2 . TYR A 1 26 ? -7.813  -0.855  6.507   1.00 19.29 ? 26  TYR A CE2 1 
ATOM   212 C CZ  . TYR A 1 26 ? -8.764  -0.002  5.984   1.00 21.26 ? 26  TYR A CZ  1 
ATOM   213 O OH  . TYR A 1 26 ? -9.797  0.404   6.782   1.00 27.43 ? 26  TYR A OH  1 
ATOM   214 N N   . VAL A 1 27 ? -4.393  1.994   3.580   1.00 13.97 ? 27  VAL A N   1 
ATOM   215 C CA  . VAL A 1 27 ? -3.788  3.100   4.292   1.00 14.70 ? 27  VAL A CA  1 
ATOM   216 C C   . VAL A 1 27 ? -4.901  3.827   5.058   1.00 14.95 ? 27  VAL A C   1 
ATOM   217 O O   . VAL A 1 27 ? -5.918  4.204   4.463   1.00 13.64 ? 27  VAL A O   1 
ATOM   218 C CB  . VAL A 1 27 ? -3.040  4.035   3.325   1.00 14.95 ? 27  VAL A CB  1 
ATOM   219 C CG1 . VAL A 1 27 ? -2.243  5.088   4.072   1.00 14.67 ? 27  VAL A CG1 1 
ATOM   220 C CG2 . VAL A 1 27 ? -2.142  3.264   2.370   1.00 15.38 ? 27  VAL A CG2 1 
ATOM   221 N N   . THR A 1 28 ? -4.685  4.017   6.366   1.00 14.66 ? 28  THR A N   1 
ATOM   222 C CA  . THR A 1 28 ? -5.702  4.447   7.287   1.00 14.92 ? 28  THR A CA  1 
ATOM   223 C C   . THR A 1 28 ? -5.145  5.512   8.240   1.00 15.61 ? 28  THR A C   1 
ATOM   224 O O   . THR A 1 28 ? -3.930  5.709   8.351   1.00 14.76 ? 28  THR A O   1 
ATOM   225 C CB  . THR A 1 28 ? -6.252  3.269   8.106   1.00 15.51 ? 28  THR A CB  1 
ATOM   226 O OG1 . THR A 1 28 ? -5.170  2.677   8.825   1.00 16.32 ? 28  THR A OG1 1 
ATOM   227 C CG2 . THR A 1 28 ? -6.919  2.201   7.272   1.00 15.93 ? 28  THR A CG2 1 
ATOM   228 N N   . GLN A 1 29 ? -6.068  6.189   8.926   1.00 17.23 ? 29  GLN A N   1 
ATOM   229 C CA  . GLN A 1 29 ? -5.771  7.022   10.093  1.00 19.92 ? 29  GLN A CA  1 
ATOM   230 C C   . GLN A 1 29 ? -4.882  8.220   9.742   1.00 18.90 ? 29  GLN A C   1 
ATOM   231 O O   . GLN A 1 29 ? -4.104  8.670   10.586  1.00 21.35 ? 29  GLN A O   1 
ATOM   232 C CB  . GLN A 1 29 ? -5.072  6.194   11.175  1.00 23.16 ? 29  GLN A CB  1 
ATOM   233 C CG  . GLN A 1 29 ? -5.786  4.888   11.481  1.00 27.01 ? 29  GLN A CG  1 
ATOM   234 C CD  . GLN A 1 29 ? -5.652  4.487   12.927  1.00 32.64 ? 29  GLN A CD  1 
ATOM   235 O OE1 . GLN A 1 29 ? -6.261  5.089   13.808  1.00 41.59 ? 29  GLN A OE1 1 
ATOM   236 N NE2 . GLN A 1 29 ? -4.849  3.465   13.179  1.00 35.14 ? 29  GLN A NE2 1 
ATOM   237 N N   . PHE A 1 30 ? -4.987  8.744   8.519   1.00 18.23 ? 30  PHE A N   1 
ATOM   238 C CA  . PHE A 1 30 ? -4.177  9.899   8.146   1.00 17.62 ? 30  PHE A CA  1 
ATOM   239 C C   . PHE A 1 30 ? -5.053  11.154  8.015   1.00 18.31 ? 30  PHE A C   1 
ATOM   240 O O   . PHE A 1 30 ? -6.261  11.099  7.721   1.00 17.67 ? 30  PHE A O   1 
ATOM   241 C CB  . PHE A 1 30 ? -3.336  9.637   6.892   1.00 17.39 ? 30  PHE A CB  1 
ATOM   242 C CG  . PHE A 1 30 ? -4.109  9.274   5.653   1.00 16.66 ? 30  PHE A CG  1 
ATOM   243 C CD1 . PHE A 1 30 ? -4.423  7.950   5.380   1.00 16.21 ? 30  PHE A CD1 1 
ATOM   244 C CD2 . PHE A 1 30 ? -4.495  10.249  4.741   1.00 16.42 ? 30  PHE A CD2 1 
ATOM   245 C CE1 . PHE A 1 30 ? -5.140  7.611   4.243   1.00 15.60 ? 30  PHE A CE1 1 
ATOM   246 C CE2 . PHE A 1 30 ? -5.189  9.906   3.589   1.00 15.72 ? 30  PHE A CE2 1 
ATOM   247 C CZ  . PHE A 1 30 ? -5.537  8.591   3.361   1.00 16.63 ? 30  PHE A CZ  1 
ATOM   248 N N   . HIS A 1 31 ? -4.391  12.296  8.235   1.00 19.93 ? 31  HIS A N   1 
ATOM   249 C CA  . HIS A 1 31 ? -4.979  13.636  8.130   1.00 20.23 ? 31  HIS A CA  1 
ATOM   250 C C   . HIS A 1 31 ? -3.823  14.620  7.990   1.00 19.76 ? 31  HIS A C   1 
ATOM   251 O O   . HIS A 1 31 ? -2.919  14.587  8.811   1.00 21.45 ? 31  HIS A O   1 
ATOM   252 C CB  . HIS A 1 31 ? -5.855  13.912  9.360   1.00 21.58 ? 31  HIS A CB  1 
ATOM   253 C CG  . HIS A 1 31 ? -6.877  14.980  9.164   1.00 22.11 ? 31  HIS A CG  1 
ATOM   254 N ND1 . HIS A 1 31 ? -6.534  16.270  8.837   1.00 22.91 ? 31  HIS A ND1 1 
ATOM   255 C CD2 . HIS A 1 31 ? -8.222  14.957  9.277   1.00 22.67 ? 31  HIS A CD2 1 
ATOM   256 C CE1 . HIS A 1 31 ? -7.630  16.995  8.726   1.00 22.66 ? 31  HIS A CE1 1 
ATOM   257 N NE2 . HIS A 1 31 ? -8.682  16.212  8.994   1.00 22.64 ? 31  HIS A NE2 1 
ATOM   258 N N   . PRO A 1 32 ? -3.812  15.475  6.962   1.00 20.44 ? 32  PRO A N   1 
ATOM   259 C CA  . PRO A 1 32 ? -4.905  15.748  6.033   1.00 19.98 ? 32  PRO A CA  1 
ATOM   260 C C   . PRO A 1 32 ? -5.019  14.714  4.918   1.00 19.42 ? 32  PRO A C   1 
ATOM   261 O O   . PRO A 1 32 ? -4.212  13.793  4.861   1.00 19.52 ? 32  PRO A O   1 
ATOM   262 C CB  . PRO A 1 32 ? -4.518  17.134  5.486   1.00 20.17 ? 32  PRO A CB  1 
ATOM   263 C CG  . PRO A 1 32 ? -3.012  17.090  5.433   1.00 20.79 ? 32  PRO A CG  1 
ATOM   264 C CD  . PRO A 1 32 ? -2.621  16.288  6.660   1.00 21.48 ? 32  PRO A CD  1 
ATOM   265 N N   . PRO A 1 33 ? -6.037  14.802  4.029   1.00 18.85 ? 33  PRO A N   1 
ATOM   266 C CA  . PRO A 1 33 ? -6.238  13.794  2.986   1.00 19.03 ? 33  PRO A CA  1 
ATOM   267 C C   . PRO A 1 33 ? -5.176  13.715  1.875   1.00 19.60 ? 33  PRO A C   1 
ATOM   268 O O   . PRO A 1 33 ? -5.048  12.669  1.225   1.00 19.94 ? 33  PRO A O   1 
ATOM   269 C CB  . PRO A 1 33 ? -7.620  14.144  2.408   1.00 19.12 ? 33  PRO A CB  1 
ATOM   270 C CG  . PRO A 1 33 ? -7.818  15.605  2.723   1.00 19.14 ? 33  PRO A CG  1 
ATOM   271 C CD  . PRO A 1 33 ? -7.106  15.815  4.043   1.00 19.13 ? 33  PRO A CD  1 
ATOM   272 N N   . HIS A 1 34 ? -4.407  14.787  1.670   1.00 18.83 ? 34  HIS A N   1 
ATOM   273 C CA  . HIS A 1 34 ? -3.326  14.761  0.709   1.00 19.49 ? 34  HIS A CA  1 
ATOM   274 C C   . HIS A 1 34 ? -2.371  13.598  1.004   1.00 18.51 ? 34  HIS A C   1 
ATOM   275 O O   . HIS A 1 34 ? -1.848  13.484  2.095   1.00 16.65 ? 34  HIS A O   1 
ATOM   276 C CB  . HIS A 1 34 ? -2.550  16.080  0.676   1.00 21.15 ? 34  HIS A CB  1 
ATOM   277 C CG  . HIS A 1 34 ? -1.335  15.949  -0.168  1.00 23.42 ? 34  HIS A CG  1 
ATOM   278 N ND1 . HIS A 1 34 ? -1.426  15.796  -1.531  1.00 23.73 ? 34  HIS A ND1 1 
ATOM   279 C CD2 . HIS A 1 34 ? -0.030  15.810  0.154   1.00 24.52 ? 34  HIS A CD2 1 
ATOM   280 C CE1 . HIS A 1 34 ? -0.217  15.637  -2.023  1.00 25.96 ? 34  HIS A CE1 1 
ATOM   281 N NE2 . HIS A 1 34 ? 0.654   15.643  -1.011  1.00 26.45 ? 34  HIS A NE2 1 
ATOM   282 N N   . ILE A 1 35 ? -2.156  12.740  0.005   1.00 18.34 ? 35  ILE A N   1 
ATOM   283 C CA  . ILE A 1 35 ? -1.312  11.543  0.178   1.00 18.01 ? 35  ILE A CA  1 
ATOM   284 C C   . ILE A 1 35 ? -0.912  11.037  -1.212  1.00 18.40 ? 35  ILE A C   1 
ATOM   285 O O   . ILE A 1 35 ? -1.616  11.253  -2.191  1.00 17.76 ? 35  ILE A O   1 
ATOM   286 C CB  . ILE A 1 35 ? -2.023  10.471  1.041   1.00 17.35 ? 35  ILE A CB  1 
ATOM   287 C CG1 . ILE A 1 35 ? -1.044  9.444   1.617   1.00 17.43 ? 35  ILE A CG1 1 
ATOM   288 C CG2 . ILE A 1 35 ? -3.141  9.767   0.277   1.00 17.71 ? 35  ILE A CG2 1 
ATOM   289 C CD1 . ILE A 1 35 ? -1.626  8.619   2.748   1.00 17.27 ? 35  ILE A CD1 1 
ATOM   290 N N   . GLU A 1 36 ? 0.268   10.427  -1.292  1.00 18.85 ? 36  GLU A N   1 
ATOM   291 C CA  . GLU A 1 36 ? 0.733   9.811   -2.507  1.00 20.28 ? 36  GLU A CA  1 
ATOM   292 C C   . GLU A 1 36 ? 1.072   8.357   -2.184  1.00 18.07 ? 36  GLU A C   1 
ATOM   293 O O   . GLU A 1 36 ? 1.921   8.117   -1.337  1.00 18.33 ? 36  GLU A O   1 
ATOM   294 C CB  . GLU A 1 36 ? 1.954   10.556  -3.037  1.00 24.20 ? 36  GLU A CB  1 
ATOM   295 C CG  . GLU A 1 36 ? 1.671   12.018  -3.318  1.00 29.27 ? 36  GLU A CG  1 
ATOM   296 C CD  . GLU A 1 36 ? 2.690   12.660  -4.243  1.00 36.50 ? 36  GLU A CD  1 
ATOM   297 O OE1 . GLU A 1 36 ? 3.837   12.868  -3.788  1.00 38.56 ? 36  GLU A OE1 1 
ATOM   298 O OE2 . GLU A 1 36 ? 2.338   12.911  -5.430  1.00 43.35 ? 36  GLU A OE2 1 
ATOM   299 N N   . ILE A 1 37 ? 0.390   7.420   -2.853  1.00 16.86 ? 37  ILE A N   1 
ATOM   300 C CA  . ILE A 1 37 ? 0.583   5.996   -2.649  1.00 16.71 ? 37  ILE A CA  1 
ATOM   301 C C   . ILE A 1 37 ? 1.077   5.347   -3.947  1.00 17.08 ? 37  ILE A C   1 
ATOM   302 O O   . ILE A 1 37 ? 0.479   5.535   -5.016  1.00 16.22 ? 37  ILE A O   1 
ATOM   303 C CB  . ILE A 1 37 ? -0.729  5.364   -2.161  1.00 16.75 ? 37  ILE A CB  1 
ATOM   304 C CG1 . ILE A 1 37 ? -1.182  5.973   -0.831  1.00 16.42 ? 37  ILE A CG1 1 
ATOM   305 C CG2 . ILE A 1 37 ? -0.580  3.856   -2.092  1.00 16.96 ? 37  ILE A CG2 1 
ATOM   306 C CD1 . ILE A 1 37 ? -2.643  5.746   -0.501  1.00 16.95 ? 37  ILE A CD1 1 
ATOM   307 N N   . GLN A 1 38 ? 2.150   4.561   -3.837  1.00 16.91 ? 38  GLN A N   1 
ATOM   308 C CA  . GLN A 1 38 ? 2.689   3.790   -4.953  1.00 19.27 ? 38  GLN A CA  1 
ATOM   309 C C   . GLN A 1 38 ? 2.835   2.338   -4.521  1.00 18.49 ? 38  GLN A C   1 
ATOM   310 O O   . GLN A 1 38 ? 3.352   2.066   -3.439  1.00 18.75 ? 38  GLN A O   1 
ATOM   311 C CB  . GLN A 1 38 ? 4.099   4.237   -5.339  1.00 21.25 ? 38  GLN A CB  1 
ATOM   312 C CG  . GLN A 1 38 ? 4.226   5.710   -5.681  1.00 25.15 ? 38  GLN A CG  1 
ATOM   313 C CD  . GLN A 1 38 ? 5.659   6.173   -5.555  1.00 27.32 ? 38  GLN A CD  1 
ATOM   314 O OE1 . GLN A 1 38 ? 6.293   6.058   -4.503  1.00 31.64 ? 38  GLN A OE1 1 
ATOM   315 N NE2 . GLN A 1 38 ? 6.169   6.730   -6.628  1.00 28.99 ? 38  GLN A NE2 1 
ATOM   316 N N   . MET A 1 39 ? 2.471   1.418   -5.406  1.00 17.36 ? 39  MET A N   1 
ATOM   317 C CA  . MET A 1 39 ? 2.782   0.034   -5.191  1.00 17.41 ? 39  MET A CA  1 
ATOM   318 C C   . MET A 1 39 ? 3.986   -0.298  -6.071  1.00 16.94 ? 39  MET A C   1 
ATOM   319 O O   . MET A 1 39 ? 4.066   0.147   -7.226  1.00 17.52 ? 39  MET A O   1 
ATOM   320 C CB  . MET A 1 39 ? 1.564   -0.847  -5.482  1.00 17.75 ? 39  MET A CB  1 
ATOM   321 C CG  . MET A 1 39 ? 0.349   -0.386  -4.699  1.00 18.42 ? 39  MET A CG  1 
ATOM   322 S SD  . MET A 1 39 ? -1.020  -1.606  -4.677  1.00 18.83 ? 39  MET A SD  1 
ATOM   323 C CE  . MET A 1 39 ? -0.284  -2.884  -3.664  1.00 17.56 ? 39  MET A CE  1 
ATOM   324 N N   . LEU A 1 40 ? 4.953   -1.010  -5.481  1.00 15.51 ? 40  LEU A N   1 
ATOM   325 C CA  . LEU A 1 40 ? 6.271   -1.216  -6.091  1.00 15.37 ? 40  LEU A CA  1 
ATOM   326 C C   . LEU A 1 40 ? 6.503   -2.710  -6.283  1.00 15.23 ? 40  LEU A C   1 
ATOM   327 O O   . LEU A 1 40 ? 6.155   -3.514  -5.411  1.00 14.58 ? 40  LEU A O   1 
ATOM   328 C CB  . LEU A 1 40 ? 7.379   -0.663  -5.193  1.00 15.28 ? 40  LEU A CB  1 
ATOM   329 C CG  . LEU A 1 40 ? 7.214   0.770   -4.698  1.00 15.80 ? 40  LEU A CG  1 
ATOM   330 C CD1 . LEU A 1 40 ? 8.397   1.155   -3.819  1.00 16.48 ? 40  LEU A CD1 1 
ATOM   331 C CD2 . LEU A 1 40 ? 7.068   1.735   -5.870  1.00 15.85 ? 40  LEU A CD2 1 
ATOM   332 N N   . LYS A 1 41 ? 7.095   -3.043  -7.429  1.00 15.41 ? 41  LYS A N   1 
ATOM   333 C CA  . LYS A 1 41 ? 7.651   -4.336  -7.703  1.00 15.45 ? 41  LYS A CA  1 
ATOM   334 C C   . LYS A 1 41 ? 9.143   -4.140  -7.969  1.00 16.04 ? 41  LYS A C   1 
ATOM   335 O O   . LYS A 1 41 ? 9.503   -3.444  -8.921  1.00 15.20 ? 41  LYS A O   1 
ATOM   336 C CB  . LYS A 1 41 ? 7.005   -4.940  -8.945  1.00 16.15 ? 41  LYS A CB  1 
ATOM   337 C CG  . LYS A 1 41 ? 7.591   -6.268  -9.389  1.00 16.18 ? 41  LYS A CG  1 
ATOM   338 C CD  . LYS A 1 41 ? 6.861   -6.827  -10.601 1.00 17.12 ? 41  LYS A CD  1 
ATOM   339 C CE  . LYS A 1 41 ? 7.521   -8.090  -11.105 1.00 17.88 ? 41  LYS A CE  1 
ATOM   340 N NZ  . LYS A 1 41 ? 6.919   -8.537  -12.376 1.00 18.41 ? 41  LYS A NZ  1 
ATOM   341 N N   . ASN A 1 42 ? 9.981   -4.752  -7.133  1.00 16.11 ? 42  ASN A N   1 
ATOM   342 C CA  . ASN A 1 42 ? 11.452  -4.584  -7.229  1.00 17.14 ? 42  ASN A CA  1 
ATOM   343 C C   . ASN A 1 42 ? 11.783  -3.086  -7.339  1.00 17.92 ? 42  ASN A C   1 
ATOM   344 O O   . ASN A 1 42 ? 12.619  -2.694  -8.152  1.00 20.08 ? 42  ASN A O   1 
ATOM   345 C CB  . ASN A 1 42 ? 12.016  -5.374  -8.416  1.00 16.27 ? 42  ASN A CB  1 
ATOM   346 C CG  . ASN A 1 42 ? 11.720  -6.854  -8.311  1.00 16.50 ? 42  ASN A CG  1 
ATOM   347 O OD1 . ASN A 1 42 ? 11.869  -7.417  -7.231  1.00 16.93 ? 42  ASN A OD1 1 
ATOM   348 N ND2 . ASN A 1 42 ? 11.265  -7.469  -9.391  1.00 15.67 ? 42  ASN A ND2 1 
ATOM   349 N N   . GLY A 1 43 ? 11.141  -2.273  -6.497  1.00 17.36 ? 43  GLY A N   1 
ATOM   350 C CA  . GLY A 1 43 ? 11.456  -0.843  -6.356  1.00 17.94 ? 43  GLY A CA  1 
ATOM   351 C C   . GLY A 1 43 ? 10.837  0.042   -7.433  1.00 17.83 ? 43  GLY A C   1 
ATOM   352 O O   . GLY A 1 43 ? 10.953  1.257   -7.334  1.00 18.67 ? 43  GLY A O   1 
ATOM   353 N N   . LYS A 1 44 ? 10.170  -0.543  -8.443  1.00 18.77 ? 44  LYS A N   1 
ATOM   354 C CA  A LYS A 1 44 ? 9.596   0.201   -9.578  0.50 19.20 ? 44  LYS A CA  1 
ATOM   355 C CA  B LYS A 1 44 ? 9.601   0.223   -9.563  0.50 19.09 ? 44  LYS A CA  1 
ATOM   356 C C   . LYS A 1 44 ? 8.079   0.315   -9.404  1.00 18.33 ? 44  LYS A C   1 
ATOM   357 O O   . LYS A 1 44 ? 7.400   -0.678  -9.123  1.00 16.37 ? 44  LYS A O   1 
ATOM   358 C CB  A LYS A 1 44 ? 9.916   -0.501  -10.903 0.50 21.02 ? 44  LYS A CB  1 
ATOM   359 C CB  B LYS A 1 44 ? 9.964   -0.419  -10.906 0.50 20.72 ? 44  LYS A CB  1 
ATOM   360 C CG  A LYS A 1 44 ? 9.146   -0.006  -12.123 0.50 23.04 ? 44  LYS A CG  1 
ATOM   361 C CG  B LYS A 1 44 ? 9.448   0.305   -12.145 0.50 22.56 ? 44  LYS A CG  1 
ATOM   362 C CD  A LYS A 1 44 ? 9.291   -0.924  -13.330 0.50 24.64 ? 44  LYS A CD  1 
ATOM   363 C CD  B LYS A 1 44 ? 9.674   -0.492  -13.423 0.50 24.41 ? 44  LYS A CD  1 
ATOM   364 C CE  A LYS A 1 44 ? 8.034   -1.685  -13.696 0.50 25.91 ? 44  LYS A CE  1 
ATOM   365 C CE  B LYS A 1 44 ? 9.075   0.144   -14.662 0.50 24.77 ? 44  LYS A CE  1 
ATOM   366 N NZ  A LYS A 1 44 ? 7.121   -1.882  -12.540 0.50 26.39 ? 44  LYS A NZ  1 
ATOM   367 N NZ  B LYS A 1 44 ? 9.232   -0.744  -15.838 0.50 25.98 ? 44  LYS A NZ  1 
ATOM   368 N N   . LYS A 1 45 ? 7.553   1.523   -9.601  1.00 17.04 ? 45  LYS A N   1 
ATOM   369 C CA  . LYS A 1 45 ? 6.128   1.745   -9.511  1.00 18.16 ? 45  LYS A CA  1 
ATOM   370 C C   . LYS A 1 45 ? 5.404   0.847   -10.514 1.00 17.85 ? 45  LYS A C   1 
ATOM   371 O O   . LYS A 1 45 ? 5.761   0.780   -11.705 1.00 16.15 ? 45  LYS A O   1 
ATOM   372 C CB  . LYS A 1 45 ? 5.781   3.220   -9.744  1.00 20.16 ? 45  LYS A CB  1 
ATOM   373 C CG  . LYS A 1 45 ? 4.291   3.486   -9.946  1.00 21.45 ? 45  LYS A CG  1 
ATOM   374 C CD  . LYS A 1 45 ? 3.966   4.959   -10.050 1.00 24.78 ? 45  LYS A CD  1 
ATOM   375 C CE  . LYS A 1 45 ? 2.580   5.222   -10.594 1.00 26.04 ? 45  LYS A CE  1 
ATOM   376 N NZ  . LYS A 1 45 ? 2.406   6.663   -10.881 1.00 28.76 ? 45  LYS A NZ  1 
ATOM   377 N N   . ILE A 1 46 ? 4.390   0.137   -10.012 1.00 17.43 ? 46  ILE A N   1 
ATOM   378 C CA  . ILE A 1 46 ? 3.552   -0.731  -10.809 1.00 18.06 ? 46  ILE A CA  1 
ATOM   379 C C   . ILE A 1 46 ? 2.540   0.140   -11.550 1.00 20.93 ? 46  ILE A C   1 
ATOM   380 O O   . ILE A 1 46 ? 1.807   0.906   -10.927 1.00 20.64 ? 46  ILE A O   1 
ATOM   381 C CB  . ILE A 1 46 ? 2.843   -1.785  -9.936  1.00 17.50 ? 46  ILE A CB  1 
ATOM   382 C CG1 . ILE A 1 46 ? 3.856   -2.692  -9.233  1.00 16.75 ? 46  ILE A CG1 1 
ATOM   383 C CG2 . ILE A 1 46 ? 1.832   -2.581  -10.753 1.00 17.76 ? 46  ILE A CG2 1 
ATOM   384 C CD1 . ILE A 1 46 ? 3.289   -3.461  -8.076  1.00 15.73 ? 46  ILE A CD1 1 
ATOM   385 N N   . PRO A 1 47 ? 2.451   0.033   -12.892 1.00 23.11 ? 47  PRO A N   1 
ATOM   386 C CA  . PRO A 1 47 ? 1.588   0.928   -13.661 1.00 26.82 ? 47  PRO A CA  1 
ATOM   387 C C   . PRO A 1 47 ? 0.082   0.644   -13.486 1.00 28.03 ? 47  PRO A C   1 
ATOM   388 O O   . PRO A 1 47 ? -0.724  1.567   -13.465 1.00 29.21 ? 47  PRO A O   1 
ATOM   389 C CB  . PRO A 1 47 ? 2.077   0.705   -15.101 1.00 27.03 ? 47  PRO A CB  1 
ATOM   390 C CG  . PRO A 1 47 ? 2.612   -0.713  -15.114 1.00 26.88 ? 47  PRO A CG  1 
ATOM   391 C CD  . PRO A 1 47 ? 3.204   -0.914  -13.731 1.00 25.70 ? 47  PRO A CD  1 
ATOM   392 N N   . LYS A 1 48 ? -0.308  -0.620  -13.328 1.00 28.29 ? 48  LYS A N   1 
ATOM   393 C CA  . LYS A 1 48 ? -1.743  -0.926  -13.250 1.00 34.93 ? 48  LYS A CA  1 
ATOM   394 C C   . LYS A 1 48 ? -2.129  -1.070  -11.775 1.00 32.93 ? 48  LYS A C   1 
ATOM   395 O O   . LYS A 1 48 ? -2.154  -2.200  -11.253 1.00 31.70 ? 48  LYS A O   1 
ATOM   396 C CB  . LYS A 1 48 ? -2.108  -2.188  -14.042 1.00 39.57 ? 48  LYS A CB  1 
ATOM   397 C CG  . LYS A 1 48 ? -2.090  -2.042  -15.559 1.00 46.22 ? 48  LYS A CG  1 
ATOM   398 C CD  . LYS A 1 48 ? -2.759  -3.207  -16.283 1.00 48.12 ? 48  LYS A CD  1 
ATOM   399 C CE  . LYS A 1 48 ? -2.336  -3.345  -17.732 1.00 50.69 ? 48  LYS A CE  1 
ATOM   400 N NZ  . LYS A 1 48 ? -2.659  -2.136  -18.528 1.00 53.33 ? 48  LYS A NZ  1 
ATOM   401 N N   . VAL A 1 49 ? -2.401  0.071   -11.119 1.00 28.72 ? 49  VAL A N   1 
ATOM   402 C CA  . VAL A 1 49 ? -2.865  0.077   -9.724  1.00 24.47 ? 49  VAL A CA  1 
ATOM   403 C C   . VAL A 1 49 ? -4.211  0.812   -9.653  1.00 23.74 ? 49  VAL A C   1 
ATOM   404 O O   . VAL A 1 49 ? -4.352  1.937   -10.109 1.00 22.52 ? 49  VAL A O   1 
ATOM   405 C CB  . VAL A 1 49 ? -1.826  0.684   -8.757  1.00 23.46 ? 49  VAL A CB  1 
ATOM   406 C CG1 . VAL A 1 49 ? -2.359  0.762   -7.331  1.00 23.40 ? 49  VAL A CG1 1 
ATOM   407 C CG2 . VAL A 1 49 ? -0.525  -0.088  -8.792  1.00 22.55 ? 49  VAL A CG2 1 
ATOM   408 N N   . GLU A 1 50 ? -5.196  0.127   -9.078  1.00 22.58 ? 50  GLU A N   1 
ATOM   409 C CA  . GLU A 1 50 ? -6.529  0.638   -8.834  1.00 24.27 ? 50  GLU A CA  1 
ATOM   410 C C   . GLU A 1 50 ? -6.559  1.275   -7.443  1.00 22.47 ? 50  GLU A C   1 
ATOM   411 O O   . GLU A 1 50 ? -6.079  0.673   -6.486  1.00 18.56 ? 50  GLU A O   1 
ATOM   412 C CB  . GLU A 1 50 ? -7.542  -0.505  -8.840  1.00 27.56 ? 50  GLU A CB  1 
ATOM   413 C CG  . GLU A 1 50 ? -7.463  -1.409  -10.060 1.00 34.86 ? 50  GLU A CG  1 
ATOM   414 C CD  . GLU A 1 50 ? -8.088  -0.819  -11.307 1.00 39.16 ? 50  GLU A CD  1 
ATOM   415 O OE1 . GLU A 1 50 ? -7.592  -1.119  -12.417 1.00 46.88 ? 50  GLU A OE1 1 
ATOM   416 O OE2 . GLU A 1 50 ? -9.071  -0.073  -11.166 1.00 44.65 ? 50  GLU A OE2 1 
ATOM   417 N N   . MET A 1 51 ? -7.170  2.458   -7.337  1.00 22.53 ? 51  MET A N   1 
ATOM   418 C CA  . MET A 1 51 ? -7.339  3.152   -6.065  1.00 25.05 ? 51  MET A CA  1 
ATOM   419 C C   . MET A 1 51 ? -8.832  3.296   -5.795  1.00 23.78 ? 51  MET A C   1 
ATOM   420 O O   . MET A 1 51 ? -9.547  3.726   -6.687  1.00 22.22 ? 51  MET A O   1 
ATOM   421 C CB  . MET A 1 51 ? -6.735  4.556   -6.108  1.00 28.90 ? 51  MET A CB  1 
ATOM   422 C CG  . MET A 1 51 ? -5.265  4.552   -6.310  1.00 33.05 ? 51  MET A CG  1 
ATOM   423 S SD  . MET A 1 51 ? -4.415  4.586   -4.726  1.00 36.11 ? 51  MET A SD  1 
ATOM   424 C CE  . MET A 1 51 ? -2.747  4.772   -5.353  1.00 35.07 ? 51  MET A CE  1 
ATOM   425 N N   . SER A 1 52 ? -9.267  2.903   -4.591  1.00 20.93 ? 52  SER A N   1 
ATOM   426 C CA  . SER A 1 52 ? -10.598 3.189   -4.106  1.00 21.28 ? 52  SER A CA  1 
ATOM   427 C C   . SER A 1 52 ? -10.780 4.707   -4.006  1.00 20.45 ? 52  SER A C   1 
ATOM   428 O O   . SER A 1 52 ? -9.811  5.473   -4.035  1.00 18.86 ? 52  SER A O   1 
ATOM   429 C CB  . SER A 1 52 ? -10.833 2.538   -2.778  1.00 22.31 ? 52  SER A CB  1 
ATOM   430 O OG  . SER A 1 52 ? -10.108 3.202   -1.750  1.00 21.27 ? 52  SER A OG  1 
ATOM   431 N N   . ASP A 1 53 ? -12.033 5.145   -3.915  1.00 22.10 ? 53  ASP A N   1 
ATOM   432 C CA  . ASP A 1 53 ? -12.307 6.499   -3.469  1.00 23.30 ? 53  ASP A CA  1 
ATOM   433 C C   . ASP A 1 53 ? -11.706 6.625   -2.067  1.00 21.65 ? 53  ASP A C   1 
ATOM   434 O O   . ASP A 1 53 ? -11.606 5.623   -1.365  1.00 21.38 ? 53  ASP A O   1 
ATOM   435 C CB  . ASP A 1 53 ? -13.809 6.786   -3.423  1.00 26.58 ? 53  ASP A CB  1 
ATOM   436 C CG  . ASP A 1 53 ? -14.463 6.857   -4.789  1.00 28.43 ? 53  ASP A CG  1 
ATOM   437 O OD1 . ASP A 1 53 ? -13.769 7.204   -5.752  1.00 28.95 ? 53  ASP A OD1 1 
ATOM   438 O OD2 . ASP A 1 53 ? -15.654 6.547   -4.868  1.00 33.24 ? 53  ASP A OD2 1 
ATOM   439 N N   . MET A 1 54 ? -11.290 7.834   -1.686  1.00 21.20 ? 54  MET A N   1 
ATOM   440 C CA  . MET A 1 54 ? -10.878 8.091   -0.310  1.00 19.69 ? 54  MET A CA  1 
ATOM   441 C C   . MET A 1 54 ? -12.139 8.357   0.521   1.00 20.91 ? 54  MET A C   1 
ATOM   442 O O   . MET A 1 54 ? -13.050 9.091   0.077   1.00 19.62 ? 54  MET A O   1 
ATOM   443 C CB  . MET A 1 54 ? -9.923  9.285   -0.252  1.00 19.96 ? 54  MET A CB  1 
ATOM   444 C CG  . MET A 1 54 ? -9.443  9.599   1.153   1.00 18.57 ? 54  MET A CG  1 
ATOM   445 S SD  . MET A 1 54 ? -8.198  10.910  1.206   1.00 17.72 ? 54  MET A SD  1 
ATOM   446 C CE  . MET A 1 54 ? -6.968  10.233  0.096   1.00 18.55 ? 54  MET A CE  1 
ATOM   447 N N   . SER A 1 55 ? -12.204 7.731   1.694   1.00 20.30 ? 55  SER A N   1 
ATOM   448 C CA  . SER A 1 55 ? -13.308 7.881   2.617   1.00 22.10 ? 55  SER A CA  1 
ATOM   449 C C   . SER A 1 55 ? -12.820 8.557   3.904   1.00 22.26 ? 55  SER A C   1 
ATOM   450 O O   . SER A 1 55 ? -11.621 8.585   4.204   1.00 18.67 ? 55  SER A O   1 
ATOM   451 C CB  . SER A 1 55 ? -13.943 6.556   2.930   1.00 22.72 ? 55  SER A CB  1 
ATOM   452 O OG  . SER A 1 55 ? -14.545 5.990   1.774   1.00 24.57 ? 55  SER A OG  1 
ATOM   453 N N   . PHE A 1 56 ? -13.787 9.054   4.682   1.00 22.95 ? 56  PHE A N   1 
ATOM   454 C CA  . PHE A 1 56 ? -13.523 9.727   5.931   1.00 24.12 ? 56  PHE A CA  1 
ATOM   455 C C   . PHE A 1 56 ? -14.090 8.896   7.085   1.00 25.67 ? 56  PHE A C   1 
ATOM   456 O O   . PHE A 1 56 ? -15.196 8.383   7.003   1.00 25.64 ? 56  PHE A O   1 
ATOM   457 C CB  . PHE A 1 56 ? -14.121 11.131  5.868   1.00 27.32 ? 56  PHE A CB  1 
ATOM   458 C CG  . PHE A 1 56 ? -13.901 11.968  7.100   1.00 27.96 ? 56  PHE A CG  1 
ATOM   459 C CD1 . PHE A 1 56 ? -12.676 12.574  7.333   1.00 29.14 ? 56  PHE A CD1 1 
ATOM   460 C CD2 . PHE A 1 56 ? -14.926 12.165  8.011   1.00 30.09 ? 56  PHE A CD2 1 
ATOM   461 C CE1 . PHE A 1 56 ? -12.477 13.360  8.458   1.00 30.06 ? 56  PHE A CE1 1 
ATOM   462 C CE2 . PHE A 1 56 ? -14.729 12.959  9.134   1.00 30.89 ? 56  PHE A CE2 1 
ATOM   463 C CZ  . PHE A 1 56 ? -13.508 13.554  9.350   1.00 30.37 ? 56  PHE A CZ  1 
ATOM   464 N N   . SER A 1 57 ? -13.312 8.774   8.160   1.00 24.13 ? 57  SER A N   1 
ATOM   465 C CA  . SER A 1 57 ? -13.699 8.029   9.322   1.00 26.35 ? 57  SER A CA  1 
ATOM   466 C C   . SER A 1 57 ? -14.223 8.998   10.391  1.00 27.64 ? 57  SER A C   1 
ATOM   467 O O   . SER A 1 57 ? -13.740 10.139  10.517  1.00 28.48 ? 57  SER A O   1 
ATOM   468 C CB  . SER A 1 57 ? -12.549 7.193   9.818   1.00 25.59 ? 57  SER A CB  1 
ATOM   469 O OG  . SER A 1 57 ? -12.771 6.779   11.154  1.00 28.40 ? 57  SER A OG  1 
ATOM   470 N N   . LYS A 1 58 ? -15.184 8.508   11.179  1.00 29.50 ? 58  LYS A N   1 
ATOM   471 C CA  . LYS A 1 58 ? -15.779 9.251   12.291  1.00 30.54 ? 58  LYS A CA  1 
ATOM   472 C C   . LYS A 1 58 ? -14.760 9.465   13.421  1.00 31.06 ? 58  LYS A C   1 
ATOM   473 O O   . LYS A 1 58 ? -15.061 10.190  14.362  1.00 31.50 ? 58  LYS A O   1 
ATOM   474 C CB  . LYS A 1 58 ? -16.981 8.493   12.866  1.00 31.33 ? 58  LYS A CB  1 
ATOM   475 C CG  . LYS A 1 58 ? -18.122 8.226   11.895  1.00 33.02 ? 58  LYS A CG  1 
ATOM   476 C CD  . LYS A 1 58 ? -18.803 9.482   11.435  1.00 32.92 ? 58  LYS A CD  1 
ATOM   477 C CE  . LYS A 1 58 ? -20.163 9.237   10.832  1.00 33.03 ? 58  LYS A CE  1 
ATOM   478 N NZ  . LYS A 1 58 ? -20.754 10.517  10.374  1.00 35.68 ? 58  LYS A NZ  1 
ATOM   479 N N   . ASP A 1 59 ? -13.587 8.817   13.348  1.00 29.31 ? 59  ASP A N   1 
ATOM   480 C CA  . ASP A 1 59 ? -12.501 9.069   14.307  1.00 30.06 ? 59  ASP A CA  1 
ATOM   481 C C   . ASP A 1 59 ? -11.616 10.229  13.823  1.00 27.46 ? 59  ASP A C   1 
ATOM   482 O O   . ASP A 1 59 ? -10.557 10.479  14.401  1.00 28.81 ? 59  ASP A O   1 
ATOM   483 C CB  . ASP A 1 59 ? -11.719 7.789   14.626  1.00 33.08 ? 59  ASP A CB  1 
ATOM   484 C CG  . ASP A 1 59 ? -10.851 7.268   13.497  1.00 37.33 ? 59  ASP A CG  1 
ATOM   485 O OD1 . ASP A 1 59 ? -10.495 8.079   12.615  1.00 37.77 ? 59  ASP A OD1 1 
ATOM   486 O OD2 . ASP A 1 59 ? -10.547 6.044   13.507  1.00 38.61 ? 59  ASP A OD2 1 
ATOM   487 N N   . TRP A 1 60 ? -12.072 10.952  12.789  1.00 26.85 ? 60  TRP A N   1 
ATOM   488 C CA  . TRP A 1 60 ? -11.416 12.162  12.257  1.00 25.56 ? 60  TRP A CA  1 
ATOM   489 C C   . TRP A 1 60 ? -10.130 11.820  11.496  1.00 23.34 ? 60  TRP A C   1 
ATOM   490 O O   . TRP A 1 60 ? -9.017  12.239  11.862  1.00 23.56 ? 60  TRP A O   1 
ATOM   491 C CB  . TRP A 1 60 ? -11.152 13.187  13.375  1.00 26.31 ? 60  TRP A CB  1 
ATOM   492 C CG  . TRP A 1 60 ? -11.170 14.578  12.835  1.00 26.03 ? 60  TRP A CG  1 
ATOM   493 C CD1 . TRP A 1 60 ? -10.110 15.391  12.576  1.00 28.06 ? 60  TRP A CD1 1 
ATOM   494 C CD2 . TRP A 1 60 ? -12.338 15.283  12.388  1.00 27.18 ? 60  TRP A CD2 1 
ATOM   495 N NE1 . TRP A 1 60 ? -10.542 16.574  12.042  1.00 28.17 ? 60  TRP A NE1 1 
ATOM   496 C CE2 . TRP A 1 60 ? -11.902 16.538  11.917  1.00 27.49 ? 60  TRP A CE2 1 
ATOM   497 C CE3 . TRP A 1 60 ? -13.703 14.981  12.366  1.00 28.06 ? 60  TRP A CE3 1 
ATOM   498 C CZ2 . TRP A 1 60 ? -12.789 17.481  11.409  1.00 28.04 ? 60  TRP A CZ2 1 
ATOM   499 C CZ3 . TRP A 1 60 ? -14.584 15.923  11.881  1.00 28.70 ? 60  TRP A CZ3 1 
ATOM   500 C CH2 . TRP A 1 60 ? -14.126 17.153  11.403  1.00 28.43 ? 60  TRP A CH2 1 
ATOM   501 N N   . SER A 1 61 ? -10.290 11.064  10.407  1.00 22.49 ? 61  SER A N   1 
ATOM   502 C CA  . SER A 1 61 ? -9.180  10.607  9.595   1.00 21.57 ? 61  SER A CA  1 
ATOM   503 C C   . SER A 1 61 ? -9.716  10.082  8.262   1.00 19.77 ? 61  SER A C   1 
ATOM   504 O O   . SER A 1 61 ? -10.920 9.893   8.091   1.00 20.75 ? 61  SER A O   1 
ATOM   505 C CB  . SER A 1 61 ? -8.379  9.542   10.308  1.00 22.20 ? 61  SER A CB  1 
ATOM   506 O OG  . SER A 1 61 ? -9.129  8.342   10.415  1.00 20.41 ? 61  SER A OG  1 
ATOM   507 N N   . PHE A 1 62 ? -8.799  9.859   7.325   1.00 17.98 ? 62  PHE A N   1 
ATOM   508 C CA  . PHE A 1 62 ? -9.127  9.388   5.988   1.00 17.12 ? 62  PHE A CA  1 
ATOM   509 C C   . PHE A 1 62 ? -8.527  7.990   5.778   1.00 17.39 ? 62  PHE A C   1 
ATOM   510 O O   . PHE A 1 62 ? -7.593  7.610   6.468   1.00 17.37 ? 62  PHE A O   1 
ATOM   511 C CB  . PHE A 1 62 ? -8.590  10.376  4.957   1.00 17.07 ? 62  PHE A CB  1 
ATOM   512 C CG  . PHE A 1 62 ? -9.253  11.729  4.994   1.00 17.24 ? 62  PHE A CG  1 
ATOM   513 C CD1 . PHE A 1 62 ? -8.826  12.705  5.883   1.00 17.34 ? 62  PHE A CD1 1 
ATOM   514 C CD2 . PHE A 1 62 ? -10.294 12.031  4.134   1.00 18.08 ? 62  PHE A CD2 1 
ATOM   515 C CE1 . PHE A 1 62 ? -9.430  13.954  5.903   1.00 18.06 ? 62  PHE A CE1 1 
ATOM   516 C CE2 . PHE A 1 62 ? -10.903 13.275  4.164   1.00 17.72 ? 62  PHE A CE2 1 
ATOM   517 C CZ  . PHE A 1 62 ? -10.462 14.236  5.039   1.00 17.50 ? 62  PHE A CZ  1 
ATOM   518 N N   . TYR A 1 63 ? -9.082  7.246   4.819   1.00 17.20 ? 63  TYR A N   1 
ATOM   519 C CA  . TYR A 1 63 ? -8.575  5.925   4.467   1.00 17.22 ? 63  TYR A CA  1 
ATOM   520 C C   . TYR A 1 63 ? -8.848  5.664   2.987   1.00 16.55 ? 63  TYR A C   1 
ATOM   521 O O   . TYR A 1 63 ? -9.683  6.315   2.363   1.00 15.85 ? 63  TYR A O   1 
ATOM   522 C CB  . TYR A 1 63 ? -9.126  4.832   5.388   1.00 18.10 ? 63  TYR A CB  1 
ATOM   523 C CG  . TYR A 1 63 ? -10.620 4.626   5.354   1.00 18.87 ? 63  TYR A CG  1 
ATOM   524 C CD1 . TYR A 1 63 ? -11.192 3.736   4.463   1.00 20.43 ? 63  TYR A CD1 1 
ATOM   525 C CD2 . TYR A 1 63 ? -11.469 5.318   6.210   1.00 21.26 ? 63  TYR A CD2 1 
ATOM   526 C CE1 . TYR A 1 63 ? -12.563 3.527   4.426   1.00 21.82 ? 63  TYR A CE1 1 
ATOM   527 C CE2 . TYR A 1 63 ? -12.848 5.124   6.180   1.00 20.87 ? 63  TYR A CE2 1 
ATOM   528 C CZ  . TYR A 1 63 ? -13.393 4.222   5.288   1.00 21.93 ? 63  TYR A CZ  1 
ATOM   529 O OH  . TYR A 1 63 ? -14.740 3.992   5.221   1.00 22.48 ? 63  TYR A OH  1 
ATOM   530 N N   . ILE A 1 64 ? -8.078  4.732   2.439   1.00 15.83 ? 64  ILE A N   1 
ATOM   531 C CA  . ILE A 1 64 ? -8.060  4.449   1.010   1.00 16.00 ? 64  ILE A CA  1 
ATOM   532 C C   . ILE A 1 64 ? -7.347  3.115   0.797   1.00 16.00 ? 64  ILE A C   1 
ATOM   533 O O   . ILE A 1 64 ? -6.468  2.747   1.569   1.00 16.57 ? 64  ILE A O   1 
ATOM   534 C CB  . ILE A 1 64 ? -7.372  5.579   0.229   1.00 15.95 ? 64  ILE A CB  1 
ATOM   535 C CG1 . ILE A 1 64 ? -7.638  5.483   -1.275  1.00 16.95 ? 64  ILE A CG1 1 
ATOM   536 C CG2 . ILE A 1 64 ? -5.877  5.646   0.529   1.00 15.70 ? 64  ILE A CG2 1 
ATOM   537 C CD1 . ILE A 1 64 ? -7.222  6.717   -2.024  1.00 17.70 ? 64  ILE A CD1 1 
ATOM   538 N N   . LEU A 1 65 ? -7.715  2.439   -0.290  1.00 15.50 ? 65  LEU A N   1 
ATOM   539 C CA  . LEU A 1 65 ? -7.160  1.155   -0.644  1.00 14.77 ? 65  LEU A CA  1 
ATOM   540 C C   . LEU A 1 65 ? -6.626  1.230   -2.069  1.00 15.10 ? 65  LEU A C   1 
ATOM   541 O O   . LEU A 1 65 ? -7.344  1.655   -2.955  1.00 15.78 ? 65  LEU A O   1 
ATOM   542 C CB  . LEU A 1 65 ? -8.256  0.096   -0.557  1.00 15.55 ? 65  LEU A CB  1 
ATOM   543 C CG  . LEU A 1 65 ? -7.846  -1.280  -1.073  1.00 16.34 ? 65  LEU A CG  1 
ATOM   544 C CD1 . LEU A 1 65 ? -6.800  -1.899  -0.156  1.00 16.73 ? 65  LEU A CD1 1 
ATOM   545 C CD2 . LEU A 1 65 ? -9.063  -2.184  -1.236  1.00 18.20 ? 65  LEU A CD2 1 
ATOM   546 N N   . ALA A 1 66 ? -5.360  0.840   -2.246  1.00 14.71 ? 66  ALA A N   1 
ATOM   547 C CA  . ALA A 1 66 ? -4.740  0.602   -3.528  1.00 14.64 ? 66  ALA A CA  1 
ATOM   548 C C   . ALA A 1 66 ? -4.605  -0.914  -3.718  1.00 15.61 ? 66  ALA A C   1 
ATOM   549 O O   . ALA A 1 66 ? -4.346  -1.624  -2.765  1.00 16.45 ? 66  ALA A O   1 
ATOM   550 C CB  . ALA A 1 66 ? -3.390  1.283   -3.567  1.00 14.42 ? 66  ALA A CB  1 
ATOM   551 N N   . HIS A 1 67 ? -4.782  -1.409  -4.944  1.00 16.54 ? 67  HIS A N   1 
ATOM   552 C CA  . HIS A 1 67 ? -4.584  -2.842  -5.195  1.00 17.29 ? 67  HIS A CA  1 
ATOM   553 C C   . HIS A 1 67 ? -4.160  -3.087  -6.637  1.00 16.96 ? 67  HIS A C   1 
ATOM   554 O O   . HIS A 1 67 ? -4.400  -2.279  -7.547  1.00 16.69 ? 67  HIS A O   1 
ATOM   555 C CB  . HIS A 1 67 ? -5.819  -3.671  -4.811  1.00 18.82 ? 67  HIS A CB  1 
ATOM   556 C CG  . HIS A 1 67 ? -6.969  -3.558  -5.752  1.00 21.59 ? 67  HIS A CG  1 
ATOM   557 N ND1 . HIS A 1 67 ? -7.923  -2.576  -5.629  1.00 23.54 ? 67  HIS A ND1 1 
ATOM   558 C CD2 . HIS A 1 67 ? -7.341  -4.328  -6.803  1.00 23.72 ? 67  HIS A CD2 1 
ATOM   559 C CE1 . HIS A 1 67 ? -8.815  -2.717  -6.584  1.00 24.73 ? 67  HIS A CE1 1 
ATOM   560 N NE2 . HIS A 1 67 ? -8.484  -3.797  -7.315  1.00 23.50 ? 67  HIS A NE2 1 
ATOM   561 N N   . THR A 1 68 ? -3.569  -4.258  -6.838  1.00 16.73 ? 68  THR A N   1 
ATOM   562 C CA  . THR A 1 68 ? -3.048  -4.598  -8.122  1.00 17.83 ? 68  THR A CA  1 
ATOM   563 C C   . THR A 1 68 ? -3.009  -6.124  -8.255  1.00 18.04 ? 68  THR A C   1 
ATOM   564 O O   . THR A 1 68 ? -2.794  -6.822  -7.293  1.00 17.40 ? 68  THR A O   1 
ATOM   565 C CB  . THR A 1 68 ? -1.683  -3.926  -8.314  1.00 18.93 ? 68  THR A CB  1 
ATOM   566 O OG1 . THR A 1 68 ? -1.321  -4.117  -9.675  1.00 20.43 ? 68  THR A OG1 1 
ATOM   567 C CG2 . THR A 1 68 ? -0.600  -4.456  -7.403  1.00 19.35 ? 68  THR A CG2 1 
ATOM   568 N N   . GLU A 1 69 ? -3.159  -6.608  -9.491  1.00 18.83 ? 69  GLU A N   1 
ATOM   569 C CA  . GLU A 1 69 ? -2.952  -8.013  -9.788  1.00 20.69 ? 69  GLU A CA  1 
ATOM   570 C C   . GLU A 1 69 ? -1.444  -8.258  -9.821  1.00 19.68 ? 69  GLU A C   1 
ATOM   571 O O   . GLU A 1 69 ? -0.671  -7.444  -10.318 1.00 20.70 ? 69  GLU A O   1 
ATOM   572 C CB  . GLU A 1 69 ? -3.626  -8.387  -11.112 1.00 22.47 ? 69  GLU A CB  1 
ATOM   573 C CG  . GLU A 1 69 ? -3.841  -9.874  -11.270 1.00 27.26 ? 69  GLU A CG  1 
ATOM   574 C CD  . GLU A 1 69 ? -4.808  -10.252 -12.381 1.00 30.49 ? 69  GLU A CD  1 
ATOM   575 O OE1 . GLU A 1 69 ? -5.405  -9.325  -12.992 1.00 36.22 ? 69  GLU A OE1 1 
ATOM   576 O OE2 . GLU A 1 69 ? -4.968  -11.455 -12.622 1.00 28.05 ? 69  GLU A OE2 1 
ATOM   577 N N   . PHE A 1 70 ? -1.010  -9.382  -9.262  1.00 19.11 ? 70  PHE A N   1 
ATOM   578 C CA  . PHE A 1 70 ? 0.391   -9.719  -9.302  1.00 17.62 ? 70  PHE A CA  1 
ATOM   579 C C   . PHE A 1 70 ? 0.509   -11.239 -9.242  1.00 18.16 ? 70  PHE A C   1 
ATOM   580 O O   . PHE A 1 70 ? -0.414  -11.913 -8.804  1.00 17.21 ? 70  PHE A O   1 
ATOM   581 C CB  . PHE A 1 70 ? 1.136   -9.026  -8.157  1.00 17.33 ? 70  PHE A CB  1 
ATOM   582 C CG  . PHE A 1 70 ? 1.036   -9.689  -6.802  1.00 17.01 ? 70  PHE A CG  1 
ATOM   583 C CD1 . PHE A 1 70 ? -0.190  -9.903  -6.193  1.00 16.55 ? 70  PHE A CD1 1 
ATOM   584 C CD2 . PHE A 1 70 ? 2.183   -10.083 -6.129  1.00 17.84 ? 70  PHE A CD2 1 
ATOM   585 C CE1 . PHE A 1 70 ? -0.269  -10.498 -4.940  1.00 16.84 ? 70  PHE A CE1 1 
ATOM   586 C CE2 . PHE A 1 70 ? 2.103   -10.672 -4.873  1.00 18.09 ? 70  PHE A CE2 1 
ATOM   587 C CZ  . PHE A 1 70 ? 0.881   -10.888 -4.284  1.00 16.94 ? 70  PHE A CZ  1 
ATOM   588 N N   . THR A 1 71 ? 1.650   -11.759 -9.690  1.00 19.87 ? 71  THR A N   1 
ATOM   589 C CA  . THR A 1 71 ? 1.975   -13.164 -9.529  1.00 21.15 ? 71  THR A CA  1 
ATOM   590 C C   . THR A 1 71 ? 3.242   -13.236 -8.691  1.00 22.94 ? 71  THR A C   1 
ATOM   591 O O   . THR A 1 71 ? 4.306   -12.880 -9.173  1.00 24.67 ? 71  THR A O   1 
ATOM   592 C CB  . THR A 1 71 ? 2.155   -13.854 -10.885 1.00 22.64 ? 71  THR A CB  1 
ATOM   593 O OG1 . THR A 1 71 ? 0.919   -13.734 -11.586 1.00 22.08 ? 71  THR A OG1 1 
ATOM   594 C CG2 . THR A 1 71 ? 2.536   -15.315 -10.765 1.00 22.65 ? 71  THR A CG2 1 
ATOM   595 N N   . PRO A 1 72 ? 3.174   -13.666 -7.414  1.00 22.00 ? 72  PRO A N   1 
ATOM   596 C CA  . PRO A 1 72 ? 4.381   -13.792 -6.606  1.00 20.80 ? 72  PRO A CA  1 
ATOM   597 C C   . PRO A 1 72 ? 5.379   -14.780 -7.234  1.00 19.53 ? 72  PRO A C   1 
ATOM   598 O O   . PRO A 1 72 ? 4.977   -15.754 -7.870  1.00 18.50 ? 72  PRO A O   1 
ATOM   599 C CB  . PRO A 1 72 ? 3.908   -14.295 -5.238  1.00 21.16 ? 72  PRO A CB  1 
ATOM   600 C CG  . PRO A 1 72 ? 2.473   -14.736 -5.431  1.00 22.68 ? 72  PRO A CG  1 
ATOM   601 C CD  . PRO A 1 72 ? 1.957   -14.062 -6.692  1.00 22.41 ? 72  PRO A CD  1 
ATOM   602 N N   . THR A 1 73 ? 6.672   -14.463 -7.092  1.00 20.30 ? 73  THR A N   1 
ATOM   603 C CA  . THR A 1 73 ? 7.756   -15.347 -7.443  1.00 20.84 ? 73  THR A CA  1 
ATOM   604 C C   . THR A 1 73 ? 8.711   -15.446 -6.250  1.00 18.88 ? 73  THR A C   1 
ATOM   605 O O   . THR A 1 73 ? 8.564   -14.764 -5.234  1.00 19.19 ? 73  THR A O   1 
ATOM   606 C CB  . THR A 1 73 ? 8.520   -14.884 -8.693  1.00 22.35 ? 73  THR A CB  1 
ATOM   607 O OG1 . THR A 1 73 ? 9.293   -13.741 -8.319  1.00 21.86 ? 73  THR A OG1 1 
ATOM   608 C CG2 . THR A 1 73 ? 7.617   -14.602 -9.874  1.00 23.36 ? 73  THR A CG2 1 
ATOM   609 N N   . GLU A 1 74 ? 9.722   -16.287 -6.412  1.00 17.47 ? 74  GLU A N   1 
ATOM   610 C CA  . GLU A 1 74 ? 10.717  -16.538 -5.395  1.00 17.61 ? 74  GLU A CA  1 
ATOM   611 C C   . GLU A 1 74 ? 11.551  -15.280 -5.134  1.00 18.34 ? 74  GLU A C   1 
ATOM   612 O O   . GLU A 1 74 ? 12.038  -15.104 -4.010  1.00 17.14 ? 74  GLU A O   1 
ATOM   613 C CB  . GLU A 1 74 ? 11.657  -17.664 -5.832  1.00 19.56 ? 74  GLU A CB  1 
ATOM   614 C CG  . GLU A 1 74 ? 10.996  -19.024 -5.917  1.00 20.63 ? 74  GLU A CG  1 
ATOM   615 C CD  . GLU A 1 74 ? 10.111  -19.277 -7.123  1.00 22.17 ? 74  GLU A CD  1 
ATOM   616 O OE1 . GLU A 1 74 ? 9.396   -20.304 -7.121  1.00 23.74 ? 74  GLU A OE1 1 
ATOM   617 O OE2 . GLU A 1 74 ? 10.123  -18.440 -8.055  1.00 22.09 ? 74  GLU A OE2 1 
ATOM   618 N N   . THR A 1 75 ? 11.733  -14.428 -6.162  1.00 17.80 ? 75  THR A N   1 
ATOM   619 C CA  . THR A 1 75 ? 12.750  -13.360 -6.094  1.00 18.55 ? 75  THR A CA  1 
ATOM   620 C C   . THR A 1 75 ? 12.159  -11.944 -6.186  1.00 17.84 ? 75  THR A C   1 
ATOM   621 O O   . THR A 1 75 ? 12.854  -11.011 -5.844  1.00 18.48 ? 75  THR A O   1 
ATOM   622 C CB  . THR A 1 75 ? 13.812  -13.535 -7.187  1.00 19.51 ? 75  THR A CB  1 
ATOM   623 O OG1 . THR A 1 75 ? 13.167  -13.598 -8.459  1.00 19.64 ? 75  THR A OG1 1 
ATOM   624 C CG2 . THR A 1 75 ? 14.648  -14.778 -6.972  1.00 19.97 ? 75  THR A CG2 1 
ATOM   625 N N   . ASP A 1 76 ? 10.903  -11.782 -6.616  1.00 16.91 ? 76  ASP A N   1 
ATOM   626 C CA  . ASP A 1 76 ? 10.334  -10.449 -6.792  1.00 16.94 ? 76  ASP A CA  1 
ATOM   627 C C   . ASP A 1 76 ? 9.921   -9.888  -5.428  1.00 17.05 ? 76  ASP A C   1 
ATOM   628 O O   . ASP A 1 76 ? 9.350   -10.588 -4.620  1.00 16.29 ? 76  ASP A O   1 
ATOM   629 C CB  . ASP A 1 76 ? 9.128   -10.481 -7.721  1.00 17.84 ? 76  ASP A CB  1 
ATOM   630 C CG  . ASP A 1 76 ? 9.497   -10.788 -9.161  1.00 18.92 ? 76  ASP A CG  1 
ATOM   631 O OD1 . ASP A 1 76 ? 10.523  -10.269 -9.614  1.00 17.57 ? 76  ASP A OD1 1 
ATOM   632 O OD2 . ASP A 1 76 ? 8.759   -11.546 -9.797  1.00 21.13 ? 76  ASP A OD2 1 
ATOM   633 N N   . THR A 1 77 ? 10.253  -8.629  -5.169  1.00 18.16 ? 77  THR A N   1 
ATOM   634 C CA  . THR A 1 77 ? 9.842   -7.959  -3.917  1.00 18.13 ? 77  THR A CA  1 
ATOM   635 C C   . THR A 1 77 ? 8.703   -6.993  -4.241  1.00 17.15 ? 77  THR A C   1 
ATOM   636 O O   . THR A 1 77 ? 8.666   -6.420  -5.333  1.00 17.19 ? 77  THR A O   1 
ATOM   637 C CB  . THR A 1 77 ? 11.001  -7.217  -3.247  1.00 20.53 ? 77  THR A CB  1 
ATOM   638 O OG1 . THR A 1 77 ? 11.278  -6.060  -4.045  1.00 22.48 ? 77  THR A OG1 1 
ATOM   639 C CG2 . THR A 1 77 ? 12.227  -8.085  -3.088  1.00 20.77 ? 77  THR A CG2 1 
ATOM   640 N N   . TYR A 1 78 ? 7.770   -6.863  -3.297  1.00 14.50 ? 78  TYR A N   1 
ATOM   641 C CA  . TYR A 1 78 ? 6.626   -6.003  -3.449  1.00 15.12 ? 78  TYR A CA  1 
ATOM   642 C C   . TYR A 1 78 ? 6.547   -5.107  -2.222  1.00 15.04 ? 78  TYR A C   1 
ATOM   643 O O   . TYR A 1 78 ? 6.872   -5.530  -1.094  1.00 14.57 ? 78  TYR A O   1 
ATOM   644 C CB  . TYR A 1 78 ? 5.343   -6.816  -3.607  1.00 15.47 ? 78  TYR A CB  1 
ATOM   645 C CG  . TYR A 1 78 ? 5.293   -7.501  -4.937  1.00 16.17 ? 78  TYR A CG  1 
ATOM   646 C CD1 . TYR A 1 78 ? 4.811   -6.817  -6.040  1.00 16.76 ? 78  TYR A CD1 1 
ATOM   647 C CD2 . TYR A 1 78 ? 5.827   -8.769  -5.121  1.00 16.74 ? 78  TYR A CD2 1 
ATOM   648 C CE1 . TYR A 1 78 ? 4.772   -7.409  -7.286  1.00 18.02 ? 78  TYR A CE1 1 
ATOM   649 C CE2 . TYR A 1 78 ? 5.792   -9.378  -6.370  1.00 16.94 ? 78  TYR A CE2 1 
ATOM   650 C CZ  . TYR A 1 78 ? 5.271   -8.685  -7.453  1.00 17.84 ? 78  TYR A CZ  1 
ATOM   651 O OH  . TYR A 1 78 ? 5.233   -9.212  -8.708  1.00 18.68 ? 78  TYR A OH  1 
ATOM   652 N N   . ALA A 1 79 ? 6.106   -3.876  -2.459  1.00 15.24 ? 79  ALA A N   1 
ATOM   653 C CA  . ALA A 1 79 ? 6.045   -2.909  -1.407  1.00 15.23 ? 79  ALA A CA  1 
ATOM   654 C C   . ALA A 1 79 ? 4.980   -1.871  -1.735  1.00 15.14 ? 79  ALA A C   1 
ATOM   655 O O   . ALA A 1 79 ? 4.480   -1.775  -2.856  1.00 14.41 ? 79  ALA A O   1 
ATOM   656 C CB  . ALA A 1 79 ? 7.404   -2.279  -1.203  1.00 15.09 ? 79  ALA A CB  1 
ATOM   657 N N   . CYS A 1 80 ? 4.640   -1.107  -0.705  1.00 16.12 ? 80  CYS A N   1 
ATOM   658 C CA  . CYS A 1 80 ? 3.803   0.059   -0.852  1.00 15.92 ? 80  CYS A CA  1 
ATOM   659 C C   . CYS A 1 80 ? 4.540   1.248   -0.240  1.00 16.92 ? 80  CYS A C   1 
ATOM   660 O O   . CYS A 1 80 ? 5.015   1.149   0.881   1.00 16.59 ? 80  CYS A O   1 
ATOM   661 C CB  . CYS A 1 80 ? 2.487   -0.170  -0.136  1.00 16.80 ? 80  CYS A CB  1 
ATOM   662 S SG  . CYS A 1 80 ? 1.289   1.143   -0.434  1.00 17.29 ? 80  CYS A SG  1 
ATOM   663 N N   . ARG A 1 81 ? 4.634   2.342   -0.998  1.00 16.14 ? 81  ARG A N   1 
ATOM   664 C CA  . ARG A 1 81 ? 5.360   3.510   -0.590  1.00 18.06 ? 81  ARG A CA  1 
ATOM   665 C C   . ARG A 1 81 ? 4.367   4.667   -0.486  1.00 16.81 ? 81  ARG A C   1 
ATOM   666 O O   . ARG A 1 81 ? 3.643   4.948   -1.437  1.00 16.27 ? 81  ARG A O   1 
ATOM   667 C CB  . ARG A 1 81 ? 6.478   3.857   -1.572  1.00 19.52 ? 81  ARG A CB  1 
ATOM   668 C CG  . ARG A 1 81 ? 7.350   5.021   -1.115  1.00 22.57 ? 81  ARG A CG  1 
ATOM   669 C CD  . ARG A 1 81 ? 8.649   5.049   -1.892  1.00 25.75 ? 81  ARG A CD  1 
ATOM   670 N NE  . ARG A 1 81 ? 9.505   6.170   -1.522  1.00 29.56 ? 81  ARG A NE  1 
ATOM   671 C CZ  . ARG A 1 81 ? 9.510   7.335   -2.159  1.00 30.58 ? 81  ARG A CZ  1 
ATOM   672 N NH1 . ARG A 1 81 ? 8.593   7.587   -3.077  1.00 28.10 ? 81  ARG A NH1 1 
ATOM   673 N NH2 . ARG A 1 81 ? 10.435  8.232   -1.879  1.00 34.48 ? 81  ARG A NH2 1 
ATOM   674 N N   . VAL A 1 82 ? 4.370   5.321   0.672   1.00 16.02 ? 82  VAL A N   1 
ATOM   675 C CA  . VAL A 1 82 ? 3.349   6.279   1.048   1.00 16.05 ? 82  VAL A CA  1 
ATOM   676 C C   . VAL A 1 82 ? 4.049   7.568   1.472   1.00 17.54 ? 82  VAL A C   1 
ATOM   677 O O   . VAL A 1 82 ? 4.886   7.527   2.378   1.00 17.19 ? 82  VAL A O   1 
ATOM   678 C CB  . VAL A 1 82 ? 2.458   5.749   2.183   1.00 15.74 ? 82  VAL A CB  1 
ATOM   679 C CG1 . VAL A 1 82 ? 1.423   6.771   2.614   1.00 16.17 ? 82  VAL A CG1 1 
ATOM   680 C CG2 . VAL A 1 82 ? 1.800   4.434   1.797   1.00 16.17 ? 82  VAL A CG2 1 
ATOM   681 N N   . LYS A 1 83 ? 3.694   8.676   0.807   1.00 17.99 ? 83  LYS A N   1 
ATOM   682 C CA  . LYS A 1 83 ? 4.202   10.006  1.123   1.00 20.72 ? 83  LYS A CA  1 
ATOM   683 C C   . LYS A 1 83 ? 3.042   10.812  1.705   1.00 19.31 ? 83  LYS A C   1 
ATOM   684 O O   . LYS A 1 83 ? 1.973   10.873  1.110   1.00 19.51 ? 83  LYS A O   1 
ATOM   685 C CB  . LYS A 1 83 ? 4.784   10.668  -0.127  1.00 23.81 ? 83  LYS A CB  1 
ATOM   686 C CG  . LYS A 1 83 ? 5.148   12.140  0.026   1.00 27.89 ? 83  LYS A CG  1 
ATOM   687 C CD  . LYS A 1 83 ? 5.910   12.695  -1.157  1.00 32.13 ? 83  LYS A CD  1 
ATOM   688 C CE  . LYS A 1 83 ? 6.457   14.086  -0.905  1.00 34.07 ? 83  LYS A CE  1 
ATOM   689 N NZ  . LYS A 1 83 ? 7.442   14.458  -1.947  1.00 36.76 ? 83  LYS A NZ  1 
ATOM   690 N N   . HIS A 1 84 ? 3.242   11.339  2.912   1.00 20.10 ? 84  HIS A N   1 
ATOM   691 C CA  . HIS A 1 84 ? 2.247   12.139  3.615   1.00 19.98 ? 84  HIS A CA  1 
ATOM   692 C C   . HIS A 1 84 ? 2.975   13.184  4.467   1.00 21.26 ? 84  HIS A C   1 
ATOM   693 O O   . HIS A 1 84 ? 4.069   12.896  4.956   1.00 19.92 ? 84  HIS A O   1 
ATOM   694 C CB  . HIS A 1 84 ? 1.324   11.230  4.434   1.00 19.49 ? 84  HIS A CB  1 
ATOM   695 C CG  . HIS A 1 84 ? 0.162   11.938  5.053   1.00 19.53 ? 84  HIS A CG  1 
ATOM   696 N ND1 . HIS A 1 84 ? 0.212   12.431  6.343   1.00 18.25 ? 84  HIS A ND1 1 
ATOM   697 C CD2 . HIS A 1 84 ? -1.085  12.205  4.592   1.00 18.35 ? 84  HIS A CD2 1 
ATOM   698 C CE1 . HIS A 1 84 ? -0.947  13.003  6.639   1.00 19.32 ? 84  HIS A CE1 1 
ATOM   699 N NE2 . HIS A 1 84 ? -1.768  12.864  5.589   1.00 17.82 ? 84  HIS A NE2 1 
ATOM   700 N N   . ASP A 1 85 ? 2.353   14.357  4.659   1.00 20.22 ? 85  ASP A N   1 
ATOM   701 C CA  . ASP A 1 85 ? 3.017   15.535  5.256   1.00 22.60 ? 85  ASP A CA  1 
ATOM   702 C C   . ASP A 1 85 ? 3.333   15.297  6.744   1.00 20.18 ? 85  ASP A C   1 
ATOM   703 O O   . ASP A 1 85 ? 4.119   16.031  7.332   1.00 19.41 ? 85  ASP A O   1 
ATOM   704 C CB  . ASP A 1 85 ? 2.171   16.805  5.109   1.00 26.68 ? 85  ASP A CB  1 
ATOM   705 C CG  . ASP A 1 85 ? 1.858   17.232  3.683   1.00 31.38 ? 85  ASP A CG  1 
ATOM   706 O OD1 . ASP A 1 85 ? 2.767   17.147  2.825   1.00 33.78 ? 85  ASP A OD1 1 
ATOM   707 O OD2 . ASP A 1 85 ? 0.687   17.649  3.440   1.00 41.00 ? 85  ASP A OD2 1 
ATOM   708 N N   . SER A 1 86 ? 2.700   14.286  7.349   1.00 18.12 ? 86  SER A N   1 
ATOM   709 C CA  . SER A 1 86 ? 2.945   13.859  8.732   1.00 17.89 ? 86  SER A CA  1 
ATOM   710 C C   . SER A 1 86 ? 4.328   13.208  8.881   1.00 19.09 ? 86  SER A C   1 
ATOM   711 O O   . SER A 1 86 ? 4.795   13.042  10.011  1.00 17.60 ? 86  SER A O   1 
ATOM   712 C CB  . SER A 1 86 ? 1.864   12.910  9.209   1.00 18.03 ? 86  SER A CB  1 
ATOM   713 O OG  . SER A 1 86 ? 1.868   11.690  8.464   1.00 17.59 ? 86  SER A OG  1 
ATOM   714 N N   . MET A 1 87 ? 4.974   12.859  7.757   1.00 18.85 ? 87  MET A N   1 
ATOM   715 C CA  . MET A 1 87 ? 6.233   12.104  7.771   1.00 19.78 ? 87  MET A CA  1 
ATOM   716 C C   . MET A 1 87 ? 7.331   12.907  7.068   1.00 18.54 ? 87  MET A C   1 
ATOM   717 O O   . MET A 1 87 ? 7.080   13.599  6.096   1.00 17.32 ? 87  MET A O   1 
ATOM   718 C CB  . MET A 1 87 ? 6.056   10.746  7.084   1.00 20.62 ? 87  MET A CB  1 
ATOM   719 C CG  . MET A 1 87 ? 5.007   9.897   7.775   1.00 22.24 ? 87  MET A CG  1 
ATOM   720 S SD  . MET A 1 87 ? 4.865   8.214   7.130   1.00 26.46 ? 87  MET A SD  1 
ATOM   721 C CE  . MET A 1 87 ? 4.139   8.588   5.537   1.00 22.61 ? 87  MET A CE  1 
ATOM   722 N N   . ALA A 1 88 ? 8.553   12.769  7.586   1.00 19.42 ? 88  ALA A N   1 
ATOM   723 C CA  . ALA A 1 88 ? 9.731   13.476  7.106   1.00 19.40 ? 88  ALA A CA  1 
ATOM   724 C C   . ALA A 1 88 ? 10.150  12.967  5.720   1.00 20.51 ? 88  ALA A C   1 
ATOM   725 O O   . ALA A 1 88 ? 10.709  13.716  4.934   1.00 19.63 ? 88  ALA A O   1 
ATOM   726 C CB  . ALA A 1 88 ? 10.842  13.316  8.121   1.00 20.59 ? 88  ALA A CB  1 
ATOM   727 N N   . GLU A 1 89 ? 9.914   11.678  5.438   1.00 20.68 ? 89  GLU A N   1 
ATOM   728 C CA  . GLU A 1 89 ? 10.191  11.101  4.127   1.00 21.80 ? 89  GLU A CA  1 
ATOM   729 C C   . GLU A 1 89 ? 9.132   10.049  3.811   1.00 20.54 ? 89  GLU A C   1 
ATOM   730 O O   . GLU A 1 89 ? 8.460   9.552   4.706   1.00 19.76 ? 89  GLU A O   1 
ATOM   731 C CB  . GLU A 1 89 ? 11.586  10.471  4.091   1.00 23.87 ? 89  GLU A CB  1 
ATOM   732 C CG  . GLU A 1 89 ? 11.717  9.228   4.951   1.00 26.21 ? 89  GLU A CG  1 
ATOM   733 C CD  . GLU A 1 89 ? 13.088  8.567   4.924   1.00 28.72 ? 89  GLU A CD  1 
ATOM   734 O OE1 . GLU A 1 89 ? 13.983  9.071   4.210   1.00 30.12 ? 89  GLU A OE1 1 
ATOM   735 O OE2 . GLU A 1 89 ? 13.239  7.533   5.592   1.00 29.11 ? 89  GLU A OE2 1 
ATOM   736 N N   . PRO A 1 90 ? 8.963   9.631   2.541   1.00 21.12 ? 90  PRO A N   1 
ATOM   737 C CA  . PRO A 1 90 ? 7.995   8.587   2.225   1.00 21.77 ? 90  PRO A CA  1 
ATOM   738 C C   . PRO A 1 90 ? 8.377   7.300   2.970   1.00 22.15 ? 90  PRO A C   1 
ATOM   739 O O   . PRO A 1 90 ? 9.556   7.051   3.185   1.00 21.91 ? 90  PRO A O   1 
ATOM   740 C CB  . PRO A 1 90 ? 8.087   8.452   0.704   1.00 21.77 ? 90  PRO A CB  1 
ATOM   741 C CG  . PRO A 1 90 ? 8.635   9.790   0.269   1.00 22.23 ? 90  PRO A CG  1 
ATOM   742 C CD  . PRO A 1 90 ? 9.655   10.126  1.340   1.00 22.45 ? 90  PRO A CD  1 
ATOM   743 N N   . LYS A 1 91 ? 7.354   6.570   3.415   1.00 21.98 ? 91  LYS A N   1 
ATOM   744 C CA  A LYS A 1 91 ? 7.505   5.307   4.127   0.50 22.56 ? 91  LYS A CA  1 
ATOM   745 C CA  B LYS A 1 91 ? 7.508   5.306   4.128   0.50 23.00 ? 91  LYS A CA  1 
ATOM   746 C C   . LYS A 1 91 ? 7.265   4.150   3.148   1.00 22.33 ? 91  LYS A C   1 
ATOM   747 O O   . LYS A 1 91 ? 6.215   4.070   2.540   1.00 19.84 ? 91  LYS A O   1 
ATOM   748 C CB  A LYS A 1 91 ? 6.507   5.252   5.284   0.50 22.99 ? 91  LYS A CB  1 
ATOM   749 C CB  B LYS A 1 91 ? 6.514   5.250   5.289   0.50 24.03 ? 91  LYS A CB  1 
ATOM   750 C CG  A LYS A 1 91 ? 6.455   3.945   6.067   0.50 23.34 ? 91  LYS A CG  1 
ATOM   751 C CG  B LYS A 1 91 ? 6.654   4.065   6.239   0.50 25.01 ? 91  LYS A CG  1 
ATOM   752 C CD  A LYS A 1 91 ? 7.773   3.551   6.702   0.50 23.75 ? 91  LYS A CD  1 
ATOM   753 C CD  B LYS A 1 91 ? 5.808   4.212   7.493   0.50 26.05 ? 91  LYS A CD  1 
ATOM   754 C CE  A LYS A 1 91 ? 7.596   2.531   7.805   0.50 24.16 ? 91  LYS A CE  1 
ATOM   755 C CE  B LYS A 1 91 ? 5.730   2.952   8.327   0.50 26.90 ? 91  LYS A CE  1 
ATOM   756 N NZ  A LYS A 1 91 ? 8.833   2.368   8.602   0.50 24.83 ? 91  LYS A NZ  1 
ATOM   757 N NZ  B LYS A 1 91 ? 4.478   2.888   9.120   0.50 27.12 ? 91  LYS A NZ  1 
ATOM   758 N N   . THR A 1 92 ? 8.249   3.257   3.020   1.00 24.05 ? 92  THR A N   1 
ATOM   759 C CA  . THR A 1 92 ? 8.092   2.030   2.213   1.00 23.03 ? 92  THR A CA  1 
ATOM   760 C C   . THR A 1 92 ? 7.814   0.842   3.145   1.00 22.39 ? 92  THR A C   1 
ATOM   761 O O   . THR A 1 92 ? 8.614   0.539   4.022   1.00 24.77 ? 92  THR A O   1 
ATOM   762 C CB  . THR A 1 92 ? 9.311   1.781   1.320   1.00 23.23 ? 92  THR A CB  1 
ATOM   763 O OG1 . THR A 1 92 ? 9.501   2.931   0.501   1.00 22.65 ? 92  THR A OG1 1 
ATOM   764 C CG2 . THR A 1 92 ? 9.156   0.550   0.450   1.00 23.15 ? 92  THR A CG2 1 
ATOM   765 N N   . VAL A 1 93 ? 6.664   0.180   2.957   1.00 19.43 ? 93  VAL A N   1 
ATOM   766 C CA  . VAL A 1 93 ? 6.292   -0.998  3.708   1.00 18.85 ? 93  VAL A CA  1 
ATOM   767 C C   . VAL A 1 93 ? 6.315   -2.188  2.743   1.00 19.11 ? 93  VAL A C   1 
ATOM   768 O O   . VAL A 1 93 ? 5.590   -2.212  1.770   1.00 17.62 ? 93  VAL A O   1 
ATOM   769 C CB  . VAL A 1 93 ? 4.908   -0.835  4.372   1.00 19.00 ? 93  VAL A CB  1 
ATOM   770 C CG1 . VAL A 1 93 ? 4.423   -2.114  5.035   1.00 19.06 ? 93  VAL A CG1 1 
ATOM   771 C CG2 . VAL A 1 93 ? 4.905   0.321   5.363   1.00 20.24 ? 93  VAL A CG2 1 
ATOM   772 N N   . TYR A 1 94 ? 7.136   -3.189  3.064   1.00 19.53 ? 94  TYR A N   1 
ATOM   773 C CA  . TYR A 1 94 ? 7.295   -4.364  2.206   1.00 19.86 ? 94  TYR A CA  1 
ATOM   774 C C   . TYR A 1 94 ? 6.175   -5.358  2.486   1.00 19.14 ? 94  TYR A C   1 
ATOM   775 O O   . TYR A 1 94 ? 5.802   -5.559  3.637   1.00 16.88 ? 94  TYR A O   1 
ATOM   776 C CB  . TYR A 1 94 ? 8.668   -4.993  2.434   1.00 22.54 ? 94  TYR A CB  1 
ATOM   777 C CG  . TYR A 1 94 ? 9.757   -4.261  1.708   1.00 24.27 ? 94  TYR A CG  1 
ATOM   778 C CD1 . TYR A 1 94 ? 10.033  -4.553  0.384   1.00 26.00 ? 94  TYR A CD1 1 
ATOM   779 C CD2 . TYR A 1 94 ? 10.457  -3.231  2.317   1.00 26.19 ? 94  TYR A CD2 1 
ATOM   780 C CE1 . TYR A 1 94 ? 11.001  -3.853  -0.319  1.00 26.59 ? 94  TYR A CE1 1 
ATOM   781 C CE2 . TYR A 1 94 ? 11.425  -2.521  1.628   1.00 27.88 ? 94  TYR A CE2 1 
ATOM   782 C CZ  . TYR A 1 94 ? 11.708  -2.849  0.314   1.00 27.75 ? 94  TYR A CZ  1 
ATOM   783 O OH  . TYR A 1 94 ? 12.663  -2.165  -0.377  1.00 33.73 ? 94  TYR A OH  1 
ATOM   784 N N   . TRP A 1 95 ? 5.668   -5.983  1.421   1.00 17.33 ? 95  TRP A N   1 
ATOM   785 C CA  . TRP A 1 95 ? 4.881   -7.163  1.545   1.00 18.66 ? 95  TRP A CA  1 
ATOM   786 C C   . TRP A 1 95 ? 5.740   -8.242  2.204   1.00 19.78 ? 95  TRP A C   1 
ATOM   787 O O   . TRP A 1 95 ? 6.780   -8.584  1.669   1.00 19.23 ? 95  TRP A O   1 
ATOM   788 C CB  . TRP A 1 95 ? 4.398   -7.636  0.183   1.00 18.40 ? 95  TRP A CB  1 
ATOM   789 C CG  . TRP A 1 95 ? 3.538   -8.856  0.236   1.00 19.23 ? 95  TRP A CG  1 
ATOM   790 C CD1 . TRP A 1 95 ? 2.453   -9.071  1.037   1.00 19.43 ? 95  TRP A CD1 1 
ATOM   791 C CD2 . TRP A 1 95 ? 3.647   -10.009 -0.610  1.00 19.19 ? 95  TRP A CD2 1 
ATOM   792 N NE1 . TRP A 1 95 ? 1.901   -10.288 0.764   1.00 19.87 ? 95  TRP A NE1 1 
ATOM   793 C CE2 . TRP A 1 95 ? 2.599   -10.883 -0.252  1.00 19.94 ? 95  TRP A CE2 1 
ATOM   794 C CE3 . TRP A 1 95 ? 4.524   -10.386 -1.627  1.00 20.17 ? 95  TRP A CE3 1 
ATOM   795 C CZ2 . TRP A 1 95 ? 2.415   -12.118 -0.867  1.00 20.13 ? 95  TRP A CZ2 1 
ATOM   796 C CZ3 . TRP A 1 95 ? 4.335   -11.604 -2.244  1.00 20.44 ? 95  TRP A CZ3 1 
ATOM   797 C CH2 . TRP A 1 95 ? 3.303   -12.459 -1.859  1.00 20.08 ? 95  TRP A CH2 1 
ATOM   798 N N   . ASP A 1 96 ? 5.260   -8.762  3.334   1.00 20.62 ? 96  ASP A N   1 
ATOM   799 C CA  . ASP A 1 96 ? 6.008   -9.663  4.188   1.00 22.86 ? 96  ASP A CA  1 
ATOM   800 C C   . ASP A 1 96 ? 5.452   -11.073 4.007   1.00 22.95 ? 96  ASP A C   1 
ATOM   801 O O   . ASP A 1 96 ? 4.365   -11.357 4.441   1.00 22.26 ? 96  ASP A O   1 
ATOM   802 C CB  . ASP A 1 96 ? 5.884   -9.213  5.644   1.00 25.57 ? 96  ASP A CB  1 
ATOM   803 C CG  . ASP A 1 96 ? 6.436   -10.209 6.648   1.00 28.00 ? 96  ASP A CG  1 
ATOM   804 O OD1 . ASP A 1 96 ? 7.222   -11.096 6.230   1.00 25.85 ? 96  ASP A OD1 1 
ATOM   805 O OD2 . ASP A 1 96 ? 6.036   -10.108 7.829   1.00 30.28 ? 96  ASP A OD2 1 
ATOM   806 N N   . ARG A 1 97 ? 6.230   -11.921 3.353   1.00 23.69 ? 97  ARG A N   1 
ATOM   807 C CA  . ARG A 1 97 ? 5.832   -13.318 3.056   1.00 26.67 ? 97  ARG A CA  1 
ATOM   808 C C   . ARG A 1 97 ? 5.877   -14.180 4.323   1.00 26.85 ? 97  ARG A C   1 
ATOM   809 O O   . ARG A 1 97 ? 5.389   -15.283 4.285   1.00 28.21 ? 97  ARG A O   1 
ATOM   810 C CB  . ARG A 1 97 ? 6.716   -13.871 1.941   1.00 28.05 ? 97  ARG A CB  1 
ATOM   811 C CG  . ARG A 1 97 ? 6.817   -12.946 0.736   1.00 30.03 ? 97  ARG A CG  1 
ATOM   812 C CD  . ARG A 1 97 ? 6.772   -13.673 -0.581  1.00 29.41 ? 97  ARG A CD  1 
ATOM   813 N NE  . ARG A 1 97 ? 6.080   -14.926 -0.734  1.00 29.39 ? 97  ARG A NE  1 
ATOM   814 C CZ  . ARG A 1 97 ? 6.201   -15.676 -1.824  1.00 31.65 ? 97  ARG A CZ  1 
ATOM   815 N NH1 . ARG A 1 97 ? 6.968   -15.270 -2.800  1.00 29.64 ? 97  ARG A NH1 1 
ATOM   816 N NH2 . ARG A 1 97 ? 5.547   -16.804 -1.954  1.00 34.20 ? 97  ARG A NH2 1 
ATOM   817 N N   . ASP A 1 98 ? 6.451   -13.663 5.397   1.00 24.95 ? 98  ASP A N   1 
ATOM   818 C CA  . ASP A 1 98 ? 6.509   -14.427 6.666   1.00 27.34 ? 98  ASP A CA  1 
ATOM   819 C C   . ASP A 1 98 ? 5.226   -14.166 7.478   1.00 31.55 ? 98  ASP A C   1 
ATOM   820 O O   . ASP A 1 98 ? 5.037   -14.823 8.467   1.00 30.53 ? 98  ASP A O   1 
ATOM   821 C CB  . ASP A 1 98 ? 7.791   -14.124 7.433   1.00 25.55 ? 98  ASP A CB  1 
ATOM   822 C CG  . ASP A 1 98 ? 9.081   -14.465 6.703   1.00 24.97 ? 98  ASP A CG  1 
ATOM   823 O OD1 . ASP A 1 98 ? 9.096   -15.401 5.946   1.00 21.03 ? 98  ASP A OD1 1 
ATOM   824 O OD2 . ASP A 1 98 ? 10.054  -13.785 6.952   1.00 26.97 ? 98  ASP A OD2 1 
ATOM   825 N N   . MET A 1 99 ? 4.453   -13.166 7.044   1.00 36.61 ? 101 MET A N   1 
ATOM   826 C CA  . MET A 1 99 ? 2.987   -12.953 7.213   1.00 35.50 ? 101 MET A CA  1 
ATOM   827 C C   . MET A 1 99 ? 2.297   -14.214 7.710   1.00 34.65 ? 101 MET A C   1 
ATOM   828 O O   . MET A 1 99 ? 2.140   -14.344 8.918   1.00 33.82 ? 101 MET A O   1 
ATOM   829 C CB  . MET A 1 99 ? 2.324   -12.562 5.883   1.00 34.31 ? 101 MET A CB  1 
ATOM   830 C CG  . MET A 1 99 ? 0.899   -12.060 6.029   1.00 33.65 ? 101 MET A CG  1 
ATOM   831 S SD  . MET A 1 99 ? 0.572   -10.384 5.393   1.00 30.48 ? 101 MET A SD  1 
ATOM   832 C CE  . MET A 1 99 ? -1.151  -10.208 5.806   1.00 31.28 ? 101 MET A CE  1 
ATOM   833 O OXT . MET A 1 99 ? 1.912   -14.993 6.880   1.00 32.56 ? 101 MET A OXT 1 
HETATM 834 O O2  . PGE B 2 .  ? 16.491  -10.114 -8.858  1.00 40.74 ? 201 PGE A O2  1 
HETATM 835 C C3  . PGE B 2 .  ? 15.465  -9.403  -8.178  1.00 40.54 ? 201 PGE A C3  1 
HETATM 836 C C4  . PGE B 2 .  ? 14.222  -9.483  -9.033  1.00 37.98 ? 201 PGE A C4  1 
HETATM 837 C C5  . PGE B 2 .  ? 12.621  -11.138 -9.769  1.00 37.05 ? 201 PGE A C5  1 
HETATM 838 O O3  . PGE B 2 .  ? 13.701  -10.801 -8.906  1.00 36.24 ? 201 PGE A O3  1 
HETATM 839 O O   . HOH C 3 .  ? 4.499   -18.610 -1.149  1.00 32.10 ? 301 HOH A O   1 
HETATM 840 O O   . HOH C 3 .  ? 0.304   2.757   -10.582 1.00 31.62 ? 302 HOH A O   1 
HETATM 841 O O   . HOH C 3 .  ? 1.715   -2.990  8.163   1.00 29.17 ? 303 HOH A O   1 
HETATM 842 O O   . HOH C 3 .  ? 3.751   -8.902  -10.634 1.00 30.65 ? 304 HOH A O   1 
HETATM 843 O O   . HOH C 3 .  ? 6.345   -11.394 -8.756  1.00 31.48 ? 305 HOH A O   1 
HETATM 844 O O   . HOH C 3 .  ? -2.466  7.877   12.759  1.00 37.38 ? 306 HOH A O   1 
HETATM 845 O O   . HOH C 3 .  ? 11.026  10.454  -2.846  1.00 43.96 ? 307 HOH A O   1 
HETATM 846 O O   . HOH C 3 .  ? -4.690  17.939  9.152   1.00 32.78 ? 308 HOH A O   1 
HETATM 847 O O   . HOH C 3 .  ? 10.311  5.285   0.805   1.00 40.46 ? 309 HOH A O   1 
HETATM 848 O O   . HOH C 3 .  ? 2.708   11.743  -7.676  1.00 33.49 ? 310 HOH A O   1 
HETATM 849 O O   . HOH C 3 .  ? -6.626  -1.218  9.953   1.00 26.79 ? 311 HOH A O   1 
HETATM 850 O O   . HOH C 3 .  ? -9.061  7.829   -4.825  1.00 32.06 ? 312 HOH A O   1 
HETATM 851 O O   . HOH C 3 .  ? 10.413  -15.317 3.706   1.00 22.36 ? 313 HOH A O   1 
HETATM 852 O O   . HOH C 3 .  ? 1.064   -19.328 1.136   1.00 33.63 ? 314 HOH A O   1 
HETATM 853 O O   . HOH C 3 .  ? 2.744   -7.892  4.455   1.00 22.14 ? 315 HOH A O   1 
HETATM 854 O O   . HOH C 3 .  ? 15.155  -2.659  -8.823  1.00 36.21 ? 316 HOH A O   1 
HETATM 855 O O   . HOH C 3 .  ? 3.948   14.918  1.989   1.00 34.98 ? 317 HOH A O   1 
HETATM 856 O O   . HOH C 3 .  ? 3.662   14.269  12.081  1.00 29.32 ? 318 HOH A O   1 
HETATM 857 O O   . HOH C 3 .  ? 8.764   -22.296 -5.468  1.00 35.77 ? 319 HOH A O   1 
HETATM 858 O O   . HOH C 3 .  ? 7.950   -11.218 -12.320 1.00 29.23 ? 320 HOH A O   1 
HETATM 859 O O   . HOH C 3 .  ? -0.088  15.096  3.568   1.00 24.48 ? 321 HOH A O   1 
HETATM 860 O O   . HOH C 3 .  ? 12.721  -13.896 7.064   1.00 39.06 ? 322 HOH A O   1 
HETATM 861 O O   . HOH C 3 .  ? 1.043   -14.976 -13.950 1.00 28.30 ? 323 HOH A O   1 
HETATM 862 O O   . HOH C 3 .  ? -6.190  1.397   10.968  1.00 29.88 ? 324 HOH A O   1 
HETATM 863 O O   . HOH C 3 .  ? 14.295  -6.893  -6.149  1.00 38.24 ? 325 HOH A O   1 
HETATM 864 O O   . HOH C 3 .  ? -8.557  -5.877  0.126   1.00 17.52 ? 326 HOH A O   1 
HETATM 865 O O   . HOH C 3 .  ? -10.867 9.830   17.015  1.00 49.16 ? 327 HOH A O   1 
HETATM 866 O O   . HOH C 3 .  ? -16.221 9.174   3.480   1.00 30.57 ? 328 HOH A O   1 
HETATM 867 O O   . HOH C 3 .  ? -4.483  -17.948 -8.799  1.00 31.10 ? 329 HOH A O   1 
HETATM 868 O O   . HOH C 3 .  ? 5.672   17.744  5.877   1.00 34.70 ? 330 HOH A O   1 
HETATM 869 O O   . HOH C 3 .  ? -9.764  -13.739 -6.348  1.00 28.13 ? 331 HOH A O   1 
HETATM 870 O O   . HOH C 3 .  ? -3.944  0.564   7.533   1.00 16.09 ? 332 HOH A O   1 
HETATM 871 O O   . HOH C 3 .  ? 4.609   7.296   -2.682  1.00 28.56 ? 333 HOH A O   1 
HETATM 872 O O   . HOH C 3 .  ? 3.259   14.452  -1.566  1.00 42.59 ? 334 HOH A O   1 
HETATM 873 O O   . HOH C 3 .  ? 8.743   7.734   6.803   1.00 27.84 ? 335 HOH A O   1 
HETATM 874 O O   . HOH C 3 .  ? -7.638  -10.560 -11.859 1.00 31.44 ? 336 HOH A O   1 
HETATM 875 O O   . HOH C 3 .  ? 1.582   2.468   -7.849  1.00 19.82 ? 337 HOH A O   1 
HETATM 876 O O   . HOH C 3 .  ? -0.179  -10.917 2.570   1.00 35.89 ? 338 HOH A O   1 
HETATM 877 O O   . HOH C 3 .  ? -12.040 9.926   -3.401  1.00 27.67 ? 339 HOH A O   1 
HETATM 878 O O   . HOH C 3 .  ? -8.966  13.553  16.324  1.00 38.18 ? 340 HOH A O   1 
HETATM 879 O O   . HOH C 3 .  ? -8.019  3.817   -9.652  1.00 33.89 ? 341 HOH A O   1 
HETATM 880 O O   . HOH C 3 .  ? -4.531  -16.024 -5.547  1.00 32.19 ? 342 HOH A O   1 
HETATM 881 O O   . HOH C 3 .  ? -3.946  -11.298 3.675   1.00 20.44 ? 343 HOH A O   1 
HETATM 882 O O   . HOH C 3 .  ? -0.622  -11.462 -12.324 1.00 29.76 ? 344 HOH A O   1 
HETATM 883 O O   . HOH C 3 .  ? 1.616   12.843  13.285  1.00 33.33 ? 345 HOH A O   1 
HETATM 884 O O   . HOH C 3 .  ? -7.730  8.013   13.326  1.00 49.94 ? 346 HOH A O   1 
HETATM 885 O O   . HOH C 3 .  ? 10.570  3.616   4.654   1.00 31.21 ? 347 HOH A O   1 
HETATM 886 O O   . HOH C 3 .  ? -0.501  -16.516 -5.131  1.00 15.13 ? 348 HOH A O   1 
HETATM 887 O O   . HOH C 3 .  ? 7.070   -12.243 -5.158  1.00 25.28 ? 349 HOH A O   1 
HETATM 888 O O   . HOH C 3 .  ? 1.891   1.238   9.420   1.00 29.92 ? 350 HOH A O   1 
HETATM 889 O O   . HOH C 3 .  ? 1.521   -4.823  6.336   1.00 17.83 ? 351 HOH A O   1 
HETATM 890 O O   . HOH C 3 .  ? 10.785  4.496   8.579   1.00 48.08 ? 352 HOH A O   1 
HETATM 891 O O   . HOH C 3 .  ? -9.235  -3.690  3.536   1.00 15.37 ? 353 HOH A O   1 
HETATM 892 O O   . HOH C 3 .  ? -0.494  10.163  14.176  1.00 30.48 ? 354 HOH A O   1 
HETATM 893 O O   . HOH C 3 .  ? -14.219 3.256   -4.171  1.00 27.58 ? 355 HOH A O   1 
HETATM 894 O O   . HOH C 3 .  ? 5.007   -20.578 -3.082  1.00 19.51 ? 356 HOH A O   1 
HETATM 895 O O   . HOH C 3 .  ? 11.493  0.004   3.971   1.00 44.20 ? 357 HOH A O   1 
HETATM 896 O O   . HOH C 3 .  ? -8.992  5.928   8.755   1.00 21.13 ? 358 HOH A O   1 
HETATM 897 O O   . HOH C 3 .  ? -7.982  -8.433  -2.436  1.00 16.68 ? 359 HOH A O   1 
HETATM 898 O O   . HOH C 3 .  ? 8.108   -8.688  -0.961  1.00 24.05 ? 360 HOH A O   1 
HETATM 899 O O   . HOH C 3 .  ? -15.749 8.529   -0.989  1.00 39.45 ? 361 HOH A O   1 
HETATM 900 O O   . HOH C 3 .  ? -3.942  -4.869  -11.791 1.00 30.16 ? 362 HOH A O   1 
HETATM 901 O O   . HOH C 3 .  ? -4.351  14.965  16.268  1.00 62.58 ? 363 HOH A O   1 
HETATM 902 O O   . HOH C 3 .  ? 2.417   -15.407 3.842   1.00 40.81 ? 364 HOH A O   1 
HETATM 903 O O   . HOH C 3 .  ? 8.571   -3.090  5.710   1.00 29.23 ? 365 HOH A O   1 
HETATM 904 O O   . HOH C 3 .  ? -1.806  8.252   -4.741  1.00 27.57 ? 366 HOH A O   1 
HETATM 905 O O   . HOH C 3 .  ? -1.884  -5.777  9.616   1.00 41.38 ? 367 HOH A O   1 
HETATM 906 O O   . HOH C 3 .  ? 6.231   11.323  3.446   1.00 27.45 ? 368 HOH A O   1 
HETATM 907 O O   . HOH C 3 .  ? 9.493   -3.400  -4.170  1.00 17.43 ? 369 HOH A O   1 
HETATM 908 O O   . HOH C 3 .  ? -9.588  -1.007  9.498   1.00 17.85 ? 370 HOH A O   1 
HETATM 909 O O   . HOH C 3 .  ? 10.764  5.792   6.205   1.00 29.84 ? 371 HOH A O   1 
HETATM 910 O O   . HOH C 3 .  ? 3.305   -0.464  8.721   1.00 54.23 ? 372 HOH A O   1 
HETATM 911 O O   . HOH C 3 .  ? -2.830  -17.950 -4.595  1.00 36.71 ? 373 HOH A O   1 
HETATM 912 O O   . HOH C 3 .  ? -9.688  6.074   -8.875  1.00 49.13 ? 374 HOH A O   1 
HETATM 913 O O   . HOH C 3 .  ? -5.246  8.101   14.387  1.00 46.19 ? 375 HOH A O   1 
HETATM 914 O O   . HOH C 3 .  ? 5.487   -12.717 -12.226 1.00 31.93 ? 376 HOH A O   1 
HETATM 915 O O   . HOH C 3 .  ? 7.272   13.360  2.814   1.00 40.94 ? 377 HOH A O   1 
HETATM 916 O O   . HOH C 3 .  ? -9.080  -5.976  -3.809  1.00 35.85 ? 378 HOH A O   1 
HETATM 917 O O   . HOH C 3 .  ? 6.896   -21.086 -9.313  1.00 32.98 ? 379 HOH A O   1 
HETATM 918 O O   . HOH C 3 .  ? -8.480  -8.718  -0.147  1.00 21.90 ? 380 HOH A O   1 
HETATM 919 O O   . HOH C 3 .  ? -2.517  19.103  2.393   1.00 19.48 ? 381 HOH A O   1 
HETATM 920 O O   . HOH C 3 .  ? 8.674   -7.078  5.578   1.00 52.53 ? 382 HOH A O   1 
HETATM 921 O O   . HOH C 3 .  ? 12.957  1.091   1.627   1.00 40.05 ? 383 HOH A O   1 
HETATM 922 O O   . HOH C 3 .  ? -18.314 7.121   4.452   1.00 46.52 ? 384 HOH A O   1 
HETATM 923 O O   . HOH C 3 .  ? -1.387  20.081  0.128   1.00 38.47 ? 385 HOH A O   1 
HETATM 924 O O   . HOH C 3 .  ? -11.089 -5.086  -0.356  1.00 24.79 ? 386 HOH A O   1 
HETATM 925 O O   . HOH C 3 .  ? -2.810  -25.648 -0.203  1.00 54.74 ? 387 HOH A O   1 
# 
